data_5KHG
# 
_entry.id   5KHG 
# 
_audit_conform.dict_name       mmcif_pdbx.dic 
_audit_conform.dict_version    5.379 
_audit_conform.dict_location   http://mmcif.pdb.org/dictionaries/ascii/mmcif_pdbx.dic 
# 
loop_
_database_2.database_id 
_database_2.database_code 
_database_2.pdbx_database_accession 
_database_2.pdbx_DOI 
PDB   5KHG         pdb_00005khg 10.2210/pdb5khg/pdb 
WWPDB D_1000222226 ?            ?                   
# 
loop_
_pdbx_database_related.db_name 
_pdbx_database_related.details 
_pdbx_database_related.db_id 
_pdbx_database_related.content_type 
PDB . 5KHH unspecified 
PDB . 5KHI unspecified 
PDB . 5KHJ unspecified 
PDB . 5KHK unspecified 
# 
_pdbx_database_status.status_code                     REL 
_pdbx_database_status.status_code_sf                  REL 
_pdbx_database_status.status_code_mr                  ? 
_pdbx_database_status.entry_id                        5KHG 
_pdbx_database_status.recvd_initial_deposition_date   2016-06-14 
_pdbx_database_status.SG_entry                        N 
_pdbx_database_status.deposit_site                    RCSB 
_pdbx_database_status.process_site                    RCSB 
_pdbx_database_status.status_code_cs                  ? 
_pdbx_database_status.methods_development_category    ? 
_pdbx_database_status.pdb_format_compatible           Y 
_pdbx_database_status.status_code_nmr_data            ? 
# 
loop_
_audit_author.name 
_audit_author.pdbx_ordinal 
'Ng, L.C.T.'      1 
'Putrenko, I.'    2 
'Baronas, V.'     3 
'Van Petegem, F.' 4 
'Accili, E.A.'    5 
# 
_citation.abstract                  ? 
_citation.abstract_id_CAS           ? 
_citation.book_id_ISBN              ? 
_citation.book_publisher            ? 
_citation.book_publisher_city       ? 
_citation.book_title                ? 
_citation.coordinate_linkage        ? 
_citation.country                   UK 
_citation.database_id_Medline       ? 
_citation.details                   ? 
_citation.id                        primary 
_citation.journal_abbrev            Structure 
_citation.journal_id_ASTM           STRUE6 
_citation.journal_id_CSD            2005 
_citation.journal_id_ISSN           0969-2126 
_citation.journal_full              ? 
_citation.journal_issue             ? 
_citation.journal_volume            24 
_citation.language                  ? 
_citation.page_first                1629 
_citation.page_last                 1642 
_citation.title                     
;Cyclic Purine and Pyrimidine Nucleotides Bind to the HCN2 Ion Channel and Variably Promote C-Terminal Domain Interactions and Opening.
;
_citation.year                      2016 
_citation.database_id_CSD           ? 
_citation.pdbx_database_id_DOI      10.1016/j.str.2016.06.024 
_citation.pdbx_database_id_PubMed   27568927 
_citation.unpublished_flag          ? 
# 
loop_
_citation_author.citation_id 
_citation_author.name 
_citation_author.ordinal 
_citation_author.identifier_ORCID 
primary 'Ng, L.C.'        1 ? 
primary 'Putrenko, I.'    2 ? 
primary 'Baronas, V.'     3 ? 
primary 'Van Petegem, F.' 4 ? 
primary 'Accili, E.A.'    5 ? 
# 
_cell.length_a           96.204 
_cell.length_b           96.204 
_cell.length_c           46.680 
_cell.angle_alpha        90.000 
_cell.angle_beta         90.000 
_cell.angle_gamma        90.000 
_cell.entry_id           5KHG 
_cell.Z_PDB              8 
_cell.pdbx_unique_axis   ? 
# 
_symmetry.space_group_name_H-M             'P 4 21 2' 
_symmetry.entry_id                         5KHG 
_symmetry.Int_Tables_number                90 
_symmetry.pdbx_full_space_group_name_H-M   ? 
_symmetry.cell_setting                     ? 
# 
loop_
_entity.id 
_entity.type 
_entity.src_method 
_entity.pdbx_description 
_entity.formula_weight 
_entity.pdbx_number_of_molecules 
_entity.pdbx_ec 
_entity.pdbx_mutation 
_entity.pdbx_fragment 
_entity.details 
1 polymer     man 'Potassium/sodium hyperpolarization-activated cyclic nucleotide-gated channel 2' 23883.330 1  ? ? 
'UNP residues 443-643' ? 
2 non-polymer syn 
'4-amino-1-[(2S,4aR,6R,7R,7aS)-2,7-dihydroxy-2-oxidotetrahydro-4H-furo[3,2-d][1,3,2]dioxaphosphinin-6-yl]pyrimidin-2(1H)-one' 
305.181   1  ? ? ?                      ? 
3 water       nat water 18.015    26 ? ? ?                      ? 
# 
_entity_name_com.entity_id   1 
_entity_name_com.name        'Brain cyclic nucleotide-gated channel 2,BCNG-2,Hyperpolarization-activated cation channel 1,HAC-1' 
# 
_entity_poly.entity_id                      1 
_entity_poly.type                           'polypeptide(L)' 
_entity_poly.nstd_linkage                   no 
_entity_poly.nstd_monomer                   yes 
_entity_poly.pdbx_seq_one_letter_code       
;SNADSSRRQYQEKYKQVEQYMSFHKLPADFRQKIHDYYEHRYQGKMFDEDSILGELNGPLREEIVNFN(CSX)RKLVASM
PLFANADPNFVTAMLTKLKFEVFQPGDYIIREGTIGKKMYFIQHGVVSVLTKGNKEMKLSDGSYFGEICLLTRGRRTASV
RADTYCRLYSLSVDNFNEVLEEYPMMRRAFETVAIDRLDRIGKKNSIL
;
_entity_poly.pdbx_seq_one_letter_code_can   
;SNADSSRRQYQEKYKQVEQYMSFHKLPADFRQKIHDYYEHRYQGKMFDEDSILGELNGPLREEIVNFNCRKLVASMPLFA
NADPNFVTAMLTKLKFEVFQPGDYIIREGTIGKKMYFIQHGVVSVLTKGNKEMKLSDGSYFGEICLLTRGRRTASVRADT
YCRLYSLSVDNFNEVLEEYPMMRRAFETVAIDRLDRIGKKNSIL
;
_entity_poly.pdbx_strand_id                 A 
_entity_poly.pdbx_target_identifier         ? 
# 
loop_
_entity_poly_seq.entity_id 
_entity_poly_seq.num 
_entity_poly_seq.mon_id 
_entity_poly_seq.hetero 
1 1   SER n 
1 2   ASN n 
1 3   ALA n 
1 4   ASP n 
1 5   SER n 
1 6   SER n 
1 7   ARG n 
1 8   ARG n 
1 9   GLN n 
1 10  TYR n 
1 11  GLN n 
1 12  GLU n 
1 13  LYS n 
1 14  TYR n 
1 15  LYS n 
1 16  GLN n 
1 17  VAL n 
1 18  GLU n 
1 19  GLN n 
1 20  TYR n 
1 21  MET n 
1 22  SER n 
1 23  PHE n 
1 24  HIS n 
1 25  LYS n 
1 26  LEU n 
1 27  PRO n 
1 28  ALA n 
1 29  ASP n 
1 30  PHE n 
1 31  ARG n 
1 32  GLN n 
1 33  LYS n 
1 34  ILE n 
1 35  HIS n 
1 36  ASP n 
1 37  TYR n 
1 38  TYR n 
1 39  GLU n 
1 40  HIS n 
1 41  ARG n 
1 42  TYR n 
1 43  GLN n 
1 44  GLY n 
1 45  LYS n 
1 46  MET n 
1 47  PHE n 
1 48  ASP n 
1 49  GLU n 
1 50  ASP n 
1 51  SER n 
1 52  ILE n 
1 53  LEU n 
1 54  GLY n 
1 55  GLU n 
1 56  LEU n 
1 57  ASN n 
1 58  GLY n 
1 59  PRO n 
1 60  LEU n 
1 61  ARG n 
1 62  GLU n 
1 63  GLU n 
1 64  ILE n 
1 65  VAL n 
1 66  ASN n 
1 67  PHE n 
1 68  ASN n 
1 69  CSX n 
1 70  ARG n 
1 71  LYS n 
1 72  LEU n 
1 73  VAL n 
1 74  ALA n 
1 75  SER n 
1 76  MET n 
1 77  PRO n 
1 78  LEU n 
1 79  PHE n 
1 80  ALA n 
1 81  ASN n 
1 82  ALA n 
1 83  ASP n 
1 84  PRO n 
1 85  ASN n 
1 86  PHE n 
1 87  VAL n 
1 88  THR n 
1 89  ALA n 
1 90  MET n 
1 91  LEU n 
1 92  THR n 
1 93  LYS n 
1 94  LEU n 
1 95  LYS n 
1 96  PHE n 
1 97  GLU n 
1 98  VAL n 
1 99  PHE n 
1 100 GLN n 
1 101 PRO n 
1 102 GLY n 
1 103 ASP n 
1 104 TYR n 
1 105 ILE n 
1 106 ILE n 
1 107 ARG n 
1 108 GLU n 
1 109 GLY n 
1 110 THR n 
1 111 ILE n 
1 112 GLY n 
1 113 LYS n 
1 114 LYS n 
1 115 MET n 
1 116 TYR n 
1 117 PHE n 
1 118 ILE n 
1 119 GLN n 
1 120 HIS n 
1 121 GLY n 
1 122 VAL n 
1 123 VAL n 
1 124 SER n 
1 125 VAL n 
1 126 LEU n 
1 127 THR n 
1 128 LYS n 
1 129 GLY n 
1 130 ASN n 
1 131 LYS n 
1 132 GLU n 
1 133 MET n 
1 134 LYS n 
1 135 LEU n 
1 136 SER n 
1 137 ASP n 
1 138 GLY n 
1 139 SER n 
1 140 TYR n 
1 141 PHE n 
1 142 GLY n 
1 143 GLU n 
1 144 ILE n 
1 145 CYS n 
1 146 LEU n 
1 147 LEU n 
1 148 THR n 
1 149 ARG n 
1 150 GLY n 
1 151 ARG n 
1 152 ARG n 
1 153 THR n 
1 154 ALA n 
1 155 SER n 
1 156 VAL n 
1 157 ARG n 
1 158 ALA n 
1 159 ASP n 
1 160 THR n 
1 161 TYR n 
1 162 CYS n 
1 163 ARG n 
1 164 LEU n 
1 165 TYR n 
1 166 SER n 
1 167 LEU n 
1 168 SER n 
1 169 VAL n 
1 170 ASP n 
1 171 ASN n 
1 172 PHE n 
1 173 ASN n 
1 174 GLU n 
1 175 VAL n 
1 176 LEU n 
1 177 GLU n 
1 178 GLU n 
1 179 TYR n 
1 180 PRO n 
1 181 MET n 
1 182 MET n 
1 183 ARG n 
1 184 ARG n 
1 185 ALA n 
1 186 PHE n 
1 187 GLU n 
1 188 THR n 
1 189 VAL n 
1 190 ALA n 
1 191 ILE n 
1 192 ASP n 
1 193 ARG n 
1 194 LEU n 
1 195 ASP n 
1 196 ARG n 
1 197 ILE n 
1 198 GLY n 
1 199 LYS n 
1 200 LYS n 
1 201 ASN n 
1 202 SER n 
1 203 ILE n 
1 204 LEU n 
# 
_entity_src_gen.entity_id                          1 
_entity_src_gen.pdbx_src_id                        1 
_entity_src_gen.pdbx_alt_source_flag               sample 
_entity_src_gen.pdbx_seq_type                      'Biological sequence' 
_entity_src_gen.pdbx_beg_seq_num                   1 
_entity_src_gen.pdbx_end_seq_num                   204 
_entity_src_gen.gene_src_common_name               Mouse 
_entity_src_gen.gene_src_genus                     ? 
_entity_src_gen.pdbx_gene_src_gene                 'Hcn2, Bcng2, Hac1' 
_entity_src_gen.gene_src_species                   ? 
_entity_src_gen.gene_src_strain                    ? 
_entity_src_gen.gene_src_tissue                    ? 
_entity_src_gen.gene_src_tissue_fraction           ? 
_entity_src_gen.gene_src_details                   ? 
_entity_src_gen.pdbx_gene_src_fragment             ? 
_entity_src_gen.pdbx_gene_src_scientific_name      'Mus musculus' 
_entity_src_gen.pdbx_gene_src_ncbi_taxonomy_id     10090 
_entity_src_gen.pdbx_gene_src_variant              ? 
_entity_src_gen.pdbx_gene_src_cell_line            ? 
_entity_src_gen.pdbx_gene_src_atcc                 ? 
_entity_src_gen.pdbx_gene_src_organ                ? 
_entity_src_gen.pdbx_gene_src_organelle            ? 
_entity_src_gen.pdbx_gene_src_cell                 ? 
_entity_src_gen.pdbx_gene_src_cellular_location    ? 
_entity_src_gen.host_org_common_name               ? 
_entity_src_gen.pdbx_host_org_scientific_name      'Escherichia coli' 
_entity_src_gen.pdbx_host_org_ncbi_taxonomy_id     469008 
_entity_src_gen.host_org_genus                     ? 
_entity_src_gen.pdbx_host_org_gene                 ? 
_entity_src_gen.pdbx_host_org_organ                ? 
_entity_src_gen.host_org_species                   ? 
_entity_src_gen.pdbx_host_org_tissue               ? 
_entity_src_gen.pdbx_host_org_tissue_fraction      ? 
_entity_src_gen.pdbx_host_org_strain               'BL21(DE3)' 
_entity_src_gen.pdbx_host_org_variant              ? 
_entity_src_gen.pdbx_host_org_cell_line            ? 
_entity_src_gen.pdbx_host_org_atcc                 ? 
_entity_src_gen.pdbx_host_org_culture_collection   ? 
_entity_src_gen.pdbx_host_org_cell                 ? 
_entity_src_gen.pdbx_host_org_organelle            ? 
_entity_src_gen.pdbx_host_org_cellular_location    ? 
_entity_src_gen.pdbx_host_org_vector_type          plasimd 
_entity_src_gen.pdbx_host_org_vector               ? 
_entity_src_gen.host_org_details                   ? 
_entity_src_gen.expression_system_id               ? 
_entity_src_gen.plasmid_name                       pET28 
_entity_src_gen.plasmid_details                    ? 
_entity_src_gen.pdbx_description                   ? 
# 
_struct_ref.id                         1 
_struct_ref.db_name                    UNP 
_struct_ref.db_code                    HCN2_MOUSE 
_struct_ref.pdbx_db_accession          O88703 
_struct_ref.pdbx_db_isoform            ? 
_struct_ref.entity_id                  1 
_struct_ref.pdbx_seq_one_letter_code   
;DSSRRQYQEKYKQVEQYMSFHKLPADFRQKIHDYYEHRYQGKMFDEDSILGELNGPLREEIVNFNCRKLVASMPLFANAD
PNFVTAMLTKLKFEVFQPGDYIIREGTIGKKMYFIQHGVVSVLTKGNKEMKLSDGSYFGEICLLTRGRRTASVRADTYCR
LYSLSVDNFNEVLEEYPMMRRAFETVAIDRLDRIGKKNSIL
;
_struct_ref.pdbx_align_begin           443 
# 
_struct_ref_seq.align_id                      1 
_struct_ref_seq.ref_id                        1 
_struct_ref_seq.pdbx_PDB_id_code              5KHG 
_struct_ref_seq.pdbx_strand_id                A 
_struct_ref_seq.seq_align_beg                 4 
_struct_ref_seq.pdbx_seq_align_beg_ins_code   ? 
_struct_ref_seq.seq_align_end                 204 
_struct_ref_seq.pdbx_seq_align_end_ins_code   ? 
_struct_ref_seq.pdbx_db_accession             O88703 
_struct_ref_seq.db_align_beg                  443 
_struct_ref_seq.pdbx_db_align_beg_ins_code    ? 
_struct_ref_seq.db_align_end                  643 
_struct_ref_seq.pdbx_db_align_end_ins_code    ? 
_struct_ref_seq.pdbx_auth_seq_align_beg       443 
_struct_ref_seq.pdbx_auth_seq_align_end       643 
# 
loop_
_struct_ref_seq_dif.align_id 
_struct_ref_seq_dif.pdbx_pdb_id_code 
_struct_ref_seq_dif.mon_id 
_struct_ref_seq_dif.pdbx_pdb_strand_id 
_struct_ref_seq_dif.seq_num 
_struct_ref_seq_dif.pdbx_pdb_ins_code 
_struct_ref_seq_dif.pdbx_seq_db_name 
_struct_ref_seq_dif.pdbx_seq_db_accession_code 
_struct_ref_seq_dif.db_mon_id 
_struct_ref_seq_dif.pdbx_seq_db_seq_num 
_struct_ref_seq_dif.details 
_struct_ref_seq_dif.pdbx_auth_seq_num 
_struct_ref_seq_dif.pdbx_ordinal 
1 5KHG SER A 1 ? UNP O88703 ? ? 'expression tag' 440 1 
1 5KHG ASN A 2 ? UNP O88703 ? ? 'expression tag' 441 2 
1 5KHG ALA A 3 ? UNP O88703 ? ? 'expression tag' 442 3 
# 
loop_
_chem_comp.id 
_chem_comp.type 
_chem_comp.mon_nstd_flag 
_chem_comp.name 
_chem_comp.pdbx_synonyms 
_chem_comp.formula 
_chem_comp.formula_weight 
ALA 'L-peptide linking' y ALANINE ? 'C3 H7 N O2'     89.093  
ARG 'L-peptide linking' y ARGININE ? 'C6 H15 N4 O2 1' 175.209 
ASN 'L-peptide linking' y ASPARAGINE ? 'C4 H8 N2 O3'    132.118 
ASP 'L-peptide linking' y 'ASPARTIC ACID' ? 'C4 H7 N O4'     133.103 
CC7 non-polymer         . 
'4-amino-1-[(2S,4aR,6R,7R,7aS)-2,7-dihydroxy-2-oxidotetrahydro-4H-furo[3,2-d][1,3,2]dioxaphosphinin-6-yl]pyrimidin-2(1H)-one' ? 
'C9 H12 N3 O7 P' 305.181 
CSX 'L-peptide linking' n 'S-OXY CYSTEINE' ? 'C3 H7 N O3 S'   137.158 
CYS 'L-peptide linking' y CYSTEINE ? 'C3 H7 N O2 S'   121.158 
GLN 'L-peptide linking' y GLUTAMINE ? 'C5 H10 N2 O3'   146.144 
GLU 'L-peptide linking' y 'GLUTAMIC ACID' ? 'C5 H9 N O4'     147.129 
GLY 'peptide linking'   y GLYCINE ? 'C2 H5 N O2'     75.067  
HIS 'L-peptide linking' y HISTIDINE ? 'C6 H10 N3 O2 1' 156.162 
HOH non-polymer         . WATER ? 'H2 O'           18.015  
ILE 'L-peptide linking' y ISOLEUCINE ? 'C6 H13 N O2'    131.173 
LEU 'L-peptide linking' y LEUCINE ? 'C6 H13 N O2'    131.173 
LYS 'L-peptide linking' y LYSINE ? 'C6 H15 N2 O2 1' 147.195 
MET 'L-peptide linking' y METHIONINE ? 'C5 H11 N O2 S'  149.211 
PHE 'L-peptide linking' y PHENYLALANINE ? 'C9 H11 N O2'    165.189 
PRO 'L-peptide linking' y PROLINE ? 'C5 H9 N O2'     115.130 
SER 'L-peptide linking' y SERINE ? 'C3 H7 N O3'     105.093 
THR 'L-peptide linking' y THREONINE ? 'C4 H9 N O3'     119.119 
TYR 'L-peptide linking' y TYROSINE ? 'C9 H11 N O3'    181.189 
VAL 'L-peptide linking' y VALINE ? 'C5 H11 N O2'    117.146 
# 
_exptl.absorpt_coefficient_mu     ? 
_exptl.absorpt_correction_T_max   ? 
_exptl.absorpt_correction_T_min   ? 
_exptl.absorpt_correction_type    ? 
_exptl.absorpt_process_details    ? 
_exptl.entry_id                   5KHG 
_exptl.crystals_number            1 
_exptl.details                    ? 
_exptl.method                     'X-RAY DIFFRACTION' 
_exptl.method_details             ? 
# 
_exptl_crystal.colour                      ? 
_exptl_crystal.density_diffrn              ? 
_exptl_crystal.density_Matthews            2.29 
_exptl_crystal.density_method              ? 
_exptl_crystal.density_percent_sol         46.23 
_exptl_crystal.description                 ? 
_exptl_crystal.F_000                       ? 
_exptl_crystal.id                          1 
_exptl_crystal.preparation                 ? 
_exptl_crystal.size_max                    ? 
_exptl_crystal.size_mid                    ? 
_exptl_crystal.size_min                    ? 
_exptl_crystal.size_rad                    ? 
_exptl_crystal.colour_lustre               ? 
_exptl_crystal.colour_modifier             ? 
_exptl_crystal.colour_primary              ? 
_exptl_crystal.density_meas                ? 
_exptl_crystal.density_meas_esd            ? 
_exptl_crystal.density_meas_gt             ? 
_exptl_crystal.density_meas_lt             ? 
_exptl_crystal.density_meas_temp           ? 
_exptl_crystal.density_meas_temp_esd       ? 
_exptl_crystal.density_meas_temp_gt        ? 
_exptl_crystal.density_meas_temp_lt        ? 
_exptl_crystal.pdbx_crystal_image_url      ? 
_exptl_crystal.pdbx_crystal_image_format   ? 
_exptl_crystal.pdbx_mosaicity              ? 
_exptl_crystal.pdbx_mosaicity_esd          ? 
# 
_exptl_crystal_grow.apparatus       ? 
_exptl_crystal_grow.atmosphere      ? 
_exptl_crystal_grow.crystal_id      1 
_exptl_crystal_grow.details         ? 
_exptl_crystal_grow.method          'VAPOR DIFFUSION, HANGING DROP' 
_exptl_crystal_grow.method_ref      ? 
_exptl_crystal_grow.pH              5.0 
_exptl_crystal_grow.pressure        ? 
_exptl_crystal_grow.pressure_esd    ? 
_exptl_crystal_grow.seeding         ? 
_exptl_crystal_grow.seeding_ref     ? 
_exptl_crystal_grow.temp            277 
_exptl_crystal_grow.temp_details    ? 
_exptl_crystal_grow.temp_esd        ? 
_exptl_crystal_grow.time            ? 
_exptl_crystal_grow.pdbx_details    '200 mM NaCl, 0.1 mM sodium citrate pH 5.0, 16% PEG 400' 
_exptl_crystal_grow.pdbx_pH_range   ? 
# 
_diffrn.ambient_environment    ? 
_diffrn.ambient_temp           100 
_diffrn.ambient_temp_details   ? 
_diffrn.ambient_temp_esd       ? 
_diffrn.crystal_id             1 
_diffrn.crystal_support        ? 
_diffrn.crystal_treatment      ? 
_diffrn.details                ? 
_diffrn.id                     1 
_diffrn.ambient_pressure       ? 
_diffrn.ambient_pressure_esd   ? 
_diffrn.ambient_pressure_gt    ? 
_diffrn.ambient_pressure_lt    ? 
_diffrn.ambient_temp_gt        ? 
_diffrn.ambient_temp_lt        ? 
# 
_diffrn_detector.details                      '1000 um thick sensor' 
_diffrn_detector.detector                     PIXEL 
_diffrn_detector.diffrn_id                    1 
_diffrn_detector.type                         'PSI PILATUS 6M' 
_diffrn_detector.area_resol_mean              ? 
_diffrn_detector.dtime                        ? 
_diffrn_detector.pdbx_frames_total            ? 
_diffrn_detector.pdbx_collection_time_total   ? 
_diffrn_detector.pdbx_collection_date         2012-11-30 
# 
_diffrn_radiation.collimation                      ? 
_diffrn_radiation.diffrn_id                        1 
_diffrn_radiation.filter_edge                      ? 
_diffrn_radiation.inhomogeneity                    ? 
_diffrn_radiation.monochromator                    'Si(111)' 
_diffrn_radiation.polarisn_norm                    ? 
_diffrn_radiation.polarisn_ratio                   ? 
_diffrn_radiation.probe                            ? 
_diffrn_radiation.type                             ? 
_diffrn_radiation.xray_symbol                      ? 
_diffrn_radiation.wavelength_id                    1 
_diffrn_radiation.pdbx_monochromatic_or_laue_m_l   M 
_diffrn_radiation.pdbx_wavelength_list             ? 
_diffrn_radiation.pdbx_wavelength                  ? 
_diffrn_radiation.pdbx_diffrn_protocol             'SINGLE WAVELENGTH' 
_diffrn_radiation.pdbx_analyzer                    ? 
_diffrn_radiation.pdbx_scattering_type             x-ray 
# 
_diffrn_radiation_wavelength.id           1 
_diffrn_radiation_wavelength.wavelength   1.033210 
_diffrn_radiation_wavelength.wt           1.0 
# 
_diffrn_source.current                     ? 
_diffrn_source.details                     ? 
_diffrn_source.diffrn_id                   1 
_diffrn_source.power                       ? 
_diffrn_source.size                        ? 
_diffrn_source.source                      SYNCHROTRON 
_diffrn_source.target                      ? 
_diffrn_source.type                        'APS BEAMLINE 23-ID-D' 
_diffrn_source.voltage                     ? 
_diffrn_source.take-off_angle              ? 
_diffrn_source.pdbx_wavelength_list        1.033210 
_diffrn_source.pdbx_wavelength             ? 
_diffrn_source.pdbx_synchrotron_beamline   23-ID-D 
_diffrn_source.pdbx_synchrotron_site       APS 
# 
_reflns.d_resolution_high            2.230 
_reflns.d_resolution_low             30.422 
_reflns.pdbx_number_measured_all     58427 
_reflns.number_obs                   10939 
_reflns.pdbx_Rmerge_I_obs            0.085 
_reflns.pdbx_netI_over_sigmaI        10.850 
_reflns.pdbx_chi_squared             1.000 
_reflns.percent_possible_obs         98.600 
_reflns.observed_criterion_sigma_I   -3.000 
_reflns.pdbx_Rrim_I_all              0.095 
_reflns.pdbx_CC_half                 0.993 
_reflns.B_iso_Wilson_estimate        60.170 
_reflns.pdbx_diffrn_id               1 
_reflns.pdbx_ordinal                 1 
_reflns.entry_id                     5KHG 
_reflns.observed_criterion_sigma_F   ? 
_reflns.number_all                   ? 
_reflns.pdbx_Rsym_value              ? 
_reflns.pdbx_redundancy              ? 
# 
loop_
_reflns_shell.pdbx_diffrn_id 
_reflns_shell.pdbx_ordinal 
_reflns_shell.d_res_high 
_reflns_shell.d_res_low 
_reflns_shell.number_measured_obs 
_reflns_shell.number_measured_all 
_reflns_shell.number_unique_obs 
_reflns_shell.pdbx_rejects 
_reflns_shell.Rmerge_I_obs 
_reflns_shell.meanI_over_sigI_obs 
_reflns_shell.pdbx_Rsym_value 
_reflns_shell.pdbx_chi_squared 
_reflns_shell.pdbx_redundancy 
_reflns_shell.percent_possible_obs 
_reflns_shell.pdbx_netI_over_sigmaI_obs 
_reflns_shell.number_possible 
_reflns_shell.number_unique_all 
_reflns_shell.Rmerge_F_all 
_reflns_shell.Rmerge_F_obs 
_reflns_shell.Rmerge_I_all 
_reflns_shell.meanI_over_sigI_all 
_reflns_shell.percent_possible_all 
_reflns_shell.pdbx_Rrim_I_all 
_reflns_shell.pdbx_Rpim_I_all 
_reflns_shell.pdbx_CC_half 
1 1 2.230 2.370  8686 ? 1657 0 0.992 1.950  ? ? ? ? ? 1722 ? ? ? ? ? 96.200 1.101 ? 0.724 
1 2 2.370 2.530  9058 ? 1658 0 0.554 3.550  ? ? ? ? ? 1663 ? ? ? ? ? 99.700 0.614 ? 0.904 
1 3 2.530 2.730  8397 ? 1531 0 0.339 5.730  ? ? ? ? ? 1539 ? ? ? ? ? 99.500 0.376 ? 0.950 
1 4 2.730 2.990  7672 ? 1409 0 0.183 9.310  ? ? ? ? ? 1415 ? ? ? ? ? 99.600 0.203 ? 0.981 
1 5 2.990 3.350  7045 ? 1305 0 0.103 14.110 ? ? ? ? ? 1311 ? ? ? ? ? 99.500 0.114 ? 0.991 
1 6 3.350 3.860  6074 ? 1142 0 0.079 18.820 ? ? ? ? ? 1148 ? ? ? ? ? 99.500 0.087 ? 0.992 
1 7 3.860 4.720  5214 ? 984  0 0.068 21.330 ? ? ? ? ? 998  ? ? ? ? ? 98.600 0.075 ? 0.991 
1 8 4.720 6.650  4089 ? 783  0 0.066 21.650 ? ? ? ? ? 800  ? ? ? ? ? 97.900 0.073 ? 0.990 
1 9 6.650 48.049 2192 ? 470  0 0.079 21.010 ? ? ? ? ? 500  ? ? ? ? ? 94.000 0.088 ? 0.989 
# 
_refine.entry_id                                 5KHG 
_refine.pdbx_refine_id                           'X-RAY DIFFRACTION' 
_refine.ls_d_res_high                            2.2410 
_refine.ls_d_res_low                             30.4220 
_refine.pdbx_ls_sigma_F                          1.340 
_refine.pdbx_data_cutoff_high_absF               ? 
_refine.pdbx_data_cutoff_low_absF                ? 
_refine.ls_percent_reflns_obs                    95.8600 
_refine.ls_number_reflns_obs                     10551 
_refine.ls_number_reflns_all                     ? 
_refine.pdbx_ls_cross_valid_method               THROUGHOUT 
_refine.ls_matrix_type                           ? 
_refine.pdbx_R_Free_selection_details            RANDOM 
_refine.details                                  'molecular replacement' 
_refine.ls_R_factor_all                          ? 
_refine.ls_R_factor_obs                          0.2252 
_refine.ls_R_factor_R_work                       0.2231 
_refine.ls_wR_factor_R_work                      ? 
_refine.ls_R_factor_R_free                       0.2643 
_refine.ls_wR_factor_R_free                      ? 
_refine.ls_percent_reflns_R_free                 4.8000 
_refine.ls_number_reflns_R_free                  506 
_refine.ls_number_reflns_R_work                  10045 
_refine.ls_R_factor_R_free_error                 ? 
_refine.B_iso_mean                               66.8621 
_refine.solvent_model_param_bsol                 ? 
_refine.solvent_model_param_ksol                 ? 
_refine.pdbx_isotropic_thermal_model             ? 
_refine.aniso_B[1][1]                            ? 
_refine.aniso_B[2][2]                            ? 
_refine.aniso_B[3][3]                            ? 
_refine.aniso_B[1][2]                            ? 
_refine.aniso_B[1][3]                            ? 
_refine.aniso_B[2][3]                            ? 
_refine.correlation_coeff_Fo_to_Fc               ? 
_refine.correlation_coeff_Fo_to_Fc_free          ? 
_refine.overall_SU_R_Cruickshank_DPI             ? 
_refine.pdbx_overall_SU_R_free_Cruickshank_DPI   ? 
_refine.pdbx_overall_SU_R_Blow_DPI               ? 
_refine.pdbx_overall_SU_R_free_Blow_DPI          ? 
_refine.overall_SU_R_free                        ? 
_refine.pdbx_overall_ESU_R                       ? 
_refine.pdbx_overall_ESU_R_Free                  ? 
_refine.overall_SU_ML                            0.3200 
_refine.overall_SU_B                             ? 
_refine.solvent_model_details                    'FLAT BULK SOLVENT MODEL' 
_refine.pdbx_solvent_vdw_probe_radii             1.1100 
_refine.pdbx_solvent_ion_probe_radii             ? 
_refine.pdbx_solvent_shrinkage_radii             0.9000 
_refine.ls_number_parameters                     ? 
_refine.ls_number_restraints                     ? 
_refine.pdbx_starting_model                      'pdbid 1Q5O' 
_refine.pdbx_method_to_determine_struct          'MOLECULAR REPLACEMENT' 
_refine.pdbx_stereochemistry_target_values       ML 
_refine.pdbx_stereochem_target_val_spec_case     ? 
_refine.overall_FOM_work_R_set                   ? 
_refine.B_iso_max                                123.870 
_refine.B_iso_min                                40.840 
_refine.pdbx_overall_phase_error                 33.8100 
_refine.occupancy_max                            ? 
_refine.occupancy_min                            ? 
_refine.pdbx_diffrn_id                           1 
_refine.pdbx_TLS_residual_ADP_flag               ? 
_refine.pdbx_ls_sigma_I                          ? 
_refine.pdbx_data_cutoff_high_rms_absF           ? 
_refine.ls_R_factor_R_free_error_details         ? 
# 
_refine_hist.cycle_id                         final 
_refine_hist.pdbx_refine_id                   'X-RAY DIFFRACTION' 
_refine_hist.d_res_high                       2.2410 
_refine_hist.d_res_low                        30.4220 
_refine_hist.pdbx_number_atoms_ligand         20 
_refine_hist.number_atoms_solvent             26 
_refine_hist.number_atoms_total               1645 
_refine_hist.pdbx_number_residues_total       201 
_refine_hist.pdbx_B_iso_mean_ligand           68.88 
_refine_hist.pdbx_B_iso_mean_solvent          59.67 
_refine_hist.pdbx_number_atoms_protein        1599 
_refine_hist.pdbx_number_atoms_nucleic_acid   0 
# 
loop_
_refine_ls_restr.pdbx_refine_id 
_refine_ls_restr.type 
_refine_ls_restr.number 
_refine_ls_restr.dev_ideal 
_refine_ls_restr.dev_ideal_target 
_refine_ls_restr.weight 
_refine_ls_restr.pdbx_restraint_function 
'X-RAY DIFFRACTION' f_bond_d           1654 0.008  ? ? ? 
'X-RAY DIFFRACTION' f_angle_d          2233 1.006  ? ? ? 
'X-RAY DIFFRACTION' f_chiral_restr     240  0.051  ? ? ? 
'X-RAY DIFFRACTION' f_plane_restr      288  0.006  ? ? ? 
'X-RAY DIFFRACTION' f_dihedral_angle_d 979  14.517 ? ? ? 
# 
loop_
_refine_ls_shell.d_res_high 
_refine_ls_shell.d_res_low 
_refine_ls_shell.pdbx_total_number_of_bins_used 
_refine_ls_shell.percent_reflns_obs 
_refine_ls_shell.number_reflns_R_work 
_refine_ls_shell.R_factor_all 
_refine_ls_shell.R_factor_R_work 
_refine_ls_shell.R_factor_R_free 
_refine_ls_shell.percent_reflns_R_free 
_refine_ls_shell.number_reflns_R_free 
_refine_ls_shell.R_factor_R_free_error 
_refine_ls_shell.number_reflns_all 
_refine_ls_shell.number_reflns_obs 
_refine_ls_shell.pdbx_refine_id 
_refine_ls_shell.R_factor_obs 
2.2410 2.4664  4 93.0000 2370 . 0.2886 0.3489 . 126 . 2496 . 'X-RAY DIFFRACTION' . 
2.4664 2.8231  4 99.0000 2532 . 0.2800 0.3569 . 138 . 2670 . 'X-RAY DIFFRACTION' . 
2.8231 3.5559  4 99.0000 2572 . 0.2618 0.2738 . 125 . 2697 . 'X-RAY DIFFRACTION' . 
3.5559 30.4252 4 93.0000 2571 . 0.1929 0.2344 . 117 . 2688 . 'X-RAY DIFFRACTION' . 
# 
_struct.entry_id                     5KHG 
_struct.title                        
;HCN2 CNBD in complex with cytidine-3', 5'-cyclic monophosphate (cCMP)
;
_struct.pdbx_model_details           ? 
_struct.pdbx_formula_weight          ? 
_struct.pdbx_formula_weight_method   ? 
_struct.pdbx_model_type_details      ? 
_struct.pdbx_CASP_flag               N 
# 
_struct_keywords.entry_id        5KHG 
_struct_keywords.text            'protein-ligand complex, cycilc nucleotide binding domain, ion transport, TRANSPORT PROTEIN' 
_struct_keywords.pdbx_keywords   'TRANSPORT PROTEIN' 
# 
loop_
_struct_asym.id 
_struct_asym.pdbx_blank_PDB_chainid_flag 
_struct_asym.pdbx_modified 
_struct_asym.entity_id 
_struct_asym.details 
A N N 1 ? 
B N N 2 ? 
C N N 3 ? 
# 
loop_
_struct_conf.conf_type_id 
_struct_conf.id 
_struct_conf.pdbx_PDB_helix_id 
_struct_conf.beg_label_comp_id 
_struct_conf.beg_label_asym_id 
_struct_conf.beg_label_seq_id 
_struct_conf.pdbx_beg_PDB_ins_code 
_struct_conf.end_label_comp_id 
_struct_conf.end_label_asym_id 
_struct_conf.end_label_seq_id 
_struct_conf.pdbx_end_PDB_ins_code 
_struct_conf.beg_auth_comp_id 
_struct_conf.beg_auth_asym_id 
_struct_conf.beg_auth_seq_id 
_struct_conf.end_auth_comp_id 
_struct_conf.end_auth_asym_id 
_struct_conf.end_auth_seq_id 
_struct_conf.pdbx_PDB_helix_class 
_struct_conf.details 
_struct_conf.pdbx_PDB_helix_length 
HELX_P HELX_P1  AA1 ASP A 4   ? HIS A 24  ? ASP A 443 HIS A 463 1 ? 21 
HELX_P HELX_P2  AA2 PRO A 27  ? GLN A 43  ? PRO A 466 GLN A 482 1 ? 17 
HELX_P HELX_P3  AA3 ASP A 48  ? GLU A 55  ? ASP A 487 GLU A 494 1 ? 8  
HELX_P HELX_P4  AA4 ASN A 57  ? CSX A 69  ? ASN A 496 CSX A 508 1 ? 13 
HELX_P HELX_P5  AA5 CSX A 69  ? MET A 76  ? CSX A 508 MET A 515 1 ? 8  
HELX_P HELX_P6  AA6 MET A 76  ? ASN A 81  ? MET A 515 ASN A 520 1 ? 6  
HELX_P HELX_P7  AA7 ASP A 83  ? THR A 92  ? ASP A 522 THR A 531 1 ? 10 
HELX_P HELX_P8  AA8 GLY A 142 ? ARG A 149 ? GLY A 581 ARG A 588 1 ? 8  
HELX_P HELX_P9  AA9 VAL A 169 ? GLU A 178 ? VAL A 608 GLU A 617 1 ? 10 
HELX_P HELX_P10 AB1 PRO A 180 ? ILE A 197 ? PRO A 619 ILE A 636 1 ? 18 
# 
_struct_conf_type.id          HELX_P 
_struct_conf_type.criteria    ? 
_struct_conf_type.reference   ? 
# 
loop_
_struct_conn.id 
_struct_conn.conn_type_id 
_struct_conn.pdbx_leaving_atom_flag 
_struct_conn.pdbx_PDB_id 
_struct_conn.ptnr1_label_asym_id 
_struct_conn.ptnr1_label_comp_id 
_struct_conn.ptnr1_label_seq_id 
_struct_conn.ptnr1_label_atom_id 
_struct_conn.pdbx_ptnr1_label_alt_id 
_struct_conn.pdbx_ptnr1_PDB_ins_code 
_struct_conn.pdbx_ptnr1_standard_comp_id 
_struct_conn.ptnr1_symmetry 
_struct_conn.ptnr2_label_asym_id 
_struct_conn.ptnr2_label_comp_id 
_struct_conn.ptnr2_label_seq_id 
_struct_conn.ptnr2_label_atom_id 
_struct_conn.pdbx_ptnr2_label_alt_id 
_struct_conn.pdbx_ptnr2_PDB_ins_code 
_struct_conn.ptnr1_auth_asym_id 
_struct_conn.ptnr1_auth_comp_id 
_struct_conn.ptnr1_auth_seq_id 
_struct_conn.ptnr2_auth_asym_id 
_struct_conn.ptnr2_auth_comp_id 
_struct_conn.ptnr2_auth_seq_id 
_struct_conn.ptnr2_symmetry 
_struct_conn.pdbx_ptnr3_label_atom_id 
_struct_conn.pdbx_ptnr3_label_seq_id 
_struct_conn.pdbx_ptnr3_label_comp_id 
_struct_conn.pdbx_ptnr3_label_asym_id 
_struct_conn.pdbx_ptnr3_label_alt_id 
_struct_conn.pdbx_ptnr3_PDB_ins_code 
_struct_conn.details 
_struct_conn.pdbx_dist_value 
_struct_conn.pdbx_value_order 
_struct_conn.pdbx_role 
covale1 covale both ? A ASN 68 C ? ? ? 1_555 A CSX 69 N ? ? A ASN 507 A CSX 508 1_555 ? ? ? ? ? ? ? 1.327 ? ? 
covale2 covale both ? A CSX 69 C ? ? ? 1_555 A ARG 70 N ? ? A CSX 508 A ARG 509 1_555 ? ? ? ? ? ? ? 1.340 ? ? 
# 
_struct_conn_type.id          covale 
_struct_conn_type.criteria    ? 
_struct_conn_type.reference   ? 
# 
loop_
_struct_sheet.id 
_struct_sheet.type 
_struct_sheet.number_strands 
_struct_sheet.details 
AA1 ? 4 ? 
AA2 ? 4 ? 
# 
loop_
_struct_sheet_order.sheet_id 
_struct_sheet_order.range_id_1 
_struct_sheet_order.range_id_2 
_struct_sheet_order.offset 
_struct_sheet_order.sense 
AA1 1 2 ? anti-parallel 
AA1 2 3 ? anti-parallel 
AA1 3 4 ? anti-parallel 
AA2 1 2 ? anti-parallel 
AA2 2 3 ? anti-parallel 
AA2 3 4 ? anti-parallel 
# 
loop_
_struct_sheet_range.sheet_id 
_struct_sheet_range.id 
_struct_sheet_range.beg_label_comp_id 
_struct_sheet_range.beg_label_asym_id 
_struct_sheet_range.beg_label_seq_id 
_struct_sheet_range.pdbx_beg_PDB_ins_code 
_struct_sheet_range.end_label_comp_id 
_struct_sheet_range.end_label_asym_id 
_struct_sheet_range.end_label_seq_id 
_struct_sheet_range.pdbx_end_PDB_ins_code 
_struct_sheet_range.beg_auth_comp_id 
_struct_sheet_range.beg_auth_asym_id 
_struct_sheet_range.beg_auth_seq_id 
_struct_sheet_range.end_auth_comp_id 
_struct_sheet_range.end_auth_asym_id 
_struct_sheet_range.end_auth_seq_id 
AA1 1 LYS A 95  ? PHE A 99  ? LYS A 534 PHE A 538 
AA1 2 CYS A 162 ? SER A 168 ? CYS A 601 SER A 607 
AA1 3 LYS A 114 ? HIS A 120 ? LYS A 553 HIS A 559 
AA1 4 TYR A 140 ? PHE A 141 ? TYR A 579 PHE A 580 
AA2 1 TYR A 104 ? ILE A 106 ? TYR A 543 ILE A 545 
AA2 2 SER A 155 ? ALA A 158 ? SER A 594 ALA A 597 
AA2 3 VAL A 122 ? LEU A 126 ? VAL A 561 LEU A 565 
AA2 4 MET A 133 ? SER A 136 ? MET A 572 SER A 575 
# 
loop_
_pdbx_struct_sheet_hbond.sheet_id 
_pdbx_struct_sheet_hbond.range_id_1 
_pdbx_struct_sheet_hbond.range_id_2 
_pdbx_struct_sheet_hbond.range_1_label_atom_id 
_pdbx_struct_sheet_hbond.range_1_label_comp_id 
_pdbx_struct_sheet_hbond.range_1_label_asym_id 
_pdbx_struct_sheet_hbond.range_1_label_seq_id 
_pdbx_struct_sheet_hbond.range_1_PDB_ins_code 
_pdbx_struct_sheet_hbond.range_1_auth_atom_id 
_pdbx_struct_sheet_hbond.range_1_auth_comp_id 
_pdbx_struct_sheet_hbond.range_1_auth_asym_id 
_pdbx_struct_sheet_hbond.range_1_auth_seq_id 
_pdbx_struct_sheet_hbond.range_2_label_atom_id 
_pdbx_struct_sheet_hbond.range_2_label_comp_id 
_pdbx_struct_sheet_hbond.range_2_label_asym_id 
_pdbx_struct_sheet_hbond.range_2_label_seq_id 
_pdbx_struct_sheet_hbond.range_2_PDB_ins_code 
_pdbx_struct_sheet_hbond.range_2_auth_atom_id 
_pdbx_struct_sheet_hbond.range_2_auth_comp_id 
_pdbx_struct_sheet_hbond.range_2_auth_asym_id 
_pdbx_struct_sheet_hbond.range_2_auth_seq_id 
AA1 1 2 N GLU A 97  ? N GLU A 536 O LEU A 164 ? O LEU A 603 
AA1 2 3 O LEU A 167 ? O LEU A 606 N MET A 115 ? N MET A 554 
AA1 3 4 N TYR A 116 ? N TYR A 555 O PHE A 141 ? O PHE A 580 
AA2 1 2 N ILE A 106 ? N ILE A 545 O VAL A 156 ? O VAL A 595 
AA2 2 3 O SER A 155 ? O SER A 594 N LEU A 126 ? N LEU A 565 
AA2 3 4 N VAL A 125 ? N VAL A 564 O MET A 133 ? O MET A 572 
# 
_struct_site.id                   AC1 
_struct_site.pdbx_evidence_code   Software 
_struct_site.pdbx_auth_asym_id    A 
_struct_site.pdbx_auth_comp_id    CC7 
_struct_site.pdbx_auth_seq_id     701 
_struct_site.pdbx_auth_ins_code   ? 
_struct_site.pdbx_num_residues    12 
_struct_site.details              'binding site for residue CC7 A 701' 
# 
loop_
_struct_site_gen.id 
_struct_site_gen.site_id 
_struct_site_gen.pdbx_num_res 
_struct_site_gen.label_comp_id 
_struct_site_gen.label_asym_id 
_struct_site_gen.label_seq_id 
_struct_site_gen.pdbx_auth_ins_code 
_struct_site_gen.auth_comp_id 
_struct_site_gen.auth_asym_id 
_struct_site_gen.auth_seq_id 
_struct_site_gen.label_atom_id 
_struct_site_gen.label_alt_id 
_struct_site_gen.symmetry 
_struct_site_gen.details 
1  AC1 12 VAL A 125 ? VAL A 564 . ? 1_555 ? 
2  AC1 12 MET A 133 ? MET A 572 . ? 1_555 ? 
3  AC1 12 LEU A 135 ? LEU A 574 . ? 1_555 ? 
4  AC1 12 PHE A 141 ? PHE A 580 . ? 1_555 ? 
5  AC1 12 GLY A 142 ? GLY A 581 . ? 1_555 ? 
6  AC1 12 GLU A 143 ? GLU A 582 . ? 1_555 ? 
7  AC1 12 ILE A 144 ? ILE A 583 . ? 1_555 ? 
8  AC1 12 CYS A 145 ? CYS A 584 . ? 1_555 ? 
9  AC1 12 ARG A 152 ? ARG A 591 . ? 1_555 ? 
10 AC1 12 THR A 153 ? THR A 592 . ? 1_555 ? 
11 AC1 12 ALA A 154 ? ALA A 593 . ? 1_555 ? 
12 AC1 12 ARG A 193 ? ARG A 632 . ? 1_555 ? 
# 
_atom_sites.entry_id                    5KHG 
_atom_sites.fract_transf_matrix[1][1]   0.00694283 
_atom_sites.fract_transf_matrix[1][2]   0.00758377 
_atom_sites.fract_transf_matrix[1][3]   0.00152956 
_atom_sites.fract_transf_matrix[2][1]   -0.00373895 
_atom_sites.fract_transf_matrix[2][2]   0.00508838 
_atom_sites.fract_transf_matrix[2][3]   -0.00825740 
_atom_sites.fract_transf_matrix[3][1]   -0.01395777 
_atom_sites.fract_transf_matrix[3][2]   0.01023179 
_atom_sites.fract_transf_matrix[3][3]   0.01262511 
_atom_sites.fract_transf_vector[1]      0.255631 
_atom_sites.fract_transf_vector[2]      -0.007023 
_atom_sites.fract_transf_vector[3]      1.405271 
# 
loop_
_atom_type.symbol 
C 
N 
O 
P 
S 
# 
loop_
_atom_site.group_PDB 
_atom_site.id 
_atom_site.type_symbol 
_atom_site.label_atom_id 
_atom_site.label_alt_id 
_atom_site.label_comp_id 
_atom_site.label_asym_id 
_atom_site.label_entity_id 
_atom_site.label_seq_id 
_atom_site.pdbx_PDB_ins_code 
_atom_site.Cartn_x 
_atom_site.Cartn_y 
_atom_site.Cartn_z 
_atom_site.occupancy 
_atom_site.B_iso_or_equiv 
_atom_site.pdbx_formal_charge 
_atom_site.auth_seq_id 
_atom_site.auth_comp_id 
_atom_site.auth_asym_id 
_atom_site.auth_atom_id 
_atom_site.pdbx_PDB_model_num 
ATOM   1    N N     . ASP A 1 4   ? -8.966  14.915  21.091  1.00 81.82  ? 443 ASP A N     1 
ATOM   2    C CA    . ASP A 1 4   ? -8.665  16.190  21.755  1.00 84.40  ? 443 ASP A CA    1 
ATOM   3    C C     . ASP A 1 4   ? -8.156  17.246  20.764  1.00 81.75  ? 443 ASP A C     1 
ATOM   4    O O     . ASP A 1 4   ? -8.905  17.708  19.901  1.00 80.16  ? 443 ASP A O     1 
ATOM   5    N N     . SER A 1 5   ? -6.884  17.638  20.889  1.00 78.52  ? 444 SER A N     1 
ATOM   6    C CA    . SER A 1 5   ? -6.306  18.518  19.883  1.00 81.14  ? 444 SER A CA    1 
ATOM   7    C C     . SER A 1 5   ? -6.025  17.792  18.569  1.00 82.12  ? 444 SER A C     1 
ATOM   8    O O     . SER A 1 5   ? -5.697  18.452  17.577  1.00 83.17  ? 444 SER A O     1 
ATOM   9    C CB    . SER A 1 5   ? -5.021  19.169  20.402  1.00 82.74  ? 444 SER A CB    1 
ATOM   10   O OG    . SER A 1 5   ? -3.927  18.266  20.346  1.00 84.50  ? 444 SER A OG    1 
ATOM   11   N N     . SER A 1 6   ? -6.141  16.459  18.535  1.00 79.71  ? 445 SER A N     1 
ATOM   12   C CA    . SER A 1 6   ? -6.092  15.744  17.263  1.00 78.61  ? 445 SER A CA    1 
ATOM   13   C C     . SER A 1 6   ? -7.436  15.804  16.550  1.00 77.89  ? 445 SER A C     1 
ATOM   14   O O     . SER A 1 6   ? -7.481  15.837  15.314  1.00 72.97  ? 445 SER A O     1 
ATOM   15   C CB    . SER A 1 6   ? -5.669  14.287  17.476  1.00 73.82  ? 445 SER A CB    1 
ATOM   16   O OG    . SER A 1 6   ? -6.779  13.442  17.741  1.00 76.83  ? 445 SER A OG    1 
ATOM   17   N N     . ARG A 1 7   ? -8.536  15.831  17.311  1.00 77.52  ? 446 ARG A N     1 
ATOM   18   C CA    . ARG A 1 7   ? -9.838  16.064  16.701  1.00 77.75  ? 446 ARG A CA    1 
ATOM   19   C C     . ARG A 1 7   ? -9.917  17.467  16.113  1.00 79.66  ? 446 ARG A C     1 
ATOM   20   O O     . ARG A 1 7   ? -10.466 17.664  15.017  1.00 75.39  ? 446 ARG A O     1 
ATOM   21   C CB    . ARG A 1 7   ? -10.940 15.848  17.737  1.00 82.87  ? 446 ARG A CB    1 
ATOM   22   C CG    . ARG A 1 7   ? -11.203 14.404  18.052  1.00 88.60  ? 446 ARG A CG    1 
ATOM   23   C CD    . ARG A 1 7   ? -11.885 14.249  19.399  1.00 88.24  ? 446 ARG A CD    1 
ATOM   24   N NE    . ARG A 1 7   ? -13.314 14.018  19.293  1.00 89.59  ? 446 ARG A NE    1 
ATOM   25   C CZ    . ARG A 1 7   ? -13.864 12.810  19.406  1.00 92.94  ? 446 ARG A CZ    1 
ATOM   26   N NH1   . ARG A 1 7   ? -13.100 11.743  19.594  1.00 91.37  ? 446 ARG A NH1   1 
ATOM   27   N NH2   . ARG A 1 7   ? -15.174 12.668  19.327  1.00 87.63  ? 446 ARG A NH2   1 
ATOM   28   N N     . ARG A 1 8   ? -9.369  18.453  16.829  1.00 78.24  ? 447 ARG A N     1 
ATOM   29   C CA    . ARG A 1 8   ? -9.351  19.812  16.307  1.00 76.58  ? 447 ARG A CA    1 
ATOM   30   C C     . ARG A 1 8   ? -8.445  19.915  15.088  1.00 78.32  ? 447 ARG A C     1 
ATOM   31   O O     . ARG A 1 8   ? -8.784  20.600  14.117  1.00 72.99  ? 447 ARG A O     1 
ATOM   32   C CB    . ARG A 1 8   ? -8.907  20.798  17.390  1.00 76.92  ? 447 ARG A CB    1 
ATOM   33   N N     . GLN A 1 9   ? -7.290  19.234  15.114  1.00 76.81  ? 448 GLN A N     1 
ATOM   34   C CA    . GLN A 1 9   ? -6.391  19.287  13.966  1.00 77.36  ? 448 GLN A CA    1 
ATOM   35   C C     . GLN A 1 9   ? -7.062  18.726  12.724  1.00 74.19  ? 448 GLN A C     1 
ATOM   36   O O     . GLN A 1 9   ? -6.939  19.297  11.632  1.00 72.80  ? 448 GLN A O     1 
ATOM   37   C CB    . GLN A 1 9   ? -5.088  18.545  14.259  1.00 78.20  ? 448 GLN A CB    1 
ATOM   38   C CG    . GLN A 1 9   ? -3.939  19.480  14.680  1.00 87.29  ? 448 GLN A CG    1 
ATOM   39   C CD    . GLN A 1 9   ? -3.441  20.381  13.554  1.00 92.83  ? 448 GLN A CD    1 
ATOM   40   O OE1   . GLN A 1 9   ? -3.767  21.560  13.497  1.00 89.31  ? 448 GLN A OE1   1 
ATOM   41   N NE2   . GLN A 1 9   ? -2.633  19.826  12.667  1.00 94.61  ? 448 GLN A NE2   1 
ATOM   42   N N     . TYR A 1 10  ? -7.791  17.617  12.872  1.00 71.46  ? 449 TYR A N     1 
ATOM   43   C CA    . TYR A 1 10  ? -8.574  17.102  11.757  1.00 69.85  ? 449 TYR A CA    1 
ATOM   44   C C     . TYR A 1 10  ? -9.493  18.184  11.203  1.00 69.72  ? 449 TYR A C     1 
ATOM   45   O O     . TYR A 1 10  ? -9.526  18.429  9.988   1.00 64.18  ? 449 TYR A O     1 
ATOM   46   C CB    . TYR A 1 10  ? -9.387  15.890  12.211  1.00 68.51  ? 449 TYR A CB    1 
ATOM   47   C CG    . TYR A 1 10  ? -10.365 15.386  11.166  1.00 71.20  ? 449 TYR A CG    1 
ATOM   48   C CD1   . TYR A 1 10  ? -9.956  14.465  10.206  1.00 64.82  ? 449 TYR A CD1   1 
ATOM   49   C CD2   . TYR A 1 10  ? -11.700 15.819  11.136  1.00 66.83  ? 449 TYR A CD2   1 
ATOM   50   C CE1   . TYR A 1 10  ? -10.835 13.993  9.237   1.00 67.73  ? 449 TYR A CE1   1 
ATOM   51   C CE2   . TYR A 1 10  ? -12.599 15.346  10.160  1.00 65.48  ? 449 TYR A CE2   1 
ATOM   52   C CZ    . TYR A 1 10  ? -12.149 14.423  9.209   1.00 66.95  ? 449 TYR A CZ    1 
ATOM   53   O OH    . TYR A 1 10  ? -12.971 13.910  8.219   1.00 60.54  ? 449 TYR A OH    1 
ATOM   54   N N     . GLN A 1 11  ? -10.228 18.859  12.092  1.00 71.45  ? 450 GLN A N     1 
ATOM   55   C CA    . GLN A 1 11  ? -11.210 19.847  11.677  1.00 70.88  ? 450 GLN A CA    1 
ATOM   56   C C     . GLN A 1 11  ? -10.577 21.022  10.951  1.00 68.38  ? 450 GLN A C     1 
ATOM   57   O O     . GLN A 1 11  ? -11.043 21.424  9.888   1.00 67.63  ? 450 GLN A O     1 
ATOM   58   C CB    . GLN A 1 11  ? -11.977 20.361  12.899  1.00 75.81  ? 450 GLN A CB    1 
ATOM   59   C CG    . GLN A 1 11  ? -13.017 19.382  13.384  1.00 82.00  ? 450 GLN A CG    1 
ATOM   60   C CD    . GLN A 1 11  ? -13.991 18.915  12.311  1.00 86.29  ? 450 GLN A CD    1 
ATOM   61   O OE1   . GLN A 1 11  ? -14.550 17.851  12.430  1.00 85.97  ? 450 GLN A OE1   1 
ATOM   62   N NE2   . GLN A 1 11  ? -14.220 19.726  11.291  1.00 87.36  ? 450 GLN A NE2   1 
ATOM   63   N N     . GLU A 1 12  ? -9.555  21.608  11.566  1.00 68.15  ? 451 GLU A N     1 
ATOM   64   C CA    . GLU A 1 12  ? -8.925  22.783  10.993  1.00 69.08  ? 451 GLU A CA    1 
ATOM   65   C C     . GLU A 1 12  ? -8.213  22.432  9.699   1.00 71.13  ? 451 GLU A C     1 
ATOM   66   O O     . GLU A 1 12  ? -8.188  23.238  8.766   1.00 68.45  ? 451 GLU A O     1 
ATOM   67   C CB    . GLU A 1 12  ? -7.955  23.400  12.007  1.00 71.35  ? 451 GLU A CB    1 
ATOM   68   C CG    . GLU A 1 12  ? -8.579  23.614  13.392  1.00 79.70  ? 451 GLU A CG    1 
ATOM   69   C CD    . GLU A 1 12  ? -7.723  24.458  14.327  1.00 85.45  ? 451 GLU A CD    1 
ATOM   70   O OE1   . GLU A 1 12  ? -6.481  24.355  14.248  1.00 87.32  ? 451 GLU A OE1   1 
ATOM   71   O OE2   . GLU A 1 12  ? -8.287  25.205  15.163  1.00 95.21  ? 451 GLU A OE2   1 
ATOM   72   N N     . LYS A 1 13  ? -7.626  21.234  9.631   1.00 65.83  ? 452 LYS A N     1 
ATOM   73   C CA    . LYS A 1 13  ? -6.988  20.822  8.395   1.00 72.48  ? 452 LYS A CA    1 
ATOM   74   C C     . LYS A 1 13  ? -8.020  20.637  7.299   1.00 70.73  ? 452 LYS A C     1 
ATOM   75   O O     . LYS A 1 13  ? -7.823  21.102  6.171   1.00 69.04  ? 452 LYS A O     1 
ATOM   76   C CB    . LYS A 1 13  ? -6.176  19.551  8.618   1.00 72.21  ? 452 LYS A CB    1 
ATOM   77   C CG    . LYS A 1 13  ? -4.796  19.817  9.230   1.00 77.36  ? 452 LYS A CG    1 
ATOM   78   C CD    . LYS A 1 13  ? -3.986  20.811  8.379   1.00 80.86  ? 452 LYS A CD    1 
ATOM   79   C CE    . LYS A 1 13  ? -2.486  20.495  8.370   1.00 83.94  ? 452 LYS A CE    1 
ATOM   80   N NZ    . LYS A 1 13  ? -1.752  21.023  9.563   1.00 88.22  ? 452 LYS A NZ    1 
ATOM   81   N N     . TYR A 1 14  ? -9.161  20.026  7.624   1.00 69.69  ? 453 TYR A N     1 
ATOM   82   C CA    . TYR A 1 14  ? -10.169 19.839  6.591   1.00 64.84  ? 453 TYR A CA    1 
ATOM   83   C C     . TYR A 1 14  ? -10.744 21.168  6.123   1.00 68.73  ? 453 TYR A C     1 
ATOM   84   O O     . TYR A 1 14  ? -11.004 21.339  4.930   1.00 68.31  ? 453 TYR A O     1 
ATOM   85   C CB    . TYR A 1 14  ? -11.300 18.932  7.057   1.00 68.57  ? 453 TYR A CB    1 
ATOM   86   C CG    . TYR A 1 14  ? -12.225 18.635  5.902   1.00 69.21  ? 453 TYR A CG    1 
ATOM   87   C CD1   . TYR A 1 14  ? -11.793 17.842  4.834   1.00 68.27  ? 453 TYR A CD1   1 
ATOM   88   C CD2   . TYR A 1 14  ? -13.500 19.191  5.839   1.00 73.29  ? 453 TYR A CD2   1 
ATOM   89   C CE1   . TYR A 1 14  ? -12.623 17.585  3.748   1.00 67.58  ? 453 TYR A CE1   1 
ATOM   90   C CE2   . TYR A 1 14  ? -14.347 18.935  4.754   1.00 74.93  ? 453 TYR A CE2   1 
ATOM   91   C CZ    . TYR A 1 14  ? -13.895 18.134  3.714   1.00 73.60  ? 453 TYR A CZ    1 
ATOM   92   O OH    . TYR A 1 14  ? -14.721 17.882  2.643   1.00 73.46  ? 453 TYR A OH    1 
ATOM   93   N N     . LYS A 1 15  ? -10.992 22.109  7.038   1.00 67.26  ? 454 LYS A N     1 
ATOM   94   C CA    . LYS A 1 15  ? -11.450 23.412  6.570   1.00 72.10  ? 454 LYS A CA    1 
ATOM   95   C C     . LYS A 1 15  ? -10.429 24.030  5.626   1.00 68.70  ? 454 LYS A C     1 
ATOM   96   O O     . LYS A 1 15  ? -10.808 24.661  4.636   1.00 73.44  ? 454 LYS A O     1 
ATOM   97   C CB    . LYS A 1 15  ? -11.747 24.352  7.743   1.00 73.12  ? 454 LYS A CB    1 
ATOM   98   C CG    . LYS A 1 15  ? -12.393 25.674  7.302   1.00 82.72  ? 454 LYS A CG    1 
ATOM   99   C CD    . LYS A 1 15  ? -13.914 25.552  7.087   1.00 95.91  ? 454 LYS A CD    1 
ATOM   100  C CE    . LYS A 1 15  ? -14.432 26.445  5.942   1.00 106.31 ? 454 LYS A CE    1 
ATOM   101  N NZ    . LYS A 1 15  ? -13.748 26.209  4.631   1.00 109.71 ? 454 LYS A NZ    1 
ATOM   102  N N     . GLN A 1 16  ? -9.137  23.822  5.891   1.00 65.78  ? 455 GLN A N     1 
ATOM   103  C CA    . GLN A 1 16  ? -8.114  24.278  4.958   1.00 66.71  ? 455 GLN A CA    1 
ATOM   104  C C     . GLN A 1 16  ? -8.303  23.643  3.588   1.00 64.98  ? 455 GLN A C     1 
ATOM   105  O O     . GLN A 1 16  ? -8.261  24.331  2.565   1.00 65.91  ? 455 GLN A O     1 
ATOM   106  C CB    . GLN A 1 16  ? -6.726  23.966  5.501   1.00 72.20  ? 455 GLN A CB    1 
ATOM   107  C CG    . GLN A 1 16  ? -6.142  25.024  6.392   1.00 73.37  ? 455 GLN A CG    1 
ATOM   108  C CD    . GLN A 1 16  ? -4.775  24.618  6.867   1.00 81.08  ? 455 GLN A CD    1 
ATOM   109  O OE1   . GLN A 1 16  ? -4.132  23.754  6.258   1.00 88.99  ? 455 GLN A OE1   1 
ATOM   110  N NE2   . GLN A 1 16  ? -4.317  25.224  7.956   1.00 84.10  ? 455 GLN A NE2   1 
ATOM   111  N N     . VAL A 1 17  ? -8.525  22.327  3.546   1.00 62.56  ? 456 VAL A N     1 
ATOM   112  C CA    . VAL A 1 17  ? -8.846  21.672  2.277   1.00 65.49  ? 456 VAL A CA    1 
ATOM   113  C C     . VAL A 1 17  ? -10.099 22.284  1.653   1.00 67.25  ? 456 VAL A C     1 
ATOM   114  O O     . VAL A 1 17  ? -10.171 22.473  0.427   1.00 60.12  ? 456 VAL A O     1 
ATOM   115  C CB    . VAL A 1 17  ? -8.987  20.151  2.488   1.00 67.33  ? 456 VAL A CB    1 
ATOM   116  C CG1   . VAL A 1 17  ? -9.613  19.477  1.284   1.00 64.32  ? 456 VAL A CG1   1 
ATOM   117  C CG2   . VAL A 1 17  ? -7.630  19.536  2.777   1.00 65.49  ? 456 VAL A CG2   1 
ATOM   118  N N     . GLU A 1 18  ? -11.089 22.643  2.485   1.00 62.06  ? 457 GLU A N     1 
ATOM   119  C CA    . GLU A 1 18  ? -12.341 23.179  1.953   1.00 67.25  ? 457 GLU A CA    1 
ATOM   120  C C     . GLU A 1 18  ? -12.120 24.508  1.235   1.00 64.26  ? 457 GLU A C     1 
ATOM   121  O O     . GLU A 1 18  ? -12.672 24.740  0.153   1.00 59.26  ? 457 GLU A O     1 
ATOM   122  C CB    . GLU A 1 18  ? -13.369 23.339  3.079   1.00 71.00  ? 457 GLU A CB    1 
ATOM   123  C CG    . GLU A 1 18  ? -14.317 22.149  3.248   1.00 73.37  ? 457 GLU A CG    1 
ATOM   124  C CD    . GLU A 1 18  ? -15.254 22.279  4.461   1.00 82.14  ? 457 GLU A CD    1 
ATOM   125  O OE1   . GLU A 1 18  ? -14.982 23.105  5.363   1.00 81.41  ? 457 GLU A OE1   1 
ATOM   126  O OE2   . GLU A 1 18  ? -16.272 21.549  4.506   1.00 84.52  ? 457 GLU A OE2   1 
ATOM   127  N N     . GLN A 1 19  ? -11.325 25.399  1.828   1.00 65.54  ? 458 GLN A N     1 
ATOM   128  C CA    . GLN A 1 19  ? -11.028 26.663  1.168   1.00 66.61  ? 458 GLN A CA    1 
ATOM   129  C C     . GLN A 1 19  ? -10.180 26.452  -0.085  1.00 63.96  ? 458 GLN A C     1 
ATOM   130  O O     . GLN A 1 19  ? -10.309 27.212  -1.052  1.00 61.66  ? 458 GLN A O     1 
ATOM   131  C CB    . GLN A 1 19  ? -10.330 27.595  2.145   1.00 66.97  ? 458 GLN A CB    1 
ATOM   132  C CG    . GLN A 1 19  ? -11.012 27.604  3.482   1.00 74.64  ? 458 GLN A CG    1 
ATOM   133  C CD    . GLN A 1 19  ? -10.271 28.415  4.494   1.00 78.26  ? 458 GLN A CD    1 
ATOM   134  O OE1   . GLN A 1 19  ? -10.081 27.986  5.634   1.00 80.12  ? 458 GLN A OE1   1 
ATOM   135  N NE2   . GLN A 1 19  ? -9.852  29.607  4.094   1.00 79.74  ? 458 GLN A NE2   1 
ATOM   136  N N     . TYR A 1 20  ? -9.347  25.409  -0.110  1.00 61.85  ? 459 TYR A N     1 
ATOM   137  C CA    . TYR A 1 20  ? -8.551  25.124  -1.304  1.00 63.28  ? 459 TYR A CA    1 
ATOM   138  C C     . TYR A 1 20  ? -9.446  24.803  -2.487  1.00 60.29  ? 459 TYR A C     1 
ATOM   139  O O     . TYR A 1 20  ? -9.290  25.386  -3.566  1.00 62.92  ? 459 TYR A O     1 
ATOM   140  C CB    . TYR A 1 20  ? -7.571  23.972  -1.049  1.00 60.24  ? 459 TYR A CB    1 
ATOM   141  C CG    . TYR A 1 20  ? -6.749  23.572  -2.263  1.00 65.06  ? 459 TYR A CG    1 
ATOM   142  C CD1   . TYR A 1 20  ? -5.539  24.197  -2.559  1.00 61.18  ? 459 TYR A CD1   1 
ATOM   143  C CD2   . TYR A 1 20  ? -7.183  22.561  -3.110  1.00 65.88  ? 459 TYR A CD2   1 
ATOM   144  C CE1   . TYR A 1 20  ? -4.788  23.821  -3.671  1.00 67.36  ? 459 TYR A CE1   1 
ATOM   145  C CE2   . TYR A 1 20  ? -6.442  22.179  -4.215  1.00 67.32  ? 459 TYR A CE2   1 
ATOM   146  C CZ    . TYR A 1 20  ? -5.247  22.812  -4.490  1.00 68.66  ? 459 TYR A CZ    1 
ATOM   147  O OH    . TYR A 1 20  ? -4.528  22.431  -5.593  1.00 69.85  ? 459 TYR A OH    1 
ATOM   148  N N     . MET A 1 21  ? -10.397 23.875  -2.305  1.00 61.74  ? 460 MET A N     1 
ATOM   149  C CA    . MET A 1 21  ? -11.330 23.529  -3.380  1.00 61.91  ? 460 MET A CA    1 
ATOM   150  C C     . MET A 1 21  ? -12.263 24.682  -3.713  1.00 61.93  ? 460 MET A C     1 
ATOM   151  O O     . MET A 1 21  ? -12.644 24.847  -4.882  1.00 61.60  ? 460 MET A O     1 
ATOM   152  C CB    . MET A 1 21  ? -12.160 22.291  -3.019  1.00 66.59  ? 460 MET A CB    1 
ATOM   153  C CG    . MET A 1 21  ? -11.452 21.244  -2.152  1.00 64.83  ? 460 MET A CG    1 
ATOM   154  S SD    . MET A 1 21  ? -12.358 19.664  -1.949  1.00 66.58  ? 460 MET A SD    1 
ATOM   155  C CE    . MET A 1 21  ? -13.489 20.061  -0.583  1.00 60.08  ? 460 MET A CE    1 
ATOM   156  N N     . SER A 1 22  ? -12.665 25.462  -2.712  1.00 65.62  ? 461 SER A N     1 
ATOM   157  C CA    . SER A 1 22  ? -13.405 26.692  -2.988  1.00 62.45  ? 461 SER A CA    1 
ATOM   158  C C     . SER A 1 22  ? -12.604 27.620  -3.900  1.00 59.38  ? 461 SER A C     1 
ATOM   159  O O     . SER A 1 22  ? -13.074 28.008  -4.978  1.00 59.62  ? 461 SER A O     1 
ATOM   160  C CB    . SER A 1 22  ? -13.759 27.371  -1.660  1.00 62.59  ? 461 SER A CB    1 
ATOM   161  O OG    . SER A 1 22  ? -14.270 28.694  -1.858  1.00 72.12  ? 461 SER A OG    1 
ATOM   162  N N     . PHE A 1 23  ? -11.359 27.914  -3.520  1.00 61.28  ? 462 PHE A N     1 
ATOM   163  C CA    . PHE A 1 23  ? -10.484 28.757  -4.332  1.00 61.09  ? 462 PHE A CA    1 
ATOM   164  C C     . PHE A 1 23  ? -10.368 28.254  -5.768  1.00 61.62  ? 462 PHE A C     1 
ATOM   165  O O     . PHE A 1 23  ? -10.509 29.033  -6.711  1.00 62.25  ? 462 PHE A O     1 
ATOM   166  C CB    . PHE A 1 23  ? -9.098  28.825  -3.672  1.00 64.02  ? 462 PHE A CB    1 
ATOM   167  C CG    . PHE A 1 23  ? -8.107  29.721  -4.361  1.00 66.07  ? 462 PHE A CG    1 
ATOM   168  C CD1   . PHE A 1 23  ? -8.253  31.096  -4.339  1.00 69.71  ? 462 PHE A CD1   1 
ATOM   169  C CD2   . PHE A 1 23  ? -7.011  29.178  -5.012  1.00 62.88  ? 462 PHE A CD2   1 
ATOM   170  C CE1   . PHE A 1 23  ? -7.329  31.918  -4.968  1.00 67.35  ? 462 PHE A CE1   1 
ATOM   171  C CE2   . PHE A 1 23  ? -6.086  29.993  -5.634  1.00 69.98  ? 462 PHE A CE2   1 
ATOM   172  C CZ    . PHE A 1 23  ? -6.247  31.367  -5.612  1.00 70.22  ? 462 PHE A CZ    1 
ATOM   173  N N     . HIS A 1 24  ? -10.107 26.953  -5.955  1.00 58.70  ? 463 HIS A N     1 
ATOM   174  C CA    . HIS A 1 24  ? -9.989  26.365  -7.291  1.00 57.00  ? 463 HIS A CA    1 
ATOM   175  C C     . HIS A 1 24  ? -11.330 25.913  -7.865  1.00 56.52  ? 463 HIS A C     1 
ATOM   176  O O     . HIS A 1 24  ? -11.334 25.217  -8.880  1.00 58.07  ? 463 HIS A O     1 
ATOM   177  C CB    . HIS A 1 24  ? -9.011  25.181  -7.277  1.00 55.75  ? 463 HIS A CB    1 
ATOM   178  C CG    . HIS A 1 24  ? -7.593  25.570  -6.974  1.00 58.64  ? 463 HIS A CG    1 
ATOM   179  N ND1   . HIS A 1 24  ? -6.737  26.072  -7.932  1.00 59.14  ? 463 HIS A ND1   1 
ATOM   180  C CD2   . HIS A 1 24  ? -6.883  25.533  -5.821  1.00 59.78  ? 463 HIS A CD2   1 
ATOM   181  C CE1   . HIS A 1 24  ? -5.566  26.334  -7.381  1.00 61.39  ? 463 HIS A CE1   1 
ATOM   182  N NE2   . HIS A 1 24  ? -5.627  26.017  -6.101  1.00 60.32  ? 463 HIS A NE2   1 
ATOM   183  N N     . LYS A 1 25  ? -12.456 26.240  -7.219  1.00 56.24  ? 464 LYS A N     1 
ATOM   184  C CA    . LYS A 1 25  ? -13.794 26.107  -7.817  1.00 57.41  ? 464 LYS A CA    1 
ATOM   185  C C     . LYS A 1 25  ? -14.118 24.682  -8.288  1.00 60.19  ? 464 LYS A C     1 
ATOM   186  O O     . LYS A 1 25  ? -14.773 24.476  -9.311  1.00 63.09  ? 464 LYS A O     1 
ATOM   187  C CB    . LYS A 1 25  ? -13.967 27.085  -8.979  1.00 55.43  ? 464 LYS A CB    1 
ATOM   188  N N     . LEU A 1 26  ? -13.696 23.683  -7.530  1.00 59.70  ? 465 LEU A N     1 
ATOM   189  C CA    . LEU A 1 26  ? -13.941 22.311  -7.960  1.00 62.76  ? 465 LEU A CA    1 
ATOM   190  C C     . LEU A 1 26  ? -15.431 21.962  -7.842  1.00 62.11  ? 465 LEU A C     1 
ATOM   191  O O     . LEU A 1 26  ? -16.126 22.496  -6.986  1.00 64.35  ? 465 LEU A O     1 
ATOM   192  C CB    . LEU A 1 26  ? -13.079 21.339  -7.151  1.00 58.03  ? 465 LEU A CB    1 
ATOM   193  C CG    . LEU A 1 26  ? -11.569 21.625  -7.145  1.00 63.67  ? 465 LEU A CG    1 
ATOM   194  C CD1   . LEU A 1 26  ? -10.894 20.652  -6.252  1.00 63.70  ? 465 LEU A CD1   1 
ATOM   195  C CD2   . LEU A 1 26  ? -10.959 21.631  -8.518  1.00 60.57  ? 465 LEU A CD2   1 
ATOM   196  N N     . PRO A 1 27  ? -15.947 21.078  -8.703  1.00 59.53  ? 466 PRO A N     1 
ATOM   197  C CA    . PRO A 1 27  ? -17.390 20.787  -8.690  1.00 56.64  ? 466 PRO A CA    1 
ATOM   198  C C     . PRO A 1 27  ? -17.808 20.112  -7.394  1.00 59.62  ? 466 PRO A C     1 
ATOM   199  O O     . PRO A 1 27  ? -16.979 19.646  -6.607  1.00 57.76  ? 466 PRO A O     1 
ATOM   200  C CB    . PRO A 1 27  ? -17.588 19.833  -9.876  1.00 57.45  ? 466 PRO A CB    1 
ATOM   201  C CG    . PRO A 1 27  ? -16.269 19.707  -10.545 1.00 61.19  ? 466 PRO A CG    1 
ATOM   202  C CD    . PRO A 1 27  ? -15.219 20.125  -9.548  1.00 61.13  ? 466 PRO A CD    1 
ATOM   203  N N     . ALA A 1 28  ? -19.133 20.003  -7.211  1.00 59.09  ? 467 ALA A N     1 
ATOM   204  C CA    . ALA A 1 28  ? -19.673 19.482  -5.948  1.00 65.09  ? 467 ALA A CA    1 
ATOM   205  C C     . ALA A 1 28  ? -19.353 18.001  -5.755  1.00 59.23  ? 467 ALA A C     1 
ATOM   206  O O     . ALA A 1 28  ? -18.998 17.582  -4.649  1.00 66.18  ? 467 ALA A O     1 
ATOM   207  C CB    . ALA A 1 28  ? -21.186 19.709  -5.876  1.00 56.78  ? 467 ALA A CB    1 
ATOM   208  N N     . ASP A 1 29  ? -19.499 17.193  -6.804  1.00 56.30  ? 468 ASP A N     1 
ATOM   209  C CA    . ASP A 1 29  ? -19.205 15.766  -6.702  1.00 58.18  ? 468 ASP A CA    1 
ATOM   210  C C     . ASP A 1 29  ? -17.742 15.513  -6.363  1.00 61.97  ? 468 ASP A C     1 
ATOM   211  O O     . ASP A 1 29  ? -17.419 14.560  -5.647  1.00 64.47  ? 468 ASP A O     1 
ATOM   212  C CB    . ASP A 1 29  ? -19.548 15.065  -8.014  1.00 64.15  ? 468 ASP A CB    1 
ATOM   213  C CG    . ASP A 1 29  ? -21.035 14.928  -8.238  1.00 74.76  ? 468 ASP A CG    1 
ATOM   214  O OD1   . ASP A 1 29  ? -21.417 14.052  -9.046  1.00 81.24  ? 468 ASP A OD1   1 
ATOM   215  O OD2   . ASP A 1 29  ? -21.821 15.684  -7.614  1.00 75.55  ? 468 ASP A OD2   1 
ATOM   216  N N     . PHE A 1 30  ? -16.836 16.318  -6.911  1.00 55.87  ? 469 PHE A N     1 
ATOM   217  C CA    . PHE A 1 30  ? -15.434 16.096  -6.600  1.00 59.71  ? 469 PHE A CA    1 
ATOM   218  C C     . PHE A 1 30  ? -15.143 16.459  -5.147  1.00 59.43  ? 469 PHE A C     1 
ATOM   219  O O     . PHE A 1 30  ? -14.397 15.742  -4.456  1.00 54.35  ? 469 PHE A O     1 
ATOM   220  C CB    . PHE A 1 30  ? -14.550 16.884  -7.559  1.00 59.27  ? 469 PHE A CB    1 
ATOM   221  C CG    . PHE A 1 30  ? -13.122 16.503  -7.470  1.00 63.67  ? 469 PHE A CG    1 
ATOM   222  C CD1   . PHE A 1 30  ? -12.756 15.170  -7.523  1.00 65.10  ? 469 PHE A CD1   1 
ATOM   223  C CD2   . PHE A 1 30  ? -12.143 17.452  -7.308  1.00 69.92  ? 469 PHE A CD2   1 
ATOM   224  C CE1   . PHE A 1 30  ? -11.442 14.797  -7.420  1.00 59.98  ? 469 PHE A CE1   1 
ATOM   225  C CE2   . PHE A 1 30  ? -10.822 17.081  -7.209  1.00 69.60  ? 469 PHE A CE2   1 
ATOM   226  C CZ    . PHE A 1 30  ? -10.475 15.754  -7.258  1.00 59.88  ? 469 PHE A CZ    1 
ATOM   227  N N     . ARG A 1 31  ? -15.769 17.540  -4.660  1.00 56.81  ? 470 ARG A N     1 
ATOM   228  C CA    . ARG A 1 31  ? -15.623 17.942  -3.264  1.00 59.90  ? 470 ARG A CA    1 
ATOM   229  C C     . ARG A 1 31  ? -16.097 16.851  -2.319  1.00 55.94  ? 470 ARG A C     1 
ATOM   230  O O     . ARG A 1 31  ? -15.423 16.551  -1.329  1.00 55.56  ? 470 ARG A O     1 
ATOM   231  C CB    . ARG A 1 31  ? -16.398 19.234  -2.980  1.00 58.28  ? 470 ARG A CB    1 
ATOM   232  C CG    . ARG A 1 31  ? -15.841 20.483  -3.659  1.00 61.75  ? 470 ARG A CG    1 
ATOM   233  C CD    . ARG A 1 31  ? -16.458 21.799  -3.093  1.00 64.45  ? 470 ARG A CD    1 
ATOM   234  N NE    . ARG A 1 31  ? -16.367 22.881  -4.083  1.00 71.51  ? 470 ARG A NE    1 
ATOM   235  C CZ    . ARG A 1 31  ? -16.386 24.193  -3.823  1.00 75.13  ? 470 ARG A CZ    1 
ATOM   236  N NH1   . ARG A 1 31  ? -16.479 24.646  -2.572  1.00 65.53  ? 470 ARG A NH1   1 
ATOM   237  N NH2   . ARG A 1 31  ? -16.304 25.065  -4.836  1.00 73.23  ? 470 ARG A NH2   1 
ATOM   238  N N     . GLN A 1 32  ? -17.260 16.253  -2.595  1.00 58.80  ? 471 GLN A N     1 
ATOM   239  C CA    . GLN A 1 32  ? -17.749 15.210  -1.698  1.00 60.12  ? 471 GLN A CA    1 
ATOM   240  C C     . GLN A 1 32  ? -16.847 13.997  -1.753  1.00 58.64  ? 471 GLN A C     1 
ATOM   241  O O     . GLN A 1 32  ? -16.597 13.353  -0.723  1.00 56.12  ? 471 GLN A O     1 
ATOM   242  C CB    . GLN A 1 32  ? -19.177 14.792  -2.032  1.00 59.64  ? 471 GLN A CB    1 
ATOM   243  C CG    . GLN A 1 32  ? -19.799 13.967  -0.894  1.00 67.65  ? 471 GLN A CG    1 
ATOM   244  C CD    . GLN A 1 32  ? -20.446 14.867  0.155   1.00 71.91  ? 471 GLN A CD    1 
ATOM   245  O OE1   . GLN A 1 32  ? -20.700 16.045  -0.106  1.00 74.63  ? 471 GLN A OE1   1 
ATOM   246  N NE2   . GLN A 1 32  ? -20.670 14.334  1.353   1.00 78.77  ? 471 GLN A NE2   1 
ATOM   247  N N     . LYS A 1 33  ? -16.371 13.658  -2.954  1.00 55.54  ? 472 LYS A N     1 
ATOM   248  C CA    . LYS A 1 33  ? -15.409 12.571  -3.082  1.00 55.59  ? 472 LYS A CA    1 
ATOM   249  C C     . LYS A 1 33  ? -14.188 12.815  -2.190  1.00 57.70  ? 472 LYS A C     1 
ATOM   250  O O     . LYS A 1 33  ? -13.722 11.906  -1.487  1.00 54.48  ? 472 LYS A O     1 
ATOM   251  C CB    . LYS A 1 33  ? -15.012 12.416  -4.552  1.00 52.80  ? 472 LYS A CB    1 
ATOM   252  C CG    . LYS A 1 33  ? -14.132 11.210  -4.842  1.00 59.15  ? 472 LYS A CG    1 
ATOM   253  C CD    . LYS A 1 33  ? -13.704 11.134  -6.336  1.00 58.89  ? 472 LYS A CD    1 
ATOM   254  C CE    . LYS A 1 33  ? -12.915 9.859   -6.632  1.00 61.28  ? 472 LYS A CE    1 
ATOM   255  N NZ    . LYS A 1 33  ? -12.884 9.588   -8.114  1.00 70.61  ? 472 LYS A NZ    1 
ATOM   256  N N     . ILE A 1 34  ? -13.687 14.055  -2.168  1.00 54.91  ? 473 ILE A N     1 
ATOM   257  C CA    . ILE A 1 34  ? -12.569 14.394  -1.294  1.00 57.44  ? 473 ILE A CA    1 
ATOM   258  C C     . ILE A 1 34  ? -12.989 14.347  0.176   1.00 53.90  ? 473 ILE A C     1 
ATOM   259  O O     . ILE A 1 34  ? -12.231 13.888  1.037   1.00 53.34  ? 473 ILE A O     1 
ATOM   260  C CB    . ILE A 1 34  ? -11.999 15.764  -1.698  1.00 54.38  ? 473 ILE A CB    1 
ATOM   261  C CG1   . ILE A 1 34  ? -11.171 15.608  -2.967  1.00 55.23  ? 473 ILE A CG1   1 
ATOM   262  C CG2   . ILE A 1 34  ? -11.152 16.353  -0.613  1.00 54.19  ? 473 ILE A CG2   1 
ATOM   263  C CD1   . ILE A 1 34  ? -11.268 16.801  -3.891  1.00 59.53  ? 473 ILE A CD1   1 
ATOM   264  N N     . HIS A 1 35  ? -14.208 14.796  0.484   1.00 58.98  ? 474 HIS A N     1 
ATOM   265  C CA    . HIS A 1 35  ? -14.712 14.692  1.857   1.00 60.60  ? 474 HIS A CA    1 
ATOM   266  C C     . HIS A 1 35  ? -14.648 13.258  2.360   1.00 57.49  ? 474 HIS A C     1 
ATOM   267  O O     . HIS A 1 35  ? -14.194 13.007  3.483   1.00 57.33  ? 474 HIS A O     1 
ATOM   268  C CB    . HIS A 1 35  ? -16.156 15.197  1.928   1.00 62.51  ? 474 HIS A CB    1 
ATOM   269  C CG    . HIS A 1 35  ? -16.747 15.175  3.306   1.00 68.60  ? 474 HIS A CG    1 
ATOM   270  N ND1   . HIS A 1 35  ? -16.532 16.181  4.226   1.00 73.58  ? 474 HIS A ND1   1 
ATOM   271  C CD2   . HIS A 1 35  ? -17.572 14.284  3.910   1.00 71.04  ? 474 HIS A CD2   1 
ATOM   272  C CE1   . HIS A 1 35  ? -17.191 15.907  5.339   1.00 74.18  ? 474 HIS A CE1   1 
ATOM   273  N NE2   . HIS A 1 35  ? -17.830 14.762  5.175   1.00 75.56  ? 474 HIS A NE2   1 
ATOM   274  N N     . ASP A 1 36  ? -15.090 12.303  1.529   1.00 53.40  ? 475 ASP A N     1 
ATOM   275  C CA    . ASP A 1 36  ? -15.186 10.905  1.945   1.00 55.56  ? 475 ASP A CA    1 
ATOM   276  C C     . ASP A 1 36  ? -13.810 10.283  2.120   1.00 56.77  ? 475 ASP A C     1 
ATOM   277  O O     . ASP A 1 36  ? -13.550 9.599   3.115   1.00 54.76  ? 475 ASP A O     1 
ATOM   278  C CB    . ASP A 1 36  ? -15.993 10.106  0.929   1.00 54.62  ? 475 ASP A CB    1 
ATOM   279  C CG    . ASP A 1 36  ? -17.392 10.605  0.796   1.00 63.42  ? 475 ASP A CG    1 
ATOM   280  O OD1   . ASP A 1 36  ? -18.095 10.190  -0.148  1.00 65.82  ? 475 ASP A OD1   1 
ATOM   281  O OD2   . ASP A 1 36  ? -17.808 11.421  1.643   1.00 65.20  ? 475 ASP A OD2   1 
ATOM   282  N N     . TYR A 1 37  ? -12.928 10.475  1.133   1.00 57.70  ? 476 TYR A N     1 
ATOM   283  C CA    . TYR A 1 37  ? -11.518 10.156  1.322   1.00 53.86  ? 476 TYR A CA    1 
ATOM   284  C C     . TYR A 1 37  ? -11.036 10.652  2.673   1.00 53.01  ? 476 TYR A C     1 
ATOM   285  O O     . TYR A 1 37  ? -10.529 9.882   3.486   1.00 51.80  ? 476 TYR A O     1 
ATOM   286  C CB    . TYR A 1 37  ? -10.670 10.788  0.212   1.00 50.50  ? 476 TYR A CB    1 
ATOM   287  C CG    . TYR A 1 37  ? -9.198  10.614  0.478   1.00 51.77  ? 476 TYR A CG    1 
ATOM   288  C CD1   . TYR A 1 37  ? -8.557  9.451   0.097   1.00 49.48  ? 476 TYR A CD1   1 
ATOM   289  C CD2   . TYR A 1 37  ? -8.462  11.584  1.155   1.00 50.25  ? 476 TYR A CD2   1 
ATOM   290  C CE1   . TYR A 1 37  ? -7.223  9.256   0.349   1.00 55.35  ? 476 TYR A CE1   1 
ATOM   291  C CE2   . TYR A 1 37  ? -7.104  11.400  1.408   1.00 55.57  ? 476 TYR A CE2   1 
ATOM   292  C CZ    . TYR A 1 37  ? -6.492  10.228  1.002   1.00 57.43  ? 476 TYR A CZ    1 
ATOM   293  O OH    . TYR A 1 37  ? -5.146  10.001  1.227   1.00 56.80  ? 476 TYR A OH    1 
ATOM   294  N N     . TYR A 1 38  ? -11.225 11.940  2.942   1.00 51.92  ? 477 TYR A N     1 
ATOM   295  C CA    . TYR A 1 38  ? -10.700 12.489  4.181   1.00 57.41  ? 477 TYR A CA    1 
ATOM   296  C C     . TYR A 1 38  ? -11.247 11.765  5.413   1.00 60.63  ? 477 TYR A C     1 
ATOM   297  O O     . TYR A 1 38  ? -10.518 11.584  6.401   1.00 59.92  ? 477 TYR A O     1 
ATOM   298  C CB    . TYR A 1 38  ? -11.003 13.976  4.230   1.00 60.66  ? 477 TYR A CB    1 
ATOM   299  C CG    . TYR A 1 38  ? -9.849  14.798  4.710   1.00 65.46  ? 477 TYR A CG    1 
ATOM   300  C CD1   . TYR A 1 38  ? -8.892  15.267  3.828   1.00 67.86  ? 477 TYR A CD1   1 
ATOM   301  C CD2   . TYR A 1 38  ? -9.719  15.117  6.053   1.00 72.03  ? 477 TYR A CD2   1 
ATOM   302  C CE1   . TYR A 1 38  ? -7.827  16.029  4.275   1.00 72.87  ? 477 TYR A CE1   1 
ATOM   303  C CE2   . TYR A 1 38  ? -8.666  15.880  6.511   1.00 75.31  ? 477 TYR A CE2   1 
ATOM   304  C CZ    . TYR A 1 38  ? -7.723  16.331  5.620   1.00 79.29  ? 477 TYR A CZ    1 
ATOM   305  O OH    . TYR A 1 38  ? -6.674  17.091  6.091   1.00 101.97 ? 477 TYR A OH    1 
ATOM   306  N N     . GLU A 1 39  ? -12.507 11.309  5.361   1.00 58.08  ? 478 GLU A N     1 
ATOM   307  C CA    . GLU A 1 39  ? -13.102 10.606  6.500   1.00 63.89  ? 478 GLU A CA    1 
ATOM   308  C C     . GLU A 1 39  ? -12.609 9.166   6.601   1.00 61.23  ? 478 GLU A C     1 
ATOM   309  O O     . GLU A 1 39  ? -12.379 8.662   7.708   1.00 58.21  ? 478 GLU A O     1 
ATOM   310  C CB    . GLU A 1 39  ? -14.630 10.627  6.405   1.00 63.14  ? 478 GLU A CB    1 
ATOM   311  C CG    . GLU A 1 39  ? -15.255 11.977  6.715   1.00 68.45  ? 478 GLU A CG    1 
ATOM   312  C CD    . GLU A 1 39  ? -16.777 11.975  6.615   1.00 72.62  ? 478 GLU A CD    1 
ATOM   313  O OE1   . GLU A 1 39  ? -17.336 11.127  5.892   1.00 74.82  ? 478 GLU A OE1   1 
ATOM   314  O OE2   . GLU A 1 39  ? -17.415 12.837  7.247   1.00 74.86  ? 478 GLU A OE2   1 
ATOM   315  N N     . HIS A 1 40  ? -12.459 8.475   5.470   1.00 59.18  ? 479 HIS A N     1 
ATOM   316  C CA    . HIS A 1 40  ? -11.954 7.110   5.540   1.00 52.77  ? 479 HIS A CA    1 
ATOM   317  C C     . HIS A 1 40  ? -10.490 7.095   5.920   1.00 53.88  ? 479 HIS A C     1 
ATOM   318  O O     . HIS A 1 40  ? -10.038 6.178   6.609   1.00 57.87  ? 479 HIS A O     1 
ATOM   319  C CB    . HIS A 1 40  ? -12.153 6.372   4.217   1.00 54.75  ? 479 HIS A CB    1 
ATOM   320  C CG    . HIS A 1 40  ? -13.572 5.959   3.948   1.00 59.72  ? 479 HIS A CG    1 
ATOM   321  N ND1   . HIS A 1 40  ? -13.960 4.637   3.851   1.00 57.75  ? 479 HIS A ND1   1 
ATOM   322  C CD2   . HIS A 1 40  ? -14.686 6.695   3.725   1.00 55.07  ? 479 HIS A CD2   1 
ATOM   323  C CE1   . HIS A 1 40  ? -15.251 4.577   3.582   1.00 61.22  ? 479 HIS A CE1   1 
ATOM   324  N NE2   . HIS A 1 40  ? -15.717 5.811   3.506   1.00 62.36  ? 479 HIS A NE2   1 
ATOM   325  N N     . ARG A 1 41  ? -9.726  8.092   5.466   1.00 56.00  ? 480 ARG A N     1 
ATOM   326  C CA    . ARG A 1 41  ? -8.276  8.043   5.631   1.00 54.79  ? 480 ARG A CA    1 
ATOM   327  C C     . ARG A 1 41  ? -7.830  8.475   7.030   1.00 58.39  ? 480 ARG A C     1 
ATOM   328  O O     . ARG A 1 41  ? -6.876  7.911   7.573   1.00 58.76  ? 480 ARG A O     1 
ATOM   329  C CB    . ARG A 1 41  ? -7.601  8.916   4.583   1.00 56.37  ? 480 ARG A CB    1 
ATOM   330  C CG    . ARG A 1 41  ? -6.120  9.245   4.891   1.00 60.28  ? 480 ARG A CG    1 
ATOM   331  C CD    . ARG A 1 41  ? -5.166  8.045   4.695   1.00 57.47  ? 480 ARG A CD    1 
ATOM   332  N NE    . ARG A 1 41  ? -3.776  8.505   4.804   1.00 60.54  ? 480 ARG A NE    1 
ATOM   333  C CZ    . ARG A 1 41  ? -3.140  8.622   5.965   1.00 58.92  ? 480 ARG A CZ    1 
ATOM   334  N NH1   . ARG A 1 41  ? -3.766  8.286   7.080   1.00 60.22  ? 480 ARG A NH1   1 
ATOM   335  N NH2   . ARG A 1 41  ? -1.898  9.075   6.026   1.00 56.18  ? 480 ARG A NH2   1 
ATOM   336  N N     . TYR A 1 42  ? -8.480  9.482   7.621   1.00 58.67  ? 481 TYR A N     1 
ATOM   337  C CA    . TYR A 1 42  ? -8.050  10.014  8.912   1.00 57.42  ? 481 TYR A CA    1 
ATOM   338  C C     . TYR A 1 42  ? -9.042  9.797   10.043  1.00 60.04  ? 481 TYR A C     1 
ATOM   339  O O     . TYR A 1 42  ? -8.643  9.904   11.212  1.00 60.41  ? 481 TYR A O     1 
ATOM   340  C CB    . TYR A 1 42  ? -7.759  11.515  8.811   1.00 55.68  ? 481 TYR A CB    1 
ATOM   341  C CG    . TYR A 1 42  ? -6.614  11.822  7.884   1.00 58.82  ? 481 TYR A CG    1 
ATOM   342  C CD1   . TYR A 1 42  ? -5.310  11.501  8.238   1.00 61.06  ? 481 TYR A CD1   1 
ATOM   343  C CD2   . TYR A 1 42  ? -6.832  12.444  6.670   1.00 57.94  ? 481 TYR A CD2   1 
ATOM   344  C CE1   . TYR A 1 42  ? -4.251  11.767  7.392   1.00 62.81  ? 481 TYR A CE1   1 
ATOM   345  C CE2   . TYR A 1 42  ? -5.789  12.726  5.819   1.00 65.03  ? 481 TYR A CE2   1 
ATOM   346  C CZ    . TYR A 1 42  ? -4.493  12.385  6.184   1.00 67.02  ? 481 TYR A CZ    1 
ATOM   347  O OH    . TYR A 1 42  ? -3.448  12.665  5.333   1.00 68.37  ? 481 TYR A OH    1 
ATOM   348  N N     . GLN A 1 43  ? -10.320 9.538   9.726   1.00 56.60  ? 482 GLN A N     1 
ATOM   349  C CA    . GLN A 1 43  ? -11.316 9.072   10.706  1.00 64.33  ? 482 GLN A CA    1 
ATOM   350  C C     . GLN A 1 43  ? -11.469 10.046  11.874  1.00 67.92  ? 482 GLN A C     1 
ATOM   351  O O     . GLN A 1 43  ? -11.671 9.652   13.026  1.00 67.84  ? 482 GLN A O     1 
ATOM   352  C CB    . GLN A 1 43  ? -10.980 7.658   11.181  1.00 60.69  ? 482 GLN A CB    1 
ATOM   353  C CG    . GLN A 1 43  ? -10.922 6.676   10.001  1.00 66.00  ? 482 GLN A CG    1 
ATOM   354  C CD    . GLN A 1 43  ? -10.357 5.327   10.377  1.00 67.45  ? 482 GLN A CD    1 
ATOM   355  O OE1   . GLN A 1 43  ? -9.182  5.045   10.147  1.00 71.57  ? 482 GLN A OE1   1 
ATOM   356  N NE2   . GLN A 1 43  ? -11.196 4.478   10.949  1.00 69.63  ? 482 GLN A NE2   1 
ATOM   357  N N     . GLY A 1 44  ? -11.338 11.333  11.574  1.00 66.09  ? 483 GLY A N     1 
ATOM   358  C CA    . GLY A 1 44  ? -11.683 12.365  12.513  1.00 66.39  ? 483 GLY A CA    1 
ATOM   359  C C     . GLY A 1 44  ? -10.553 12.872  13.364  1.00 66.55  ? 483 GLY A C     1 
ATOM   360  O O     . GLY A 1 44  ? -10.767 13.799  14.150  1.00 68.87  ? 483 GLY A O     1 
ATOM   361  N N     . LYS A 1 45  ? -9.363  12.301  13.234  1.00 62.91  ? 484 LYS A N     1 
ATOM   362  C CA    . LYS A 1 45  ? -8.206  12.702  14.010  1.00 68.12  ? 484 LYS A CA    1 
ATOM   363  C C     . LYS A 1 45  ? -7.019  12.809  13.069  1.00 70.43  ? 484 LYS A C     1 
ATOM   364  O O     . LYS A 1 45  ? -6.925  12.091  12.065  1.00 64.69  ? 484 LYS A O     1 
ATOM   365  C CB    . LYS A 1 45  ? -7.938  11.712  15.150  1.00 70.63  ? 484 LYS A CB    1 
ATOM   366  C CG    . LYS A 1 45  ? -9.172  11.441  16.020  1.00 71.18  ? 484 LYS A CG    1 
ATOM   367  C CD    . LYS A 1 45  ? -8.836  10.703  17.308  1.00 76.87  ? 484 LYS A CD    1 
ATOM   368  C CE    . LYS A 1 45  ? -10.047 9.910   17.822  1.00 80.78  ? 484 LYS A CE    1 
ATOM   369  N NZ    . LYS A 1 45  ? -9.767  9.101   19.053  1.00 76.75  ? 484 LYS A NZ    1 
ATOM   370  N N     . MET A 1 46  ? -6.134  13.745  13.378  1.00 66.50  ? 485 MET A N     1 
ATOM   371  C CA    . MET A 1 46  ? -4.936  13.932  12.585  1.00 71.31  ? 485 MET A CA    1 
ATOM   372  C C     . MET A 1 46  ? -3.743  14.012  13.516  1.00 80.09  ? 485 MET A C     1 
ATOM   373  O O     . MET A 1 46  ? -3.778  14.730  14.527  1.00 76.89  ? 485 MET A O     1 
ATOM   374  C CB    . MET A 1 46  ? -5.021  15.181  11.725  1.00 75.25  ? 485 MET A CB    1 
ATOM   375  C CG    . MET A 1 46  ? -3.950  15.216  10.679  1.00 79.11  ? 485 MET A CG    1 
ATOM   376  S SD    . MET A 1 46  ? -4.493  16.158  9.250   1.00 87.13  ? 485 MET A SD    1 
ATOM   377  C CE    . MET A 1 46  ? -6.019  15.324  8.828   1.00 69.32  ? 485 MET A CE    1 
ATOM   378  N N     . PHE A 1 47  ? -2.700  13.267  13.162  1.00 74.21  ? 486 PHE A N     1 
ATOM   379  C CA    . PHE A 1 47  ? -1.499  13.135  13.960  1.00 77.80  ? 486 PHE A CA    1 
ATOM   380  C C     . PHE A 1 47  ? -0.275  13.433  13.101  1.00 82.59  ? 486 PHE A C     1 
ATOM   381  O O     . PHE A 1 47  ? -0.134  12.898  11.992  1.00 82.07  ? 486 PHE A O     1 
ATOM   382  C CB    . PHE A 1 47  ? -1.388  11.720  14.558  1.00 78.93  ? 486 PHE A CB    1 
ATOM   383  C CG    . PHE A 1 47  ? -2.490  11.370  15.524  1.00 71.74  ? 486 PHE A CG    1 
ATOM   384  C CD1   . PHE A 1 47  ? -2.643  12.069  16.707  1.00 71.30  ? 486 PHE A CD1   1 
ATOM   385  C CD2   . PHE A 1 47  ? -3.344  10.314  15.264  1.00 68.82  ? 486 PHE A CD2   1 
ATOM   386  C CE1   . PHE A 1 47  ? -3.647  11.734  17.614  1.00 73.34  ? 486 PHE A CE1   1 
ATOM   387  C CE2   . PHE A 1 47  ? -4.356  9.971   16.165  1.00 71.54  ? 486 PHE A CE2   1 
ATOM   388  C CZ    . PHE A 1 47  ? -4.511  10.681  17.348  1.00 70.04  ? 486 PHE A CZ    1 
ATOM   389  N N     . ASP A 1 48  ? 0.612   14.282  13.619  1.00 80.12  ? 487 ASP A N     1 
ATOM   390  C CA    . ASP A 1 48  ? 1.912   14.524  12.996  1.00 82.33  ? 487 ASP A CA    1 
ATOM   391  C C     . ASP A 1 48  ? 2.783   13.302  13.293  1.00 81.99  ? 487 ASP A C     1 
ATOM   392  O O     . ASP A 1 48  ? 3.655   13.306  14.167  1.00 81.32  ? 487 ASP A O     1 
ATOM   393  C CB    . ASP A 1 48  ? 2.507   15.824  13.525  1.00 84.00  ? 487 ASP A CB    1 
ATOM   394  C CG    . ASP A 1 48  ? 3.820   16.200  12.857  1.00 84.67  ? 487 ASP A CG    1 
ATOM   395  O OD1   . ASP A 1 48  ? 4.236   15.528  11.883  1.00 79.90  ? 487 ASP A OD1   1 
ATOM   396  O OD2   . ASP A 1 48  ? 4.435   17.192  13.321  1.00 86.36  ? 487 ASP A OD2   1 
ATOM   397  N N     . GLU A 1 49  ? 2.531   12.227  12.538  1.00 79.27  ? 488 GLU A N     1 
ATOM   398  C CA    . GLU A 1 49  ? 3.040   10.916  12.929  1.00 79.18  ? 488 GLU A CA    1 
ATOM   399  C C     . GLU A 1 49  ? 4.559   10.843  12.802  1.00 76.95  ? 488 GLU A C     1 
ATOM   400  O O     . GLU A 1 49  ? 5.224   10.192  13.615  1.00 72.76  ? 488 GLU A O     1 
ATOM   401  C CB    . GLU A 1 49  ? 2.355   9.825   12.099  1.00 82.64  ? 488 GLU A CB    1 
ATOM   402  C CG    . GLU A 1 49  ? 2.633   8.394   12.573  1.00 85.14  ? 488 GLU A CG    1 
ATOM   403  C CD    . GLU A 1 49  ? 1.680   7.369   11.962  1.00 94.85  ? 488 GLU A CD    1 
ATOM   404  O OE1   . GLU A 1 49  ? 0.722   7.799   11.279  1.00 100.69 ? 488 GLU A OE1   1 
ATOM   405  O OE2   . GLU A 1 49  ? 1.878   6.141   12.169  1.00 89.69  ? 488 GLU A OE2   1 
ATOM   406  N N     . ASP A 1 50  ? 5.131   11.504  11.800  1.00 79.10  ? 489 ASP A N     1 
ATOM   407  C CA    . ASP A 1 50  ? 6.584   11.506  11.689  1.00 81.33  ? 489 ASP A CA    1 
ATOM   408  C C     . ASP A 1 50  ? 7.216   12.091  12.945  1.00 77.48  ? 489 ASP A C     1 
ATOM   409  O O     . ASP A 1 50  ? 8.182   11.538  13.485  1.00 76.78  ? 489 ASP A O     1 
ATOM   410  C CB    . ASP A 1 50  ? 7.028   12.281  10.442  1.00 85.43  ? 489 ASP A CB    1 
ATOM   411  C CG    . ASP A 1 50  ? 6.733   11.527  9.144   1.00 91.16  ? 489 ASP A CG    1 
ATOM   412  O OD1   . ASP A 1 50  ? 6.518   10.293  9.202   1.00 87.65  ? 489 ASP A OD1   1 
ATOM   413  O OD2   . ASP A 1 50  ? 6.726   12.170  8.067   1.00 94.16  ? 489 ASP A OD2   1 
ATOM   414  N N     . SER A 1 51  ? 6.653   13.184  13.447  1.00 74.68  ? 490 SER A N     1 
ATOM   415  C CA    . SER A 1 51  ? 7.226   13.836  14.618  1.00 75.50  ? 490 SER A CA    1 
ATOM   416  C C     . SER A 1 51  ? 6.995   13.020  15.886  1.00 71.15  ? 490 SER A C     1 
ATOM   417  O O     . SER A 1 51  ? 7.873   12.954  16.749  1.00 72.11  ? 490 SER A O     1 
ATOM   418  C CB    . SER A 1 51  ? 6.636   15.234  14.775  1.00 79.87  ? 490 SER A CB    1 
ATOM   419  O OG    . SER A 1 51  ? 7.293   15.929  15.817  1.00 82.35  ? 490 SER A OG    1 
ATOM   420  N N     . ILE A 1 52  ? 5.824   12.392  16.023  1.00 72.27  ? 491 ILE A N     1 
ATOM   421  C CA    . ILE A 1 52  ? 5.551   11.597  17.221  1.00 69.61  ? 491 ILE A CA    1 
ATOM   422  C C     . ILE A 1 52  ? 6.541   10.448  17.333  1.00 68.24  ? 491 ILE A C     1 
ATOM   423  O O     . ILE A 1 52  ? 7.272   10.322  18.324  1.00 65.99  ? 491 ILE A O     1 
ATOM   424  C CB    . ILE A 1 52  ? 4.104   11.090  17.215  1.00 65.90  ? 491 ILE A CB    1 
ATOM   425  C CG1   . ILE A 1 52  ? 3.163   12.252  17.539  1.00 67.74  ? 491 ILE A CG1   1 
ATOM   426  C CG2   . ILE A 1 52  ? 3.936   9.959   18.211  1.00 62.03  ? 491 ILE A CG2   1 
ATOM   427  C CD1   . ILE A 1 52  ? 1.735   11.954  17.249  1.00 67.99  ? 491 ILE A CD1   1 
ATOM   428  N N     . LEU A 1 53  ? 6.593   9.595   16.311  1.00 65.44  ? 492 LEU A N     1 
ATOM   429  C CA    . LEU A 1 53  ? 7.472   8.442   16.399  1.00 63.76  ? 492 LEU A CA    1 
ATOM   430  C C     . LEU A 1 53  ? 8.933   8.859   16.414  1.00 62.53  ? 492 LEU A C     1 
ATOM   431  O O     . LEU A 1 53  ? 9.773   8.107   16.916  1.00 62.81  ? 492 LEU A O     1 
ATOM   432  C CB    . LEU A 1 53  ? 7.190   7.454   15.253  1.00 66.04  ? 492 LEU A CB    1 
ATOM   433  C CG    . LEU A 1 53  ? 5.793   6.803   15.154  1.00 67.27  ? 492 LEU A CG    1 
ATOM   434  C CD1   . LEU A 1 53  ? 5.842   5.403   14.572  1.00 69.40  ? 492 LEU A CD1   1 
ATOM   435  C CD2   . LEU A 1 53  ? 5.061   6.780   16.478  1.00 67.57  ? 492 LEU A CD2   1 
ATOM   436  N N     . GLY A 1 54  ? 9.249   10.044  15.895  1.00 62.73  ? 493 GLY A N     1 
ATOM   437  C CA    . GLY A 1 54  ? 10.613  10.531  15.961  1.00 67.23  ? 493 GLY A CA    1 
ATOM   438  C C     . GLY A 1 54  ? 11.034  10.948  17.352  1.00 68.07  ? 493 GLY A C     1 
ATOM   439  O O     . GLY A 1 54  ? 12.236  10.977  17.645  1.00 67.12  ? 493 GLY A O     1 
ATOM   440  N N     . GLU A 1 55  ? 10.069  11.273  18.211  1.00 62.11  ? 494 GLU A N     1 
ATOM   441  C CA    . GLU A 1 55  ? 10.347  11.517  19.619  1.00 67.59  ? 494 GLU A CA    1 
ATOM   442  C C     . GLU A 1 55  ? 10.750  10.246  20.366  1.00 63.42  ? 494 GLU A C     1 
ATOM   443  O O     . GLU A 1 55  ? 11.321  10.347  21.457  1.00 60.21  ? 494 GLU A O     1 
ATOM   444  C CB    . GLU A 1 55  ? 9.117   12.163  20.278  1.00 66.65  ? 494 GLU A CB    1 
ATOM   445  C CG    . GLU A 1 55  ? 8.793   13.536  19.692  1.00 70.94  ? 494 GLU A CG    1 
ATOM   446  C CD    . GLU A 1 55  ? 7.531   14.154  20.254  1.00 78.82  ? 494 GLU A CD    1 
ATOM   447  O OE1   . GLU A 1 55  ? 6.858   13.487  21.064  1.00 79.01  ? 494 GLU A OE1   1 
ATOM   448  O OE2   . GLU A 1 55  ? 7.226   15.317  19.901  1.00 80.90  ? 494 GLU A OE2   1 
ATOM   449  N N     . LEU A 1 56  ? 10.491  9.065   19.801  1.00 59.36  ? 495 LEU A N     1 
ATOM   450  C CA    . LEU A 1 56  ? 10.692  7.799   20.496  1.00 58.60  ? 495 LEU A CA    1 
ATOM   451  C C     . LEU A 1 56  ? 12.066  7.225   20.145  1.00 58.32  ? 495 LEU A C     1 
ATOM   452  O O     . LEU A 1 56  ? 12.946  7.946   19.654  1.00 61.07  ? 495 LEU A O     1 
ATOM   453  C CB    . LEU A 1 56  ? 9.544   6.842   20.167  1.00 51.09  ? 495 LEU A CB    1 
ATOM   454  C CG    . LEU A 1 56  ? 8.166   7.418   20.480  1.00 54.34  ? 495 LEU A CG    1 
ATOM   455  C CD1   . LEU A 1 56  ? 7.099   6.393   20.230  1.00 55.89  ? 495 LEU A CD1   1 
ATOM   456  C CD2   . LEU A 1 56  ? 8.068   7.940   21.921  1.00 57.97  ? 495 LEU A CD2   1 
ATOM   457  N N     . ASN A 1 57  ? 12.278  5.940   20.418  1.00 56.77  ? 496 ASN A N     1 
ATOM   458  C CA    . ASN A 1 57  ? 13.501  5.263   19.995  1.00 55.63  ? 496 ASN A CA    1 
ATOM   459  C C     . ASN A 1 57  ? 13.128  4.079   19.124  1.00 55.11  ? 496 ASN A C     1 
ATOM   460  O O     . ASN A 1 57  ? 11.949  3.771   18.939  1.00 55.63  ? 496 ASN A O     1 
ATOM   461  C CB    . ASN A 1 57  ? 14.366  4.813   21.187  1.00 52.21  ? 496 ASN A CB    1 
ATOM   462  C CG    . ASN A 1 57  ? 13.646  3.836   22.131  1.00 56.34  ? 496 ASN A CG    1 
ATOM   463  O OD1   . ASN A 1 57  ? 12.644  3.219   21.777  1.00 58.39  ? 496 ASN A OD1   1 
ATOM   464  N ND2   . ASN A 1 57  ? 14.166  3.706   23.348  1.00 52.36  ? 496 ASN A ND2   1 
ATOM   465  N N     . GLY A 1 58  ? 14.150  3.430   18.574  1.00 54.52  ? 497 GLY A N     1 
ATOM   466  C CA    . GLY A 1 58  ? 13.953  2.305   17.701  1.00 52.49  ? 497 GLY A CA    1 
ATOM   467  C C     . GLY A 1 58  ? 13.064  1.224   18.288  1.00 55.68  ? 497 GLY A C     1 
ATOM   468  O O     . GLY A 1 58  ? 12.060  0.837   17.690  1.00 51.25  ? 497 GLY A O     1 
ATOM   469  N N     . PRO A 1 59  ? 13.413  0.708   19.472  1.00 53.10  ? 498 PRO A N     1 
ATOM   470  C CA    . PRO A 1 59  ? 12.579  -0.362  20.043  1.00 55.04  ? 498 PRO A CA    1 
ATOM   471  C C     . PRO A 1 59  ? 11.127  0.047   20.243  1.00 53.45  ? 498 PRO A C     1 
ATOM   472  O O     . PRO A 1 59  ? 10.214  -0.727  19.921  1.00 46.15  ? 498 PRO A O     1 
ATOM   473  C CB    . PRO A 1 59  ? 13.290  -0.683  21.366  1.00 58.72  ? 498 PRO A CB    1 
ATOM   474  C CG    . PRO A 1 59  ? 14.749  -0.314  21.071  1.00 56.58  ? 498 PRO A CG    1 
ATOM   475  C CD    . PRO A 1 59  ? 14.640  0.932   20.260  1.00 52.72  ? 498 PRO A CD    1 
ATOM   476  N N     . LEU A 1 60  ? 10.866  1.260   20.719  1.00 54.97  ? 499 LEU A N     1 
ATOM   477  C CA    . LEU A 1 60  ? 9.469   1.617   20.907  1.00 53.18  ? 499 LEU A CA    1 
ATOM   478  C C     . LEU A 1 60  ? 8.764   1.742   19.557  1.00 52.67  ? 499 LEU A C     1 
ATOM   479  O O     . LEU A 1 60  ? 7.651   1.230   19.391  1.00 51.61  ? 499 LEU A O     1 
ATOM   480  C CB    . LEU A 1 60  ? 9.347   2.894   21.762  1.00 52.03  ? 499 LEU A CB    1 
ATOM   481  C CG    . LEU A 1 60  ? 9.733   2.745   23.262  1.00 56.70  ? 499 LEU A CG    1 
ATOM   482  C CD1   . LEU A 1 60  ? 9.688   4.067   24.044  1.00 50.28  ? 499 LEU A CD1   1 
ATOM   483  C CD2   . LEU A 1 60  ? 8.865   1.721   23.988  1.00 55.08  ? 499 LEU A CD2   1 
ATOM   484  N N     . ARG A 1 61  ? 9.408   2.377   18.570  1.00 48.60  ? 500 ARG A N     1 
ATOM   485  C CA    . ARG A 1 61  ? 8.829   2.406   17.221  1.00 52.80  ? 500 ARG A CA    1 
ATOM   486  C C     . ARG A 1 61  ? 8.583   1.005   16.688  1.00 52.65  ? 500 ARG A C     1 
ATOM   487  O O     . ARG A 1 61  ? 7.544   0.742   16.068  1.00 52.18  ? 500 ARG A O     1 
ATOM   488  C CB    . ARG A 1 61  ? 9.729   3.160   16.240  1.00 53.98  ? 500 ARG A CB    1 
ATOM   489  C CG    . ARG A 1 61  ? 9.613   4.675   16.313  1.00 55.37  ? 500 ARG A CG    1 
ATOM   490  C CD    . ARG A 1 61  ? 10.452  5.372   15.228  1.00 57.76  ? 500 ARG A CD    1 
ATOM   491  N NE    . ARG A 1 61  ? 11.879  5.070   15.366  1.00 55.04  ? 500 ARG A NE    1 
ATOM   492  C CZ    . ARG A 1 61  ? 12.750  5.851   16.005  1.00 60.59  ? 500 ARG A CZ    1 
ATOM   493  N NH1   . ARG A 1 61  ? 12.343  6.990   16.559  1.00 60.69  ? 500 ARG A NH1   1 
ATOM   494  N NH2   . ARG A 1 61  ? 14.031  5.500   16.095  1.00 60.56  ? 500 ARG A NH2   1 
ATOM   495  N N     . GLU A 1 62  ? 9.528   0.092   16.894  1.00 49.21  ? 501 GLU A N     1 
ATOM   496  C CA    . GLU A 1 62  ? 9.337   -1.239  16.343  1.00 50.52  ? 501 GLU A CA    1 
ATOM   497  C C     . GLU A 1 62  ? 8.237   -1.977  17.074  1.00 55.31  ? 501 GLU A C     1 
ATOM   498  O O     . GLU A 1 62  ? 7.508   -2.778  16.468  1.00 49.49  ? 501 GLU A O     1 
ATOM   499  C CB    . GLU A 1 62  ? 10.636  -2.014  16.423  1.00 53.18  ? 501 GLU A CB    1 
ATOM   500  C CG    . GLU A 1 62  ? 11.731  -1.352  15.606  1.00 58.91  ? 501 GLU A CG    1 
ATOM   501  C CD    . GLU A 1 62  ? 13.047  -2.122  15.651  1.00 60.74  ? 501 GLU A CD    1 
ATOM   502  O OE1   . GLU A 1 62  ? 13.246  -2.962  16.563  1.00 55.99  ? 501 GLU A OE1   1 
ATOM   503  O OE2   . GLU A 1 62  ? 13.883  -1.867  14.762  1.00 72.12  ? 501 GLU A OE2   1 
ATOM   504  N N     . GLU A 1 63  ? 8.097   -1.718  18.374  1.00 51.74  ? 502 GLU A N     1 
ATOM   505  C CA    . GLU A 1 63  ? 7.046   -2.375  19.114  1.00 51.05  ? 502 GLU A CA    1 
ATOM   506  C C     . GLU A 1 63  ? 5.692   -1.845  18.689  1.00 50.66  ? 502 GLU A C     1 
ATOM   507  O O     . GLU A 1 63  ? 4.694   -2.578  18.738  1.00 43.24  ? 502 GLU A O     1 
ATOM   508  C CB    . GLU A 1 63  ? 7.257   -2.186  20.611  1.00 53.79  ? 502 GLU A CB    1 
ATOM   509  C CG    . GLU A 1 63  ? 6.523   -3.224  21.454  1.00 58.25  ? 502 GLU A CG    1 
ATOM   510  C CD    . GLU A 1 63  ? 6.922   -3.201  22.925  1.00 64.21  ? 502 GLU A CD    1 
ATOM   511  O OE1   . GLU A 1 63  ? 7.943   -2.550  23.266  1.00 65.96  ? 502 GLU A OE1   1 
ATOM   512  O OE2   . GLU A 1 63  ? 6.210   -3.849  23.734  1.00 68.18  ? 502 GLU A OE2   1 
ATOM   513  N N     . ILE A 1 64  ? 5.654   -0.597  18.221  1.00 53.27  ? 503 ILE A N     1 
ATOM   514  C CA    . ILE A 1 64  ? 4.391   0.049   17.879  1.00 52.77  ? 503 ILE A CA    1 
ATOM   515  C C     . ILE A 1 64  ? 3.890   -0.440  16.531  1.00 54.53  ? 503 ILE A C     1 
ATOM   516  O O     . ILE A 1 64  ? 2.724   -0.838  16.407  1.00 49.11  ? 503 ILE A O     1 
ATOM   517  C CB    . ILE A 1 64  ? 4.540   1.581   17.886  1.00 53.85  ? 503 ILE A CB    1 
ATOM   518  C CG1   . ILE A 1 64  ? 4.575   2.098   19.328  1.00 60.01  ? 503 ILE A CG1   1 
ATOM   519  C CG2   . ILE A 1 64  ? 3.363   2.219   17.151  1.00 48.61  ? 503 ILE A CG2   1 
ATOM   520  C CD1   . ILE A 1 64  ? 4.880   3.579   19.456  1.00 49.68  ? 503 ILE A CD1   1 
ATOM   521  N N     . VAL A 1 65  ? 4.766   -0.435  15.507  1.00 49.16  ? 504 VAL A N     1 
ATOM   522  C CA    . VAL A 1 65  ? 4.340   -0.893  14.189  1.00 50.08  ? 504 VAL A CA    1 
ATOM   523  C C     . VAL A 1 65  ? 3.918   -2.351  14.255  1.00 50.96  ? 504 VAL A C     1 
ATOM   524  O O     . VAL A 1 65  ? 2.926   -2.753  13.632  1.00 50.87  ? 504 VAL A O     1 
ATOM   525  C CB    . VAL A 1 65  ? 5.438   -0.648  13.128  1.00 52.87  ? 504 VAL A CB    1 
ATOM   526  C CG1   . VAL A 1 65  ? 5.849   0.842   13.100  1.00 50.20  ? 504 VAL A CG1   1 
ATOM   527  C CG2   . VAL A 1 65  ? 6.633   -1.564  13.324  1.00 47.85  ? 504 VAL A CG2   1 
ATOM   528  N N     . ASN A 1 66  ? 4.633   -3.161  15.048  1.00 50.41  ? 505 ASN A N     1 
ATOM   529  C CA    . ASN A 1 66  ? 4.253   -4.567  15.172  1.00 45.84  ? 505 ASN A CA    1 
ATOM   530  C C     . ASN A 1 66  ? 2.874   -4.701  15.810  1.00 52.28  ? 505 ASN A C     1 
ATOM   531  O O     . ASN A 1 66  ? 2.091   -5.574  15.424  1.00 52.72  ? 505 ASN A O     1 
ATOM   532  C CB    . ASN A 1 66  ? 5.302   -5.332  15.973  1.00 42.39  ? 505 ASN A CB    1 
ATOM   533  C CG    . ASN A 1 66  ? 6.397   -5.955  15.068  1.00 50.57  ? 505 ASN A CG    1 
ATOM   534  O OD1   . ASN A 1 66  ? 6.138   -6.892  14.297  1.00 47.18  ? 505 ASN A OD1   1 
ATOM   535  N ND2   . ASN A 1 66  ? 7.613   -5.428  15.171  1.00 45.67  ? 505 ASN A ND2   1 
ATOM   536  N N     . PHE A 1 67  ? 2.529   -3.821  16.755  1.00 48.63  ? 506 PHE A N     1 
ATOM   537  C CA    . PHE A 1 67  ? 1.196   -3.914  17.345  1.00 50.78  ? 506 PHE A CA    1 
ATOM   538  C C     . PHE A 1 67  ? 0.121   -3.449  16.367  1.00 52.03  ? 506 PHE A C     1 
ATOM   539  O O     . PHE A 1 67  ? -0.920  -4.097  16.223  1.00 54.99  ? 506 PHE A O     1 
ATOM   540  C CB    . PHE A 1 67  ? 1.114   -3.113  18.632  1.00 48.04  ? 506 PHE A CB    1 
ATOM   541  C CG    . PHE A 1 67  ? -0.183  -3.335  19.380  1.00 58.57  ? 506 PHE A CG    1 
ATOM   542  C CD1   . PHE A 1 67  ? -0.302  -4.375  20.294  1.00 53.81  ? 506 PHE A CD1   1 
ATOM   543  C CD2   . PHE A 1 67  ? -1.285  -2.549  19.129  1.00 52.87  ? 506 PHE A CD2   1 
ATOM   544  C CE1   . PHE A 1 67  ? -1.472  -4.595  20.967  1.00 53.81  ? 506 PHE A CE1   1 
ATOM   545  C CE2   . PHE A 1 67  ? -2.468  -2.773  19.799  1.00 58.61  ? 506 PHE A CE2   1 
ATOM   546  C CZ    . PHE A 1 67  ? -2.563  -3.788  20.725  1.00 54.98  ? 506 PHE A CZ    1 
ATOM   547  N N     . ASN A 1 68  ? 0.342   -2.321  15.693  1.00 50.26  ? 507 ASN A N     1 
ATOM   548  C CA    . ASN A 1 68  ? -0.662  -1.779  14.781  1.00 50.72  ? 507 ASN A CA    1 
ATOM   549  C C     . ASN A 1 68  ? -0.933  -2.732  13.617  1.00 55.07  ? 507 ASN A C     1 
ATOM   550  O O     . ASN A 1 68  ? -2.006  -2.710  13.040  1.00 52.35  ? 507 ASN A O     1 
ATOM   551  C CB    . ASN A 1 68  ? -0.215  -0.422  14.233  1.00 48.85  ? 507 ASN A CB    1 
ATOM   552  C CG    . ASN A 1 68  ? -0.064  0.615   15.321  1.00 54.92  ? 507 ASN A CG    1 
ATOM   553  O OD1   . ASN A 1 68  ? -0.424  0.361   16.470  1.00 57.01  ? 507 ASN A OD1   1 
ATOM   554  N ND2   . ASN A 1 68  ? 0.442   1.797   14.969  1.00 51.73  ? 507 ASN A ND2   1 
HETATM 555  N N     . CSX A 1 69  ? 0.036   -3.571  13.275  1.00 48.78  ? 508 CSX A N     1 
HETATM 556  C CA    . CSX A 1 69  ? -0.110  -4.448  12.127  1.00 47.53  ? 508 CSX A CA    1 
HETATM 557  C CB    . CSX A 1 69  ? 1.051   -4.090  11.189  1.00 49.54  ? 508 CSX A CB    1 
HETATM 558  S SG    . CSX A 1 69  ? 0.725   -2.578  10.302  1.00 67.43  ? 508 CSX A SG    1 
HETATM 559  C C     . CSX A 1 69  ? -0.249  -5.969  12.384  1.00 49.68  ? 508 CSX A C     1 
HETATM 560  O O     . CSX A 1 69  ? -0.036  -6.817  11.504  1.00 51.89  ? 508 CSX A O     1 
HETATM 561  O OD    . CSX A 1 69  ? 2.005   -2.106  9.680   1.00 58.04  ? 508 CSX A OD    1 
ATOM   562  N N     . ARG A 1 70  ? -0.622  -6.330  13.619  1.00 51.01  ? 509 ARG A N     1 
ATOM   563  C CA    . ARG A 1 70  ? -0.770  -7.743  14.016  1.00 50.32  ? 509 ARG A CA    1 
ATOM   564  C C     . ARG A 1 70  ? -1.623  -8.513  13.029  1.00 52.59  ? 509 ARG A C     1 
ATOM   565  O O     . ARG A 1 70  ? -1.247  -9.600  12.597  1.00 49.80  ? 509 ARG A O     1 
ATOM   566  C CB    . ARG A 1 70  ? -1.399  -7.888  15.404  1.00 52.27  ? 509 ARG A CB    1 
ATOM   567  C CG    . ARG A 1 70  ? -0.456  -7.682  16.593  1.00 50.13  ? 509 ARG A CG    1 
ATOM   568  C CD    . ARG A 1 70  ? -1.103  -6.712  17.538  1.00 56.21  ? 509 ARG A CD    1 
ATOM   569  N NE    . ARG A 1 70  ? -1.973  -7.317  18.524  1.00 58.82  ? 509 ARG A NE    1 
ATOM   570  C CZ    . ARG A 1 70  ? -3.126  -6.798  18.940  1.00 56.12  ? 509 ARG A CZ    1 
ATOM   571  N NH1   . ARG A 1 70  ? -3.600  -5.674  18.426  1.00 52.71  ? 509 ARG A NH1   1 
ATOM   572  N NH2   . ARG A 1 70  ? -3.818  -7.432  19.871  1.00 53.74  ? 509 ARG A NH2   1 
ATOM   573  N N     . LYS A 1 71  ? -2.776  -7.942  12.677  1.00 48.47  ? 510 LYS A N     1 
ATOM   574  C CA    . LYS A 1 71  ? -3.676  -8.601  11.732  1.00 52.58  ? 510 LYS A CA    1 
ATOM   575  C C     . LYS A 1 71  ? -3.045  -8.724  10.346  1.00 51.89  ? 510 LYS A C     1 
ATOM   576  O O     . LYS A 1 71  ? -3.121  -9.777  9.703   1.00 49.63  ? 510 LYS A O     1 
ATOM   577  C CB    . LYS A 1 71  ? -4.981  -7.827  11.651  1.00 51.28  ? 510 LYS A CB    1 
ATOM   578  C CG    . LYS A 1 71  ? -6.072  -8.539  10.875  1.00 56.01  ? 510 LYS A CG    1 
ATOM   579  C CD    . LYS A 1 71  ? -7.420  -8.194  11.493  1.00 58.44  ? 510 LYS A CD    1 
ATOM   580  C CE    . LYS A 1 71  ? -8.538  -8.375  10.501  1.00 67.96  ? 510 LYS A CE    1 
ATOM   581  N NZ    . LYS A 1 71  ? -8.741  -9.818  10.233  1.00 68.77  ? 510 LYS A NZ    1 
ATOM   582  N N     . LEU A 1 72  ? -2.445  -7.647  9.851   1.00 48.71  ? 511 LEU A N     1 
ATOM   583  C CA    . LEU A 1 72  ? -1.800  -7.713  8.543   1.00 49.79  ? 511 LEU A CA    1 
ATOM   584  C C     . LEU A 1 72  ? -0.750  -8.817  8.523   1.00 49.33  ? 511 LEU A C     1 
ATOM   585  O O     . LEU A 1 72  ? -0.785  -9.711  7.670   1.00 55.56  ? 511 LEU A O     1 
ATOM   586  C CB    . LEU A 1 72  ? -1.165  -6.365  8.220   1.00 53.24  ? 511 LEU A CB    1 
ATOM   587  C CG    . LEU A 1 72  ? -0.498  -6.228  6.847   1.00 53.77  ? 511 LEU A CG    1 
ATOM   588  C CD1   . LEU A 1 72  ? -1.571  -6.080  5.771   1.00 51.17  ? 511 LEU A CD1   1 
ATOM   589  C CD2   . LEU A 1 72  ? 0.376   -5.013  6.862   1.00 54.57  ? 511 LEU A CD2   1 
ATOM   590  N N     . VAL A 1 73  ? 0.154   -8.797  9.505   1.00 45.08  ? 512 VAL A N     1 
ATOM   591  C CA    . VAL A 1 73  ? 1.172   -9.837  9.651   1.00 45.91  ? 512 VAL A CA    1 
ATOM   592  C C     . VAL A 1 73  ? 0.533   -11.214 9.804   1.00 55.02  ? 512 VAL A C     1 
ATOM   593  O O     . VAL A 1 73  ? 0.948   -12.180 9.149   1.00 51.06  ? 512 VAL A O     1 
ATOM   594  C CB    . VAL A 1 73  ? 2.090   -9.515  10.839  1.00 49.67  ? 512 VAL A CB    1 
ATOM   595  C CG1   . VAL A 1 73  ? 2.977   -10.693 11.144  1.00 53.95  ? 512 VAL A CG1   1 
ATOM   596  C CG2   . VAL A 1 73  ? 2.938   -8.257  10.539  1.00 52.90  ? 512 VAL A CG2   1 
ATOM   597  N N     . ALA A 1 74  ? -0.491  -11.336 10.668  1.00 48.03  ? 513 ALA A N     1 
ATOM   598  C CA    . ALA A 1 74  ? -0.999  -12.671 10.971  1.00 52.56  ? 513 ALA A CA    1 
ATOM   599  C C     . ALA A 1 74  ? -1.736  -13.287 9.791   1.00 55.48  ? 513 ALA A C     1 
ATOM   600  O O     . ALA A 1 74  ? -1.758  -14.511 9.644   1.00 54.03  ? 513 ALA A O     1 
ATOM   601  C CB    . ALA A 1 74  ? -1.929  -12.655 12.179  1.00 50.11  ? 513 ALA A CB    1 
ATOM   602  N N     . SER A 1 75  ? -2.372  -12.486 8.964   1.00 52.53  ? 514 SER A N     1 
ATOM   603  C CA    . SER A 1 75  ? -3.176  -13.084 7.920   1.00 57.21  ? 514 SER A CA    1 
ATOM   604  C C     . SER A 1 75  ? -2.421  -13.236 6.608   1.00 61.61  ? 514 SER A C     1 
ATOM   605  O O     . SER A 1 75  ? -2.996  -13.709 5.626   1.00 61.64  ? 514 SER A O     1 
ATOM   606  C CB    . SER A 1 75  ? -4.440  -12.264 7.719   1.00 56.31  ? 514 SER A CB    1 
ATOM   607  O OG    . SER A 1 75  ? -4.086  -10.990 7.226   1.00 70.58  ? 514 SER A OG    1 
ATOM   608  N N     . MET A 1 76  ? -1.148  -12.874 6.564   1.00 62.28  ? 515 MET A N     1 
ATOM   609  C CA    . MET A 1 76  ? -0.385  -12.938 5.325   1.00 57.31  ? 515 MET A CA    1 
ATOM   610  C C     . MET A 1 76  ? 0.783   -13.887 5.510   1.00 62.79  ? 515 MET A C     1 
ATOM   611  O O     . MET A 1 76  ? 1.763   -13.531 6.194   1.00 59.89  ? 515 MET A O     1 
ATOM   612  C CB    . MET A 1 76  ? 0.106   -11.556 4.908   1.00 59.83  ? 515 MET A CB    1 
ATOM   613  C CG    . MET A 1 76  ? 1.184   -11.634 3.839   1.00 64.77  ? 515 MET A CG    1 
ATOM   614  S SD    . MET A 1 76  ? 1.635   -10.045 3.149   1.00 69.42  ? 515 MET A SD    1 
ATOM   615  C CE    . MET A 1 76  ? 1.113   -8.900  4.427   1.00 60.81  ? 515 MET A CE    1 
ATOM   616  N N     . PRO A 1 77  ? 0.719   -15.091 4.920   1.00 61.35  ? 516 PRO A N     1 
ATOM   617  C CA    . PRO A 1 77  ? 1.759   -16.110 5.165   1.00 61.35  ? 516 PRO A CA    1 
ATOM   618  C C     . PRO A 1 77  ? 3.180   -15.613 4.973   1.00 62.62  ? 516 PRO A C     1 
ATOM   619  O O     . PRO A 1 77  ? 4.081   -16.024 5.724   1.00 62.94  ? 516 PRO A O     1 
ATOM   620  C CB    . PRO A 1 77  ? 1.402   -17.208 4.144   1.00 63.38  ? 516 PRO A CB    1 
ATOM   621  C CG    . PRO A 1 77  ? -0.095  -17.076 3.959   1.00 62.94  ? 516 PRO A CG    1 
ATOM   622  C CD    . PRO A 1 77  ? -0.407  -15.603 4.115   1.00 60.34  ? 516 PRO A CD    1 
ATOM   623  N N     . LEU A 1 78  ? 3.408   -14.748 3.981   1.00 58.35  ? 517 LEU A N     1 
ATOM   624  C CA    . LEU A 1 78  ? 4.753   -14.240 3.742   1.00 62.74  ? 517 LEU A CA    1 
ATOM   625  C C     . LEU A 1 78  ? 5.339   -13.642 5.007   1.00 60.37  ? 517 LEU A C     1 
ATOM   626  O O     . LEU A 1 78  ? 6.490   -13.920 5.357   1.00 62.57  ? 517 LEU A O     1 
ATOM   627  C CB    . LEU A 1 78  ? 4.728   -13.195 2.619   1.00 62.47  ? 517 LEU A CB    1 
ATOM   628  C CG    . LEU A 1 78  ? 6.053   -12.720 2.015   1.00 65.15  ? 517 LEU A CG    1 
ATOM   629  C CD1   . LEU A 1 78  ? 6.862   -11.770 2.899   1.00 69.53  ? 517 LEU A CD1   1 
ATOM   630  C CD2   . LEU A 1 78  ? 6.882   -13.910 1.613   1.00 67.39  ? 517 LEU A CD2   1 
ATOM   631  N N     . PHE A 1 79  ? 4.562   -12.809 5.697   1.00 58.79  ? 518 PHE A N     1 
ATOM   632  C CA    . PHE A 1 79  ? 5.016   -12.206 6.945   1.00 60.19  ? 518 PHE A CA    1 
ATOM   633  C C     . PHE A 1 79  ? 4.875   -13.163 8.119   1.00 55.42  ? 518 PHE A C     1 
ATOM   634  O O     . PHE A 1 79  ? 5.742   -13.207 8.993   1.00 54.41  ? 518 PHE A O     1 
ATOM   635  C CB    . PHE A 1 79  ? 4.226   -10.924 7.234   1.00 56.81  ? 518 PHE A CB    1 
ATOM   636  C CG    . PHE A 1 79  ? 4.644   -9.738  6.400   1.00 54.84  ? 518 PHE A CG    1 
ATOM   637  C CD1   . PHE A 1 79  ? 5.698   -9.837  5.513   1.00 62.53  ? 518 PHE A CD1   1 
ATOM   638  C CD2   . PHE A 1 79  ? 3.983   -8.517  6.512   1.00 60.78  ? 518 PHE A CD2   1 
ATOM   639  C CE1   . PHE A 1 79  ? 6.096   -8.750  4.742   1.00 61.10  ? 518 PHE A CE1   1 
ATOM   640  C CE2   . PHE A 1 79  ? 4.379   -7.413  5.748   1.00 63.92  ? 518 PHE A CE2   1 
ATOM   641  C CZ    . PHE A 1 79  ? 5.454   -7.539  4.855   1.00 55.93  ? 518 PHE A CZ    1 
ATOM   642  N N     . ALA A 1 80  ? 3.782   -13.927 8.160   1.00 53.47  ? 519 ALA A N     1 
ATOM   643  C CA    . ALA A 1 80  ? 3.456   -14.676 9.370   1.00 60.95  ? 519 ALA A CA    1 
ATOM   644  C C     . ALA A 1 80  ? 4.513   -15.720 9.687   1.00 60.11  ? 519 ALA A C     1 
ATOM   645  O O     . ALA A 1 80  ? 4.820   -15.960 10.858  1.00 57.34  ? 519 ALA A O     1 
ATOM   646  C CB    . ALA A 1 80  ? 2.087   -15.334 9.235   1.00 58.09  ? 519 ALA A CB    1 
ATOM   647  N N     . ASN A 1 81  ? 5.080   -16.347 8.661   1.00 62.37  ? 520 ASN A N     1 
ATOM   648  C CA    . ASN A 1 81  ? 6.097   -17.378 8.822   1.00 60.80  ? 520 ASN A CA    1 
ATOM   649  C C     . ASN A 1 81  ? 7.506   -16.868 8.608   1.00 61.17  ? 520 ASN A C     1 
ATOM   650  O O     . ASN A 1 81  ? 8.440   -17.666 8.642   1.00 58.10  ? 520 ASN A O     1 
ATOM   651  C CB    . ASN A 1 81  ? 5.849   -18.519 7.841   1.00 64.48  ? 520 ASN A CB    1 
ATOM   652  C CG    . ASN A 1 81  ? 4.517   -19.163 8.054   1.00 66.76  ? 520 ASN A CG    1 
ATOM   653  O OD1   . ASN A 1 81  ? 4.200   -19.564 9.172   1.00 70.16  ? 520 ASN A OD1   1 
ATOM   654  N ND2   . ASN A 1 81  ? 3.711   -19.247 6.995   1.00 64.20  ? 520 ASN A ND2   1 
ATOM   655  N N     . ALA A 1 82  ? 7.690   -15.583 8.346   1.00 58.55  ? 521 ALA A N     1 
ATOM   656  C CA    . ALA A 1 82  ? 9.053   -15.112 8.174   1.00 52.87  ? 521 ALA A CA    1 
ATOM   657  C C     . ALA A 1 82  ? 9.693   -14.828 9.527   1.00 59.93  ? 521 ALA A C     1 
ATOM   658  O O     . ALA A 1 82  ? 9.029   -14.814 10.575  1.00 62.02  ? 521 ALA A O     1 
ATOM   659  C CB    . ALA A 1 82  ? 9.076   -13.853 7.305   1.00 60.25  ? 521 ALA A CB    1 
ATOM   660  N N     . ASP A 1 83  ? 11.000  -14.583 9.484   1.00 56.56  ? 522 ASP A N     1 
ATOM   661  C CA    . ASP A 1 83  ? 11.779  -14.106 10.618  1.00 60.13  ? 522 ASP A CA    1 
ATOM   662  C C     . ASP A 1 83  ? 11.248  -12.758 11.102  1.00 61.70  ? 522 ASP A C     1 
ATOM   663  O O     . ASP A 1 83  ? 11.249  -11.786 10.328  1.00 62.51  ? 522 ASP A O     1 
ATOM   664  C CB    . ASP A 1 83  ? 13.248  -13.996 10.205  1.00 61.48  ? 522 ASP A CB    1 
ATOM   665  C CG    . ASP A 1 83  ? 14.091  -13.202 11.186  1.00 68.24  ? 522 ASP A CG    1 
ATOM   666  O OD1   . ASP A 1 83  ? 13.686  -13.041 12.355  1.00 65.14  ? 522 ASP A OD1   1 
ATOM   667  O OD2   . ASP A 1 83  ? 15.197  -12.759 10.782  1.00 73.76  ? 522 ASP A OD2   1 
ATOM   668  N N     . PRO A 1 84  ? 10.814  -12.648 12.362  1.00 59.84  ? 523 PRO A N     1 
ATOM   669  C CA    . PRO A 1 84  ? 10.160  -11.408 12.810  1.00 60.62  ? 523 PRO A CA    1 
ATOM   670  C C     . PRO A 1 84  ? 11.000  -10.171 12.604  1.00 60.63  ? 523 PRO A C     1 
ATOM   671  O O     . PRO A 1 84  ? 10.441  -9.067  12.523  1.00 54.81  ? 523 PRO A O     1 
ATOM   672  C CB    . PRO A 1 84  ? 9.895   -11.675 14.299  1.00 60.74  ? 523 PRO A CB    1 
ATOM   673  C CG    . PRO A 1 84  ? 9.665   -13.161 14.336  1.00 63.40  ? 523 PRO A CG    1 
ATOM   674  C CD    . PRO A 1 84  ? 10.676  -13.727 13.352  1.00 61.53  ? 523 PRO A CD    1 
ATOM   675  N N     . ASN A 1 85  ? 12.328  -10.321 12.504  1.00 59.18  ? 524 ASN A N     1 
ATOM   676  C CA    . ASN A 1 85  ? 13.174  -9.167  12.240  1.00 57.70  ? 524 ASN A CA    1 
ATOM   677  C C     . ASN A 1 85  ? 13.010  -8.694  10.804  1.00 60.14  ? 524 ASN A C     1 
ATOM   678  O O     . ASN A 1 85  ? 13.024  -7.487  10.540  1.00 57.00  ? 524 ASN A O     1 
ATOM   679  C CB    . ASN A 1 85  ? 14.633  -9.502  12.528  1.00 65.48  ? 524 ASN A CB    1 
ATOM   680  C CG    . ASN A 1 85  ? 14.972  -9.455  14.015  1.00 70.99  ? 524 ASN A CG    1 
ATOM   681  O OD1   . ASN A 1 85  ? 14.104  -9.244  14.871  1.00 73.88  ? 524 ASN A OD1   1 
ATOM   682  N ND2   . ASN A 1 85  ? 16.246  -9.668  14.324  1.00 71.49  ? 524 ASN A ND2   1 
ATOM   683  N N     . PHE A 1 86  ? 12.898  -9.631  9.855   1.00 62.58  ? 525 PHE A N     1 
ATOM   684  C CA    . PHE A 1 86  ? 12.529  -9.254  8.500   1.00 61.05  ? 525 PHE A CA    1 
ATOM   685  C C     . PHE A 1 86  ? 11.231  -8.472  8.511   1.00 55.46  ? 525 PHE A C     1 
ATOM   686  O O     . PHE A 1 86  ? 11.159  -7.370  7.956   1.00 54.63  ? 525 PHE A O     1 
ATOM   687  C CB    . PHE A 1 86  ? 12.392  -10.490 7.605   1.00 59.63  ? 525 PHE A CB    1 
ATOM   688  C CG    . PHE A 1 86  ? 11.593  -10.245 6.357   1.00 56.70  ? 525 PHE A CG    1 
ATOM   689  C CD1   . PHE A 1 86  ? 12.102  -9.475  5.320   1.00 54.66  ? 525 PHE A CD1   1 
ATOM   690  C CD2   . PHE A 1 86  ? 10.321  -10.770 6.225   1.00 57.20  ? 525 PHE A CD2   1 
ATOM   691  C CE1   . PHE A 1 86  ? 11.362  -9.253  4.169   1.00 47.67  ? 525 PHE A CE1   1 
ATOM   692  C CE2   . PHE A 1 86  ? 9.579   -10.556 5.080   1.00 57.36  ? 525 PHE A CE2   1 
ATOM   693  C CZ    . PHE A 1 86  ? 10.110  -9.797  4.049   1.00 57.55  ? 525 PHE A CZ    1 
ATOM   694  N N     . VAL A 1 87  ? 10.197  -9.026  9.170   1.00 54.65  ? 526 VAL A N     1 
ATOM   695  C CA    . VAL A 1 87  ? 8.890   -8.366  9.251   1.00 55.50  ? 526 VAL A CA    1 
ATOM   696  C C     . VAL A 1 87  ? 9.027   -6.961  9.819   1.00 50.27  ? 526 VAL A C     1 
ATOM   697  O O     . VAL A 1 87  ? 8.528   -5.984  9.241   1.00 49.87  ? 526 VAL A O     1 
ATOM   698  C CB    . VAL A 1 87  ? 7.904   -9.198  10.096  1.00 58.34  ? 526 VAL A CB    1 
ATOM   699  C CG1   . VAL A 1 87  ? 6.588   -8.456  10.215  1.00 46.96  ? 526 VAL A CG1   1 
ATOM   700  C CG2   . VAL A 1 87  ? 7.660   -10.563 9.489   1.00 55.32  ? 526 VAL A CG2   1 
ATOM   701  N N     . THR A 1 88  ? 9.689   -6.837  10.968  1.00 52.32  ? 527 THR A N     1 
ATOM   702  C CA    . THR A 1 88  ? 9.835   -5.521  11.592  1.00 55.15  ? 527 THR A CA    1 
ATOM   703  C C     . THR A 1 88  ? 10.497  -4.547  10.630  1.00 54.23  ? 527 THR A C     1 
ATOM   704  O O     . THR A 1 88  ? 10.043  -3.407  10.469  1.00 47.74  ? 527 THR A O     1 
ATOM   705  C CB    . THR A 1 88  ? 10.634  -5.650  12.893  1.00 52.16  ? 527 THR A CB    1 
ATOM   706  O OG1   . THR A 1 88  ? 9.820   -6.319  13.864  1.00 49.01  ? 527 THR A OG1   1 
ATOM   707  C CG2   . THR A 1 88  ? 11.065  -4.298  13.419  1.00 49.90  ? 527 THR A CG2   1 
ATOM   708  N N     . ALA A 1 89  ? 11.538  -4.994  9.934   1.00 49.40  ? 528 ALA A N     1 
ATOM   709  C CA    . ALA A 1 89  ? 12.195  -4.117  8.968   1.00 49.73  ? 528 ALA A CA    1 
ATOM   710  C C     . ALA A 1 89  ? 11.220  -3.652  7.887   1.00 52.12  ? 528 ALA A C     1 
ATOM   711  O O     . ALA A 1 89  ? 11.166  -2.460  7.558   1.00 50.92  ? 528 ALA A O     1 
ATOM   712  C CB    . ALA A 1 89  ? 13.413  -4.830  8.363   1.00 56.06  ? 528 ALA A CB    1 
ATOM   713  N N     . MET A 1 90  ? 10.409  -4.571  7.340   1.00 50.76  ? 529 MET A N     1 
ATOM   714  C CA    . MET A 1 90  ? 9.389   -4.164  6.366   1.00 49.35  ? 529 MET A CA    1 
ATOM   715  C C     . MET A 1 90  ? 8.362   -3.221  6.994   1.00 52.33  ? 529 MET A C     1 
ATOM   716  O O     . MET A 1 90  ? 8.023   -2.177  6.419   1.00 52.81  ? 529 MET A O     1 
ATOM   717  C CB    . MET A 1 90  ? 8.675   -5.387  5.807   1.00 45.88  ? 529 MET A CB    1 
ATOM   718  C CG    . MET A 1 90  ? 9.555   -6.340  5.013   1.00 58.03  ? 529 MET A CG    1 
ATOM   719  S SD    . MET A 1 90  ? 9.798   -5.770  3.322   1.00 60.71  ? 529 MET A SD    1 
ATOM   720  C CE    . MET A 1 90  ? 8.385   -6.552  2.526   1.00 58.47  ? 529 MET A CE    1 
ATOM   721  N N     . LEU A 1 91  ? 7.842   -3.584  8.175   1.00 45.19  ? 530 LEU A N     1 
ATOM   722  C CA    . LEU A 1 91  ? 6.760   -2.802  8.777   1.00 53.05  ? 530 LEU A CA    1 
ATOM   723  C C     . LEU A 1 91  ? 7.165   -1.355  8.981   1.00 50.86  ? 530 LEU A C     1 
ATOM   724  O O     . LEU A 1 91  ? 6.371   -0.453  8.709   1.00 51.04  ? 530 LEU A O     1 
ATOM   725  C CB    . LEU A 1 91  ? 6.319   -3.412  10.115  1.00 50.65  ? 530 LEU A CB    1 
ATOM   726  C CG    . LEU A 1 91  ? 5.681   -4.819  10.049  1.00 55.44  ? 530 LEU A CG    1 
ATOM   727  C CD1   . LEU A 1 91  ? 5.121   -5.230  11.411  1.00 56.19  ? 530 LEU A CD1   1 
ATOM   728  C CD2   . LEU A 1 91  ? 4.575   -4.911  9.000   1.00 48.59  ? 530 LEU A CD2   1 
ATOM   729  N N     . THR A 1 92  ? 8.402   -1.104  9.450   1.00 52.44  ? 531 THR A N     1 
ATOM   730  C CA    . THR A 1 92  ? 8.782   0.263   9.798   1.00 54.25  ? 531 THR A CA    1 
ATOM   731  C C     . THR A 1 92  ? 8.893   1.163   8.577   1.00 57.80  ? 531 THR A C     1 
ATOM   732  O O     . THR A 1 92  ? 9.084   2.376   8.734   1.00 60.12  ? 531 THR A O     1 
ATOM   733  C CB    . THR A 1 92  ? 10.114  0.310   10.562  1.00 55.21  ? 531 THR A CB    1 
ATOM   734  O OG1   . THR A 1 92  ? 11.143  -0.303  9.784   1.00 59.73  ? 531 THR A OG1   1 
ATOM   735  C CG2   . THR A 1 92  ? 10.025  -0.420  11.862  1.00 53.85  ? 531 THR A CG2   1 
ATOM   736  N N     . LYS A 1 93  ? 8.773   0.613   7.372   1.00 54.87  ? 532 LYS A N     1 
ATOM   737  C CA    . LYS A 1 93  ? 8.854   1.404   6.156   1.00 55.42  ? 532 LYS A CA    1 
ATOM   738  C C     . LYS A 1 93  ? 7.548   1.441   5.366   1.00 55.07  ? 532 LYS A C     1 
ATOM   739  O O     . LYS A 1 93  ? 7.471   2.116   4.332   1.00 55.92  ? 532 LYS A O     1 
ATOM   740  C CB    . LYS A 1 93  ? 10.011  0.877   5.301   1.00 60.63  ? 532 LYS A CB    1 
ATOM   741  C CG    . LYS A 1 93  ? 11.354  1.175   5.982   1.00 63.11  ? 532 LYS A CG    1 
ATOM   742  C CD    . LYS A 1 93  ? 12.488  0.346   5.452   1.00 68.55  ? 532 LYS A CD    1 
ATOM   743  C CE    . LYS A 1 93  ? 13.621  0.282   6.490   1.00 71.92  ? 532 LYS A CE    1 
ATOM   744  N NZ    . LYS A 1 93  ? 13.290  -0.671  7.595   1.00 55.39  ? 532 LYS A NZ    1 
ATOM   745  N N     . LEU A 1 94  ? 6.515   0.767   5.835   1.00 51.17  ? 533 LEU A N     1 
ATOM   746  C CA    . LEU A 1 94  ? 5.217   0.827   5.176   1.00 52.77  ? 533 LEU A CA    1 
ATOM   747  C C     . LEU A 1 94  ? 4.548   2.187   5.388   1.00 54.76  ? 533 LEU A C     1 
ATOM   748  O O     . LEU A 1 94  ? 4.669   2.807   6.447   1.00 57.90  ? 533 LEU A O     1 
ATOM   749  C CB    . LEU A 1 94  ? 4.302   -0.285  5.704   1.00 49.18  ? 533 LEU A CB    1 
ATOM   750  C CG    . LEU A 1 94  ? 4.746   -1.743  5.607   1.00 54.94  ? 533 LEU A CG    1 
ATOM   751  C CD1   . LEU A 1 94  ? 3.605   -2.678  6.060   1.00 47.66  ? 533 LEU A CD1   1 
ATOM   752  C CD2   . LEU A 1 94  ? 5.243   -2.093  4.201   1.00 50.27  ? 533 LEU A CD2   1 
ATOM   753  N N     . LYS A 1 95  ? 3.811   2.639   4.376   1.00 50.09  ? 534 LYS A N     1 
ATOM   754  C CA    . LYS A 1 95  ? 3.108   3.912   4.443   1.00 54.69  ? 534 LYS A CA    1 
ATOM   755  C C     . LYS A 1 95  ? 1.633   3.661   4.156   1.00 54.57  ? 534 LYS A C     1 
ATOM   756  O O     . LYS A 1 95  ? 1.289   3.081   3.118   1.00 52.66  ? 534 LYS A O     1 
ATOM   757  C CB    . LYS A 1 95  ? 3.694   4.918   3.451   1.00 56.66  ? 534 LYS A CB    1 
ATOM   758  C CG    . LYS A 1 95  ? 2.975   6.247   3.457   1.00 64.79  ? 534 LYS A CG    1 
ATOM   759  C CD    . LYS A 1 95  ? 3.779   7.319   2.715   1.00 72.24  ? 534 LYS A CD    1 
ATOM   760  C CE    . LYS A 1 95  ? 2.905   8.529   2.423   1.00 72.96  ? 534 LYS A CE    1 
ATOM   761  N NZ    . LYS A 1 95  ? 1.772   8.122   1.558   1.00 72.58  ? 534 LYS A NZ    1 
ATOM   762  N N     . PHE A 1 96  ? 0.767   4.092   5.065   1.00 53.64  ? 535 PHE A N     1 
ATOM   763  C CA    . PHE A 1 96  ? -0.643  3.777   4.935   1.00 50.28  ? 535 PHE A CA    1 
ATOM   764  C C     . PHE A 1 96  ? -1.282  4.643   3.866   1.00 48.66  ? 535 PHE A C     1 
ATOM   765  O O     . PHE A 1 96  ? -1.001  5.841   3.775   1.00 47.76  ? 535 PHE A O     1 
ATOM   766  C CB    . PHE A 1 96  ? -1.339  3.978   6.269   1.00 54.85  ? 535 PHE A CB    1 
ATOM   767  C CG    . PHE A 1 96  ? -2.810  3.713   6.219   1.00 54.46  ? 535 PHE A CG    1 
ATOM   768  C CD1   . PHE A 1 96  ? -3.288  2.485   5.821   1.00 54.09  ? 535 PHE A CD1   1 
ATOM   769  C CD2   . PHE A 1 96  ? -3.707  4.693   6.589   1.00 56.45  ? 535 PHE A CD2   1 
ATOM   770  C CE1   . PHE A 1 96  ? -4.659  2.225   5.794   1.00 55.50  ? 535 PHE A CE1   1 
ATOM   771  C CE2   . PHE A 1 96  ? -5.072  4.456   6.564   1.00 60.05  ? 535 PHE A CE2   1 
ATOM   772  C CZ    . PHE A 1 96  ? -5.548  3.217   6.162   1.00 57.99  ? 535 PHE A CZ    1 
ATOM   773  N N     . GLU A 1 97  ? -2.146  4.031   3.052   1.00 47.46  ? 536 GLU A N     1 
ATOM   774  C CA    . GLU A 1 97  ? -2.841  4.716   1.963   1.00 53.84  ? 536 GLU A CA    1 
ATOM   775  C C     . GLU A 1 97  ? -4.265  4.186   1.826   1.00 53.32  ? 536 GLU A C     1 
ATOM   776  O O     . GLU A 1 97  ? -4.512  2.984   1.983   1.00 50.42  ? 536 GLU A O     1 
ATOM   777  C CB    . GLU A 1 97  ? -2.123  4.528   0.610   1.00 50.45  ? 536 GLU A CB    1 
ATOM   778  C CG    . GLU A 1 97  ? -0.702  5.088   0.557   1.00 50.69  ? 536 GLU A CG    1 
ATOM   779  C CD    . GLU A 1 97  ? -0.105  5.112   -0.849  1.00 58.73  ? 536 GLU A CD    1 
ATOM   780  O OE1   . GLU A 1 97  ? -0.833  5.454   -1.813  1.00 60.85  ? 536 GLU A OE1   1 
ATOM   781  O OE2   . GLU A 1 97  ? 1.101   4.808   -0.980  1.00 57.79  ? 536 GLU A OE2   1 
ATOM   782  N N     . VAL A 1 98  ? -5.191  5.080   1.493   1.00 51.20  ? 537 VAL A N     1 
ATOM   783  C CA    . VAL A 1 98  ? -6.581  4.724   1.216   1.00 48.49  ? 537 VAL A CA    1 
ATOM   784  C C     . VAL A 1 98  ? -6.892  5.069   -0.229  1.00 51.48  ? 537 VAL A C     1 
ATOM   785  O O     . VAL A 1 98  ? -6.628  6.194   -0.676  1.00 55.05  ? 537 VAL A O     1 
ATOM   786  C CB    . VAL A 1 98  ? -7.554  5.465   2.144   1.00 52.75  ? 537 VAL A CB    1 
ATOM   787  C CG1   . VAL A 1 98  ? -9.004  5.219   1.679   1.00 49.24  ? 537 VAL A CG1   1 
ATOM   788  C CG2   . VAL A 1 98  ? -7.347  5.032   3.562   1.00 52.47  ? 537 VAL A CG2   1 
ATOM   789  N N     . PHE A 1 99  ? -7.493  4.121   -0.936  1.00 45.00  ? 538 PHE A N     1 
ATOM   790  C CA    . PHE A 1 99  ? -8.014  4.303   -2.274  1.00 51.90  ? 538 PHE A CA    1 
ATOM   791  C C     . PHE A 1 99  ? -9.502  4.025   -2.247  1.00 54.09  ? 538 PHE A C     1 
ATOM   792  O O     . PHE A 1 99  ? -9.996  3.290   -1.389  1.00 53.91  ? 538 PHE A O     1 
ATOM   793  C CB    . PHE A 1 99  ? -7.304  3.376   -3.293  1.00 48.96  ? 538 PHE A CB    1 
ATOM   794  C CG    . PHE A 1 99  ? -5.849  3.704   -3.464  1.00 49.31  ? 538 PHE A CG    1 
ATOM   795  C CD1   . PHE A 1 99  ? -4.905  3.208   -2.582  1.00 53.78  ? 538 PHE A CD1   1 
ATOM   796  C CD2   . PHE A 1 99  ? -5.424  4.548   -4.477  1.00 50.89  ? 538 PHE A CD2   1 
ATOM   797  C CE1   . PHE A 1 99  ? -3.550  3.526   -2.733  1.00 52.40  ? 538 PHE A CE1   1 
ATOM   798  C CE2   . PHE A 1 99  ? -4.083  4.878   -4.628  1.00 48.82  ? 538 PHE A CE2   1 
ATOM   799  C CZ    . PHE A 1 99  ? -3.148  4.376   -3.762  1.00 48.97  ? 538 PHE A CZ    1 
ATOM   800  N N     . GLN A 1 100 ? -10.213 4.647   -3.214  1.00 55.38  ? 539 GLN A N     1 
ATOM   801  C CA    . GLN A 1 100 ? -11.638 4.688   -3.404  1.00 57.56  ? 539 GLN A CA    1 
ATOM   802  C C     . GLN A 1 100 ? -12.056 3.876   -4.620  1.00 57.11  ? 539 GLN A C     1 
ATOM   803  O O     . GLN A 1 100 ? -11.286 3.727   -5.575  1.00 53.73  ? 539 GLN A O     1 
ATOM   804  C CB    . GLN A 1 100 ? -12.104 6.134   -3.578  1.00 57.01  ? 539 GLN A CB    1 
ATOM   805  C CG    . GLN A 1 100 ? -12.134 6.885   -2.271  1.00 54.23  ? 539 GLN A CG    1 
ATOM   806  C CD    . GLN A 1 100 ? -12.380 8.324   -2.485  1.00 56.74  ? 539 GLN A CD    1 
ATOM   807  O OE1   . GLN A 1 100 ? -11.622 8.984   -3.188  1.00 58.22  ? 539 GLN A OE1   1 
ATOM   808  N NE2   . GLN A 1 100 ? -13.468 8.838   -1.911  1.00 55.09  ? 539 GLN A NE2   1 
ATOM   809  N N     . PRO A 1 101 ? -13.278 3.349   -4.605  1.00 54.59  ? 540 PRO A N     1 
ATOM   810  C CA    . PRO A 1 101 ? -13.755 2.510   -5.714  1.00 60.50  ? 540 PRO A CA    1 
ATOM   811  C C     . PRO A 1 101 ? -13.525 3.148   -7.076  1.00 58.04  ? 540 PRO A C     1 
ATOM   812  O O     . PRO A 1 101 ? -13.785 4.329   -7.284  1.00 59.16  ? 540 PRO A O     1 
ATOM   813  C CB    . PRO A 1 101 ? -15.249 2.355   -5.408  1.00 61.27  ? 540 PRO A CB    1 
ATOM   814  C CG    . PRO A 1 101 ? -15.343 2.489   -3.896  1.00 60.67  ? 540 PRO A CG    1 
ATOM   815  C CD    . PRO A 1 101 ? -14.242 3.425   -3.487  1.00 58.32  ? 540 PRO A CD    1 
ATOM   816  N N     . GLY A 1 102 ? -13.009 2.366   -8.014  1.00 57.76  ? 541 GLY A N     1 
ATOM   817  C CA    . GLY A 1 102 ? -12.753 2.883   -9.339  1.00 58.01  ? 541 GLY A CA    1 
ATOM   818  C C     . GLY A 1 102 ? -11.363 3.439   -9.561  1.00 64.29  ? 541 GLY A C     1 
ATOM   819  O O     . GLY A 1 102 ? -10.908 3.469   -10.713 1.00 66.62  ? 541 GLY A O     1 
ATOM   820  N N     . ASP A 1 103 ? -10.670 3.884   -8.508  1.00 61.21  ? 542 ASP A N     1 
ATOM   821  C CA    . ASP A 1 103 ? -9.314  4.385   -8.695  1.00 60.94  ? 542 ASP A CA    1 
ATOM   822  C C     . ASP A 1 103 ? -8.442  3.326   -9.345  1.00 61.48  ? 542 ASP A C     1 
ATOM   823  O O     . ASP A 1 103 ? -8.452  2.157   -8.954  1.00 57.62  ? 542 ASP A O     1 
ATOM   824  C CB    . ASP A 1 103 ? -8.649  4.762   -7.382  1.00 59.59  ? 542 ASP A CB    1 
ATOM   825  C CG    . ASP A 1 103 ? -9.377  5.817   -6.622  1.00 61.91  ? 542 ASP A CG    1 
ATOM   826  O OD1   . ASP A 1 103 ? -10.219 6.538   -7.213  1.00 64.11  ? 542 ASP A OD1   1 
ATOM   827  O OD2   . ASP A 1 103 ? -9.065  5.920   -5.411  1.00 55.35  ? 542 ASP A OD2   1 
ATOM   828  N N     . TYR A 1 104 ? -7.653  3.753   -10.311 1.00 67.16  ? 543 TYR A N     1 
ATOM   829  C CA    . TYR A 1 104 ? -6.589  2.924   -10.851 1.00 64.10  ? 543 TYR A CA    1 
ATOM   830  C C     . TYR A 1 104 ? -5.364  3.126   -9.964  1.00 65.57  ? 543 TYR A C     1 
ATOM   831  O O     . TYR A 1 104 ? -4.740  4.190   -9.982  1.00 65.44  ? 543 TYR A O     1 
ATOM   832  C CB    . TYR A 1 104 ? -6.336  3.266   -12.319 1.00 69.43  ? 543 TYR A CB    1 
ATOM   833  C CG    . TYR A 1 104 ? -7.343  2.580   -13.228 1.00 72.39  ? 543 TYR A CG    1 
ATOM   834  C CD1   . TYR A 1 104 ? -8.681  2.956   -13.211 1.00 73.31  ? 543 TYR A CD1   1 
ATOM   835  C CD2   . TYR A 1 104 ? -6.972  1.533   -14.071 1.00 75.04  ? 543 TYR A CD2   1 
ATOM   836  C CE1   . TYR A 1 104 ? -9.627  2.321   -14.009 1.00 73.89  ? 543 TYR A CE1   1 
ATOM   837  C CE2   . TYR A 1 104 ? -7.924  0.889   -14.889 1.00 76.66  ? 543 TYR A CE2   1 
ATOM   838  C CZ    . TYR A 1 104 ? -9.252  1.295   -14.841 1.00 76.93  ? 543 TYR A CZ    1 
ATOM   839  O OH    . TYR A 1 104 ? -10.233 0.701   -15.610 1.00 80.00  ? 543 TYR A OH    1 
ATOM   840  N N     . ILE A 1 105 ? -5.048  2.107   -9.158  1.00 63.28  ? 544 ILE A N     1 
ATOM   841  C CA    . ILE A 1 105 ? -3.873  2.159   -8.291  1.00 59.04  ? 544 ILE A CA    1 
ATOM   842  C C     . ILE A 1 105 ? -2.586  2.039   -9.107  1.00 59.73  ? 544 ILE A C     1 
ATOM   843  O O     . ILE A 1 105 ? -1.608  2.753   -8.854  1.00 59.77  ? 544 ILE A O     1 
ATOM   844  C CB    . ILE A 1 105 ? -3.979  1.055   -7.223  1.00 59.59  ? 544 ILE A CB    1 
ATOM   845  C CG1   . ILE A 1 105 ? -5.235  1.292   -6.362  1.00 58.19  ? 544 ILE A CG1   1 
ATOM   846  C CG2   . ILE A 1 105 ? -2.691  0.952   -6.382  1.00 56.77  ? 544 ILE A CG2   1 
ATOM   847  C CD1   . ILE A 1 105 ? -5.493  0.230   -5.338  1.00 56.68  ? 544 ILE A CD1   1 
ATOM   848  N N     . ILE A 1 106 ? -2.566  1.125   -10.082 1.00 62.63  ? 545 ILE A N     1 
ATOM   849  C CA    . ILE A 1 106 ? -1.428  0.843   -10.957 1.00 63.35  ? 545 ILE A CA    1 
ATOM   850  C C     . ILE A 1 106 ? -1.934  0.770   -12.402 1.00 67.87  ? 545 ILE A C     1 
ATOM   851  O O     . ILE A 1 106 ? -2.914  0.069   -12.679 1.00 67.04  ? 545 ILE A O     1 
ATOM   852  C CB    . ILE A 1 106 ? -0.727  -0.480  -10.577 1.00 63.13  ? 545 ILE A CB    1 
ATOM   853  C CG1   . ILE A 1 106 ? -0.078  -0.387  -9.197  1.00 61.05  ? 545 ILE A CG1   1 
ATOM   854  C CG2   . ILE A 1 106 ? 0.310   -0.868  -11.631 1.00 63.88  ? 545 ILE A CG2   1 
ATOM   855  C CD1   . ILE A 1 106 ? 0.631   -1.656  -8.785  1.00 59.29  ? 545 ILE A CD1   1 
ATOM   856  N N     . ARG A 1 107 ? -1.264  1.486   -13.317 1.00 70.94  ? 546 ARG A N     1 
ATOM   857  C CA    . ARG A 1 107 ? -1.532  1.441   -14.760 1.00 74.67  ? 546 ARG A CA    1 
ATOM   858  C C     . ARG A 1 107 ? -0.504  0.580   -15.489 1.00 72.84  ? 546 ARG A C     1 
ATOM   859  O O     . ARG A 1 107 ? 0.696   0.658   -15.206 1.00 72.99  ? 546 ARG A O     1 
ATOM   860  C CB    . ARG A 1 107 ? -1.527  2.844   -15.370 1.00 74.93  ? 546 ARG A CB    1 
ATOM   861  C CG    . ARG A 1 107 ? -2.695  3.696   -14.928 1.00 76.49  ? 546 ARG A CG    1 
ATOM   862  C CD    . ARG A 1 107 ? -2.555  5.126   -15.428 1.00 77.31  ? 546 ARG A CD    1 
ATOM   863  N NE    . ARG A 1 107 ? -3.465  6.029   -14.729 1.00 77.62  ? 546 ARG A NE    1 
ATOM   864  C CZ    . ARG A 1 107 ? -4.766  6.103   -14.986 1.00 79.50  ? 546 ARG A CZ    1 
ATOM   865  N NH1   . ARG A 1 107 ? -5.293  5.328   -15.929 1.00 75.35  ? 546 ARG A NH1   1 
ATOM   866  N NH2   . ARG A 1 107 ? -5.537  6.949   -14.308 1.00 70.87  ? 546 ARG A NH2   1 
ATOM   867  N N     . GLU A 1 108 ? -0.982  -0.201  -16.471 1.00 73.98  ? 547 GLU A N     1 
ATOM   868  C CA    . GLU A 1 108 ? -0.210  -1.334  -16.981 1.00 75.64  ? 547 GLU A CA    1 
ATOM   869  C C     . GLU A 1 108 ? 1.085   -0.890  -17.665 1.00 77.38  ? 547 GLU A C     1 
ATOM   870  O O     . GLU A 1 108 ? 2.104   -1.571  -17.568 1.00 75.85  ? 547 GLU A O     1 
ATOM   871  C CB    . GLU A 1 108 ? -1.067  -2.182  -17.929 1.00 72.44  ? 547 GLU A CB    1 
ATOM   872  C CG    . GLU A 1 108 ? -0.226  -3.146  -18.788 1.00 78.30  ? 547 GLU A CG    1 
ATOM   873  C CD    . GLU A 1 108 ? -0.924  -4.427  -19.149 1.00 81.02  ? 547 GLU A CD    1 
ATOM   874  O OE1   . GLU A 1 108 ? -2.122  -4.582  -18.884 1.00 83.95  ? 547 GLU A OE1   1 
ATOM   875  O OE2   . GLU A 1 108 ? -0.279  -5.311  -19.726 1.00 86.56  ? 547 GLU A OE2   1 
ATOM   876  N N     . GLY A 1 109 ? 1.090   0.257   -18.335 1.00 76.96  ? 548 GLY A N     1 
ATOM   877  C CA    . GLY A 1 109 ? 2.289   0.618   -19.083 1.00 79.85  ? 548 GLY A CA    1 
ATOM   878  C C     . GLY A 1 109 ? 3.459   1.058   -18.221 1.00 81.13  ? 548 GLY A C     1 
ATOM   879  O O     . GLY A 1 109 ? 4.617   0.797   -18.566 1.00 84.42  ? 548 GLY A O     1 
ATOM   880  N N     . THR A 1 110 ? 3.175   1.673   -17.072 1.00 77.35  ? 549 THR A N     1 
ATOM   881  C CA    . THR A 1 110 ? 4.022   2.670   -16.425 1.00 76.43  ? 549 THR A CA    1 
ATOM   882  C C     . THR A 1 110 ? 5.257   2.056   -15.764 1.00 73.44  ? 549 THR A C     1 
ATOM   883  O O     . THR A 1 110 ? 5.422   0.837   -15.703 1.00 76.17  ? 549 THR A O     1 
ATOM   884  C CB    . THR A 1 110 ? 3.202   3.406   -15.372 1.00 75.80  ? 549 THR A CB    1 
ATOM   885  O OG1   . THR A 1 110 ? 2.832   2.455   -14.358 1.00 67.45  ? 549 THR A OG1   1 
ATOM   886  C CG2   . THR A 1 110 ? 1.950   3.986   -15.991 1.00 75.34  ? 549 THR A CG2   1 
ATOM   887  N N     . ILE A 1 111 ? 6.106   2.924   -15.214 1.00 74.50  ? 550 ILE A N     1 
ATOM   888  C CA    . ILE A 1 111 ? 7.200   2.498   -14.340 1.00 79.01  ? 550 ILE A CA    1 
ATOM   889  C C     . ILE A 1 111 ? 6.685   2.296   -12.916 1.00 80.47  ? 550 ILE A C     1 
ATOM   890  O O     . ILE A 1 111 ? 5.939   3.128   -12.385 1.00 75.79  ? 550 ILE A O     1 
ATOM   891  C CB    . ILE A 1 111 ? 8.356   3.513   -14.352 1.00 79.80  ? 550 ILE A CB    1 
ATOM   892  C CG1   . ILE A 1 111 ? 7.865   4.969   -14.378 1.00 88.21  ? 550 ILE A CG1   1 
ATOM   893  C CG2   . ILE A 1 111 ? 9.230   3.292   -15.570 1.00 85.40  ? 550 ILE A CG2   1 
ATOM   894  C CD1   . ILE A 1 111 ? 7.238   5.589   -13.086 1.00 89.77  ? 550 ILE A CD1   1 
ATOM   895  N N     . GLY A 1 112 ? 7.132   1.220   -12.268 1.00 78.74  ? 551 GLY A N     1 
ATOM   896  C CA    . GLY A 1 112 ? 6.729   0.942   -10.903 1.00 77.11  ? 551 GLY A CA    1 
ATOM   897  C C     . GLY A 1 112 ? 7.714   1.534   -9.919  1.00 75.17  ? 551 GLY A C     1 
ATOM   898  O O     . GLY A 1 112 ? 8.922   1.300   -10.016 1.00 76.51  ? 551 GLY A O     1 
ATOM   899  N N     . LYS A 1 113 ? 7.192   2.299   -8.965  1.00 63.60  ? 552 LYS A N     1 
ATOM   900  C CA    . LYS A 1 113 ? 7.999   2.813   -7.874  1.00 66.29  ? 552 LYS A CA    1 
ATOM   901  C C     . LYS A 1 113 ? 7.602   2.273   -6.493  1.00 65.39  ? 552 LYS A C     1 
ATOM   902  O O     . LYS A 1 113 ? 8.264   2.619   -5.508  1.00 66.10  ? 552 LYS A O     1 
ATOM   903  C CB    . LYS A 1 113 ? 7.957   4.350   -7.877  1.00 65.46  ? 552 LYS A CB    1 
ATOM   904  N N     . LYS A 1 114 ? 6.581   1.415   -6.380  1.00 61.03  ? 553 LYS A N     1 
ATOM   905  C CA    . LYS A 1 114 ? 6.189   0.892   -5.065  1.00 63.59  ? 553 LYS A CA    1 
ATOM   906  C C     . LYS A 1 114 ? 5.307   -0.351  -5.200  1.00 61.93  ? 553 LYS A C     1 
ATOM   907  O O     . LYS A 1 114 ? 4.664   -0.580  -6.229  1.00 64.16  ? 553 LYS A O     1 
ATOM   908  C CB    . LYS A 1 114 ? 5.471   1.970   -4.233  1.00 59.77  ? 553 LYS A CB    1 
ATOM   909  C CG    . LYS A 1 114 ? 4.515   2.863   -5.039  1.00 60.59  ? 553 LYS A CG    1 
ATOM   910  C CD    . LYS A 1 114 ? 3.700   3.820   -4.163  1.00 61.61  ? 553 LYS A CD    1 
ATOM   911  C CE    . LYS A 1 114 ? 4.552   4.704   -3.265  1.00 65.07  ? 553 LYS A CE    1 
ATOM   912  N NZ    . LYS A 1 114 ? 3.716   5.796   -2.659  1.00 66.90  ? 553 LYS A NZ    1 
ATOM   913  N N     . MET A 1 115 ? 5.279   -1.166  -4.147  1.00 59.79  ? 554 MET A N     1 
ATOM   914  C CA    . MET A 1 115 ? 4.300   -2.248  -4.090  1.00 58.60  ? 554 MET A CA    1 
ATOM   915  C C     . MET A 1 115 ? 3.296   -1.977  -2.972  1.00 55.90  ? 554 MET A C     1 
ATOM   916  O O     . MET A 1 115 ? 3.448   -1.029  -2.189  1.00 54.42  ? 554 MET A O     1 
ATOM   917  C CB    . MET A 1 115 ? 4.972   -3.609  -3.901  1.00 55.19  ? 554 MET A CB    1 
ATOM   918  C CG    . MET A 1 115 ? 5.665   -3.795  -2.558  1.00 57.83  ? 554 MET A CG    1 
ATOM   919  S SD    . MET A 1 115 ? 6.208   -5.507  -2.327  1.00 65.05  ? 554 MET A SD    1 
ATOM   920  C CE    . MET A 1 115 ? 4.630   -6.361  -2.373  1.00 55.37  ? 554 MET A CE    1 
ATOM   921  N N     . TYR A 1 116 ? 2.268   -2.829  -2.896  1.00 51.84  ? 555 TYR A N     1 
ATOM   922  C CA    . TYR A 1 116 ? 1.126   -2.595  -2.013  1.00 48.76  ? 555 TYR A CA    1 
ATOM   923  C C     . TYR A 1 116 ? 0.737   -3.867  -1.291  1.00 50.97  ? 555 TYR A C     1 
ATOM   924  O O     . TYR A 1 116 ? 0.668   -4.944  -1.903  1.00 51.04  ? 555 TYR A O     1 
ATOM   925  C CB    . TYR A 1 116 ? -0.090  -2.107  -2.787  1.00 44.34  ? 555 TYR A CB    1 
ATOM   926  C CG    . TYR A 1 116 ? 0.159   -0.779  -3.416  1.00 53.92  ? 555 TYR A CG    1 
ATOM   927  C CD1   . TYR A 1 116 ? 0.770   -0.695  -4.668  1.00 52.44  ? 555 TYR A CD1   1 
ATOM   928  C CD2   . TYR A 1 116 ? -0.182  0.400   -2.761  1.00 50.62  ? 555 TYR A CD2   1 
ATOM   929  C CE1   . TYR A 1 116 ? 1.019   0.517   -5.243  1.00 53.52  ? 555 TYR A CE1   1 
ATOM   930  C CE2   . TYR A 1 116 ? 0.058   1.633   -3.350  1.00 52.18  ? 555 TYR A CE2   1 
ATOM   931  C CZ    . TYR A 1 116 ? 0.666   1.674   -4.592  1.00 55.12  ? 555 TYR A CZ    1 
ATOM   932  O OH    . TYR A 1 116 ? 0.929   2.869   -5.210  1.00 62.28  ? 555 TYR A OH    1 
ATOM   933  N N     . PHE A 1 117 ? 0.459   -3.726  0.000   1.00 43.18  ? 556 PHE A N     1 
ATOM   934  C CA    . PHE A 1 117 ? -0.071  -4.807  0.822   1.00 48.83  ? 556 PHE A CA    1 
ATOM   935  C C     . PHE A 1 117 ? -1.497  -4.471  1.221   1.00 47.75  ? 556 PHE A C     1 
ATOM   936  O O     . PHE A 1 117 ? -1.766  -3.371  1.719   1.00 45.83  ? 556 PHE A O     1 
ATOM   937  C CB    . PHE A 1 117 ? 0.789   -5.027  2.068   1.00 47.85  ? 556 PHE A CB    1 
ATOM   938  C CG    . PHE A 1 117 ? 2.219   -5.389  1.759   1.00 50.91  ? 556 PHE A CG    1 
ATOM   939  C CD1   . PHE A 1 117 ? 3.164   -4.404  1.513   1.00 52.12  ? 556 PHE A CD1   1 
ATOM   940  C CD2   . PHE A 1 117 ? 2.619   -6.723  1.719   1.00 54.70  ? 556 PHE A CD2   1 
ATOM   941  C CE1   . PHE A 1 117 ? 4.510   -4.754  1.231   1.00 58.58  ? 556 PHE A CE1   1 
ATOM   942  C CE2   . PHE A 1 117 ? 3.947   -7.076  1.445   1.00 51.95  ? 556 PHE A CE2   1 
ATOM   943  C CZ    . PHE A 1 117 ? 4.886   -6.091  1.190   1.00 52.74  ? 556 PHE A CZ    1 
ATOM   944  N N     . ILE A 1 118 ? -2.401  -5.424  1.009   1.00 49.59  ? 557 ILE A N     1 
ATOM   945  C CA    . ILE A 1 118 ? -3.825  -5.191  1.205   1.00 53.58  ? 557 ILE A CA    1 
ATOM   946  C C     . ILE A 1 118 ? -4.170  -5.464  2.657   1.00 53.37  ? 557 ILE A C     1 
ATOM   947  O O     . ILE A 1 118 ? -4.251  -6.616  3.086   1.00 53.08  ? 557 ILE A O     1 
ATOM   948  C CB    . ILE A 1 118 ? -4.674  -6.060  0.281   1.00 51.53  ? 557 ILE A CB    1 
ATOM   949  C CG1   . ILE A 1 118 ? -4.372  -5.717  -1.174  1.00 52.40  ? 557 ILE A CG1   1 
ATOM   950  C CG2   . ILE A 1 118 ? -6.151  -5.836  0.603   1.00 55.17  ? 557 ILE A CG2   1 
ATOM   951  C CD1   . ILE A 1 118 ? -5.089  -6.619  -2.147  1.00 56.50  ? 557 ILE A CD1   1 
ATOM   952  N N     . GLN A 1 119 ? -4.413  -4.408  3.415   1.00 49.46  ? 558 GLN A N     1 
ATOM   953  C CA    . GLN A 1 119 ? -4.917  -4.656  4.753   1.00 57.91  ? 558 GLN A CA    1 
ATOM   954  C C     . GLN A 1 119 ? -6.400  -5.008  4.694   1.00 59.50  ? 558 GLN A C     1 
ATOM   955  O O     . GLN A 1 119 ? -6.810  -6.085  5.139   1.00 59.96  ? 558 GLN A O     1 
ATOM   956  C CB    . GLN A 1 119 ? -4.669  -3.452  5.649   1.00 57.97  ? 558 GLN A CB    1 
ATOM   957  C CG    . GLN A 1 119 ? -4.903  -3.774  7.108   1.00 63.59  ? 558 GLN A CG    1 
ATOM   958  C CD    . GLN A 1 119 ? -5.634  -2.670  7.795   1.00 65.11  ? 558 GLN A CD    1 
ATOM   959  O OE1   . GLN A 1 119 ? -6.748  -2.304  7.397   1.00 74.72  ? 558 GLN A OE1   1 
ATOM   960  N NE2   . GLN A 1 119 ? -5.005  -2.095  8.815   1.00 66.51  ? 558 GLN A NE2   1 
ATOM   961  N N     . HIS A 1 120 ? -7.211  -4.135  4.100   1.00 56.95  ? 559 HIS A N     1 
ATOM   962  C CA    . HIS A 1 120 ? -8.622  -4.427  3.883   1.00 57.53  ? 559 HIS A CA    1 
ATOM   963  C C     . HIS A 1 120 ? -9.029  -3.913  2.511   1.00 55.11  ? 559 HIS A C     1 
ATOM   964  O O     . HIS A 1 120 ? -8.718  -2.773  2.163   1.00 58.18  ? 559 HIS A O     1 
ATOM   965  C CB    . HIS A 1 120 ? -9.477  -3.781  4.986   1.00 60.78  ? 559 HIS A CB    1 
ATOM   966  C CG    . HIS A 1 120 ? -10.915 -4.183  4.954   1.00 64.42  ? 559 HIS A CG    1 
ATOM   967  N ND1   . HIS A 1 120 ? -11.323 -5.467  4.668   1.00 66.96  ? 559 HIS A ND1   1 
ATOM   968  C CD2   . HIS A 1 120 ? -12.042 -3.473  5.199   1.00 71.30  ? 559 HIS A CD2   1 
ATOM   969  C CE1   . HIS A 1 120 ? -12.643 -5.530  4.723   1.00 66.92  ? 559 HIS A CE1   1 
ATOM   970  N NE2   . HIS A 1 120 ? -13.104 -4.333  5.041   1.00 71.63  ? 559 HIS A NE2   1 
ATOM   971  N N     . GLY A 1 121 ? -9.725  -4.736  1.737   1.00 60.79  ? 560 GLY A N     1 
ATOM   972  C CA    . GLY A 1 121 ? -10.286 -4.264  0.491   1.00 57.42  ? 560 GLY A CA    1 
ATOM   973  C C     . GLY A 1 121 ? -10.206 -5.283  -0.629  1.00 56.34  ? 560 GLY A C     1 
ATOM   974  O O     . GLY A 1 121 ? -9.562  -6.319  -0.465  1.00 63.77  ? 560 GLY A O     1 
ATOM   975  N N     . VAL A 1 122 ? -10.853 -5.013  -1.759  1.00 54.45  ? 561 VAL A N     1 
ATOM   976  C CA    . VAL A 1 122 ? -10.794 -5.872  -2.935  1.00 58.55  ? 561 VAL A CA    1 
ATOM   977  C C     . VAL A 1 122 ? -10.266 -5.060  -4.107  1.00 59.77  ? 561 VAL A C     1 
ATOM   978  O O     . VAL A 1 122 ? -10.687 -3.918  -4.314  1.00 60.36  ? 561 VAL A O     1 
ATOM   979  C CB    . VAL A 1 122 ? -12.179 -6.464  -3.272  1.00 63.60  ? 561 VAL A CB    1 
ATOM   980  C CG1   . VAL A 1 122 ? -12.071 -7.514  -4.362  1.00 61.80  ? 561 VAL A CG1   1 
ATOM   981  C CG2   . VAL A 1 122 ? -12.849 -7.033  -2.030  1.00 62.24  ? 561 VAL A CG2   1 
ATOM   982  N N     . VAL A 1 123 ? -9.353  -5.650  -4.886  1.00 61.58  ? 562 VAL A N     1 
ATOM   983  C CA    . VAL A 1 123 ? -8.854  -5.013  -6.096  1.00 60.83  ? 562 VAL A CA    1 
ATOM   984  C C     . VAL A 1 123 ? -8.986  -5.976  -7.262  1.00 66.66  ? 562 VAL A C     1 
ATOM   985  O O     . VAL A 1 123 ? -9.114  -7.189  -7.088  1.00 70.42  ? 562 VAL A O     1 
ATOM   986  C CB    . VAL A 1 123 ? -7.394  -4.562  -5.967  1.00 62.74  ? 562 VAL A CB    1 
ATOM   987  C CG1   . VAL A 1 123 ? -7.243  -3.586  -4.790  1.00 58.03  ? 562 VAL A CG1   1 
ATOM   988  C CG2   . VAL A 1 123 ? -6.497  -5.789  -5.818  1.00 61.84  ? 562 VAL A CG2   1 
ATOM   989  N N     . SER A 1 124 ? -8.917  -5.416  -8.466  1.00 66.35  ? 563 SER A N     1 
ATOM   990  C CA    . SER A 1 124 ? -9.044  -6.176  -9.701  1.00 72.26  ? 563 SER A CA    1 
ATOM   991  C C     . SER A 1 124 ? -7.747  -6.078  -10.494 1.00 72.69  ? 563 SER A C     1 
ATOM   992  O O     . SER A 1 124 ? -7.253  -4.973  -10.751 1.00 64.83  ? 563 SER A O     1 
ATOM   993  C CB    . SER A 1 124 ? -10.228 -5.669  -10.537 1.00 73.21  ? 563 SER A CB    1 
ATOM   994  O OG    . SER A 1 124 ? -11.449 -5.714  -9.801  1.00 73.14  ? 563 SER A OG    1 
ATOM   995  N N     . VAL A 1 125 ? -7.204  -7.235  -10.875 1.00 69.98  ? 564 VAL A N     1 
ATOM   996  C CA    . VAL A 1 125 ? -6.009  -7.298  -11.709 1.00 76.16  ? 564 VAL A CA    1 
ATOM   997  C C     . VAL A 1 125 ? -6.429  -7.420  -13.168 1.00 77.58  ? 564 VAL A C     1 
ATOM   998  O O     . VAL A 1 125 ? -7.182  -8.334  -13.530 1.00 80.02  ? 564 VAL A O     1 
ATOM   999  C CB    . VAL A 1 125 ? -5.111  -8.473  -11.293 1.00 75.06  ? 564 VAL A CB    1 
ATOM   1000 C CG1   . VAL A 1 125 ? -3.827  -8.451  -12.104 1.00 72.02  ? 564 VAL A CG1   1 
ATOM   1001 C CG2   . VAL A 1 125 ? -4.820  -8.394  -9.797  1.00 69.79  ? 564 VAL A CG2   1 
ATOM   1002 N N     . LEU A 1 126 ? -5.921  -6.513  -14.008 1.00 73.71  ? 565 LEU A N     1 
ATOM   1003 C CA    . LEU A 1 126 ? -6.424  -6.295  -15.358 1.00 77.55  ? 565 LEU A CA    1 
ATOM   1004 C C     . LEU A 1 126 ? -5.280  -6.239  -16.361 1.00 80.22  ? 565 LEU A C     1 
ATOM   1005 O O     . LEU A 1 126 ? -4.358  -5.432  -16.207 1.00 80.71  ? 565 LEU A O     1 
ATOM   1006 C CB    . LEU A 1 126 ? -7.220  -4.980  -15.442 1.00 75.28  ? 565 LEU A CB    1 
ATOM   1007 C CG    . LEU A 1 126 ? -8.407  -4.783  -14.490 1.00 76.22  ? 565 LEU A CG    1 
ATOM   1008 C CD1   . LEU A 1 126 ? -9.166  -3.490  -14.798 1.00 74.89  ? 565 LEU A CD1   1 
ATOM   1009 C CD2   . LEU A 1 126 ? -9.325  -6.002  -14.524 1.00 79.62  ? 565 LEU A CD2   1 
ATOM   1010 N N     . THR A 1 127 ? -5.357  -7.077  -17.396 1.00 84.14  ? 566 THR A N     1 
ATOM   1011 C CA    . THR A 1 127 ? -4.519  -6.957  -18.586 1.00 90.21  ? 566 THR A CA    1 
ATOM   1012 C C     . THR A 1 127 ? -5.401  -6.962  -19.824 1.00 93.60  ? 566 THR A C     1 
ATOM   1013 O O     . THR A 1 127 ? -6.350  -7.751  -19.915 1.00 92.68  ? 566 THR A O     1 
ATOM   1014 C CB    . THR A 1 127 ? -3.503  -8.098  -18.714 1.00 85.40  ? 566 THR A CB    1 
ATOM   1015 O OG1   . THR A 1 127 ? -4.191  -9.352  -18.670 1.00 92.44  ? 566 THR A OG1   1 
ATOM   1016 C CG2   . THR A 1 127 ? -2.501  -8.052  -17.600 1.00 82.73  ? 566 THR A CG2   1 
ATOM   1017 N N     . LYS A 1 128 ? -5.092  -6.072  -20.772 1.00 93.19  ? 567 LYS A N     1 
ATOM   1018 C CA    . LYS A 1 128 ? -5.698  -6.161  -22.093 1.00 94.10  ? 567 LYS A CA    1 
ATOM   1019 C C     . LYS A 1 128 ? -5.377  -7.540  -22.649 1.00 93.74  ? 567 LYS A C     1 
ATOM   1020 O O     . LYS A 1 128 ? -4.227  -7.811  -22.997 1.00 96.37  ? 567 LYS A O     1 
ATOM   1021 C CB    . LYS A 1 128 ? -5.185  -5.055  -23.019 1.00 89.78  ? 567 LYS A CB    1 
ATOM   1022 N N     . GLY A 1 129 ? -6.356  -8.432  -22.663 1.00 92.61  ? 568 GLY A N     1 
ATOM   1023 C CA    . GLY A 1 129 ? -6.168  -9.769  -23.168 1.00 99.38  ? 568 GLY A CA    1 
ATOM   1024 C C     . GLY A 1 129 ? -6.160  -10.907 -22.152 1.00 105.17 ? 568 GLY A C     1 
ATOM   1025 O O     . GLY A 1 129 ? -5.601  -11.964 -22.456 1.00 110.88 ? 568 GLY A O     1 
ATOM   1026 N N     . ASN A 1 130 ? -6.742  -10.724 -20.971 1.00 104.32 ? 569 ASN A N     1 
ATOM   1027 C CA    . ASN A 1 130 ? -6.953  -11.823 -20.038 1.00 106.69 ? 569 ASN A CA    1 
ATOM   1028 C C     . ASN A 1 130 ? -8.173  -11.485 -19.198 1.00 105.73 ? 569 ASN A C     1 
ATOM   1029 O O     . ASN A 1 130 ? -8.747  -10.400 -19.314 1.00 105.85 ? 569 ASN A O     1 
ATOM   1030 C CB    . ASN A 1 130 ? -5.720  -12.078 -19.159 1.00 103.55 ? 569 ASN A CB    1 
ATOM   1031 N N     . LYS A 1 131 ? -8.576  -12.428 -18.351 1.00 106.49 ? 570 LYS A N     1 
ATOM   1032 C CA    . LYS A 1 131 ? -9.701  -12.187 -17.460 1.00 106.98 ? 570 LYS A CA    1 
ATOM   1033 C C     . LYS A 1 131 ? -9.252  -11.335 -16.270 1.00 102.91 ? 570 LYS A C     1 
ATOM   1034 O O     . LYS A 1 131 ? -8.103  -10.890 -16.181 1.00 101.01 ? 570 LYS A O     1 
ATOM   1035 C CB    . LYS A 1 131 ? -10.314 -13.512 -17.009 1.00 107.08 ? 570 LYS A CB    1 
ATOM   1036 N N     . GLU A 1 132 ? -10.170 -11.094 -15.344 1.00 97.42  ? 571 GLU A N     1 
ATOM   1037 C CA    . GLU A 1 132 ? -9.895  -10.296 -14.159 1.00 95.05  ? 571 GLU A CA    1 
ATOM   1038 C C     . GLU A 1 132 ? -9.805  -11.219 -12.948 1.00 94.51  ? 571 GLU A C     1 
ATOM   1039 O O     . GLU A 1 132 ? -10.764 -11.937 -12.640 1.00 96.01  ? 571 GLU A O     1 
ATOM   1040 C CB    . GLU A 1 132 ? -10.980 -9.233  -13.960 1.00 92.19  ? 571 GLU A CB    1 
ATOM   1041 N N     . MET A 1 133 ? -8.647  -11.217 -12.279 1.00 88.48  ? 572 MET A N     1 
ATOM   1042 C CA    . MET A 1 133 ? -8.484  -11.877 -10.990 1.00 80.74  ? 572 MET A CA    1 
ATOM   1043 C C     . MET A 1 133 ? -8.669  -10.865 -9.875  1.00 76.46  ? 572 MET A C     1 
ATOM   1044 O O     . MET A 1 133 ? -8.275  -9.705  -10.002 1.00 76.76  ? 572 MET A O     1 
ATOM   1045 C CB    . MET A 1 133 ? -7.107  -12.514 -10.834 1.00 80.70  ? 572 MET A CB    1 
ATOM   1046 C CG    . MET A 1 133 ? -6.779  -13.589 -11.821 1.00 87.19  ? 572 MET A CG    1 
ATOM   1047 S SD    . MET A 1 133 ? -5.217  -13.166 -12.592 1.00 92.71  ? 572 MET A SD    1 
ATOM   1048 C CE    . MET A 1 133 ? -5.717  -11.732 -13.543 1.00 87.59  ? 572 MET A CE    1 
ATOM   1049 N N     . LYS A 1 134 ? -9.241  -11.315 -8.774  1.00 70.98  ? 573 LYS A N     1 
ATOM   1050 C CA    . LYS A 1 134 ? -9.414  -10.466 -7.611  1.00 68.40  ? 573 LYS A CA    1 
ATOM   1051 C C     . LYS A 1 134 ? -8.350  -10.810 -6.580  1.00 70.83  ? 573 LYS A C     1 
ATOM   1052 O O     . LYS A 1 134 ? -7.980  -11.978 -6.419  1.00 67.05  ? 573 LYS A O     1 
ATOM   1053 C CB    . LYS A 1 134 ? -10.817 -10.628 -7.016  1.00 62.76  ? 573 LYS A CB    1 
ATOM   1054 N N     . LEU A 1 135 ? -7.835  -9.780  -5.911  1.00 66.78  ? 574 LEU A N     1 
ATOM   1055 C CA    . LEU A 1 135 ? -7.009  -9.928  -4.726  1.00 62.99  ? 574 LEU A CA    1 
ATOM   1056 C C     . LEU A 1 135 ? -7.657  -9.187  -3.567  1.00 61.98  ? 574 LEU A C     1 
ATOM   1057 O O     . LEU A 1 135 ? -8.393  -8.220  -3.777  1.00 63.67  ? 574 LEU A O     1 
ATOM   1058 C CB    . LEU A 1 135 ? -5.635  -9.357  -4.942  1.00 60.17  ? 574 LEU A CB    1 
ATOM   1059 C CG    . LEU A 1 135 ? -4.819  -9.939  -6.067  1.00 63.68  ? 574 LEU A CG    1 
ATOM   1060 C CD1   . LEU A 1 135 ? -3.604  -9.033  -6.162  1.00 55.02  ? 574 LEU A CD1   1 
ATOM   1061 C CD2   . LEU A 1 135 ? -4.428  -11.377 -5.770  1.00 58.24  ? 574 LEU A CD2   1 
ATOM   1062 N N     . SER A 1 136 ? -7.357  -9.611  -2.344  1.00 58.73  ? 575 SER A N     1 
ATOM   1063 C CA    . SER A 1 136 ? -8.049  -8.999  -1.218  1.00 58.97  ? 575 SER A CA    1 
ATOM   1064 C C     . SER A 1 136 ? -7.226  -9.184  0.060   1.00 58.11  ? 575 SER A C     1 
ATOM   1065 O O     . SER A 1 136 ? -6.037  -9.517  -0.002  1.00 56.96  ? 575 SER A O     1 
ATOM   1066 C CB    . SER A 1 136 ? -9.451  -9.598  -1.089  1.00 58.40  ? 575 SER A CB    1 
ATOM   1067 O OG    . SER A 1 136 ? -9.972  -9.241  0.183   1.00 70.78  ? 575 SER A OG    1 
ATOM   1068 N N     . ASP A 1 137 ? -7.875  -8.983  1.215   1.00 55.30  ? 576 ASP A N     1 
ATOM   1069 C CA    . ASP A 1 137 ? -7.200  -8.939  2.512   1.00 53.89  ? 576 ASP A CA    1 
ATOM   1070 C C     . ASP A 1 137 ? -6.186  -10.061 2.638   1.00 59.06  ? 576 ASP A C     1 
ATOM   1071 O O     . ASP A 1 137 ? -6.482  -11.217 2.331   1.00 60.93  ? 576 ASP A O     1 
ATOM   1072 C CB    . ASP A 1 137 ? -8.216  -9.061  3.664   1.00 60.54  ? 576 ASP A CB    1 
ATOM   1073 C CG    . ASP A 1 137 ? -9.275  -7.958  3.675   1.00 63.54  ? 576 ASP A CG    1 
ATOM   1074 O OD1   . ASP A 1 137 ? -9.833  -7.604  2.616   1.00 67.39  ? 576 ASP A OD1   1 
ATOM   1075 O OD2   . ASP A 1 137 ? -9.572  -7.446  4.780   1.00 69.58  ? 576 ASP A OD2   1 
ATOM   1076 N N     . GLY A 1 138 ? -4.984  -9.720  3.088   1.00 60.28  ? 577 GLY A N     1 
ATOM   1077 C CA    . GLY A 1 138 ? -3.930  -10.702 3.225   1.00 57.50  ? 577 GLY A CA    1 
ATOM   1078 C C     . GLY A 1 138 ? -3.085  -10.901 1.995   1.00 59.73  ? 577 GLY A C     1 
ATOM   1079 O O     . GLY A 1 138 ? -2.093  -11.634 2.056   1.00 61.80  ? 577 GLY A O     1 
ATOM   1080 N N     . SER A 1 139 ? -3.436  -10.278 0.880   1.00 62.12  ? 578 SER A N     1 
ATOM   1081 C CA    . SER A 1 139 ? -2.677  -10.429 -0.349  1.00 60.71  ? 578 SER A CA    1 
ATOM   1082 C C     . SER A 1 139 ? -1.875  -9.159  -0.634  1.00 57.79  ? 578 SER A C     1 
ATOM   1083 O O     . SER A 1 139 ? -2.057  -8.122  0.008   1.00 56.92  ? 578 SER A O     1 
ATOM   1084 C CB    . SER A 1 139 ? -3.613  -10.774 -1.512  1.00 62.41  ? 578 SER A CB    1 
ATOM   1085 O OG    . SER A 1 139 ? -2.904  -11.530 -2.489  1.00 70.22  ? 578 SER A OG    1 
ATOM   1086 N N     . TYR A 1 140 ? -0.956  -9.254  -1.594  1.00 55.13  ? 579 TYR A N     1 
ATOM   1087 C CA    . TYR A 1 140 ? -0.134  -8.123  -1.990  1.00 52.08  ? 579 TYR A CA    1 
ATOM   1088 C C     . TYR A 1 140 ? 0.026   -8.115  -3.508  1.00 58.98  ? 579 TYR A C     1 
ATOM   1089 O O     . TYR A 1 140 ? -0.217  -9.113  -4.188  1.00 56.99  ? 579 TYR A O     1 
ATOM   1090 C CB    . TYR A 1 140 ? 1.224   -8.168  -1.298  1.00 56.50  ? 579 TYR A CB    1 
ATOM   1091 C CG    . TYR A 1 140 ? 2.053   -9.365  -1.682  1.00 60.51  ? 579 TYR A CG    1 
ATOM   1092 C CD1   . TYR A 1 140 ? 2.740   -9.392  -2.899  1.00 59.03  ? 579 TYR A CD1   1 
ATOM   1093 C CD2   . TYR A 1 140 ? 2.175   -10.463 -0.828  1.00 58.08  ? 579 TYR A CD2   1 
ATOM   1094 C CE1   . TYR A 1 140 ? 3.496   -10.478 -3.274  1.00 60.44  ? 579 TYR A CE1   1 
ATOM   1095 C CE2   . TYR A 1 140 ? 2.945   -11.563 -1.195  1.00 56.54  ? 579 TYR A CE2   1 
ATOM   1096 C CZ    . TYR A 1 140 ? 3.600   -11.559 -2.424  1.00 58.56  ? 579 TYR A CZ    1 
ATOM   1097 O OH    . TYR A 1 140 ? 4.370   -12.624 -2.825  1.00 64.63  ? 579 TYR A OH    1 
ATOM   1098 N N     . PHE A 1 141 ? 0.470   -6.981  -4.043  1.00 56.76  ? 580 PHE A N     1 
ATOM   1099 C CA    . PHE A 1 141 ? 0.609   -6.841  -5.489  1.00 54.08  ? 580 PHE A CA    1 
ATOM   1100 C C     . PHE A 1 141 ? 1.535   -5.670  -5.787  1.00 55.47  ? 580 PHE A C     1 
ATOM   1101 O O     . PHE A 1 141 ? 1.917   -4.909  -4.895  1.00 53.51  ? 580 PHE A O     1 
ATOM   1102 C CB    . PHE A 1 141 ? -0.745  -6.636  -6.160  1.00 52.22  ? 580 PHE A CB    1 
ATOM   1103 C CG    . PHE A 1 141 ? -1.424  -5.342  -5.750  1.00 53.97  ? 580 PHE A CG    1 
ATOM   1104 C CD1   . PHE A 1 141 ? -1.081  -4.137  -6.338  1.00 50.60  ? 580 PHE A CD1   1 
ATOM   1105 C CD2   . PHE A 1 141 ? -2.392  -5.345  -4.771  1.00 51.12  ? 580 PHE A CD2   1 
ATOM   1106 C CE1   . PHE A 1 141 ? -1.706  -2.948  -5.964  1.00 54.92  ? 580 PHE A CE1   1 
ATOM   1107 C CE2   . PHE A 1 141 ? -3.027  -4.168  -4.396  1.00 45.92  ? 580 PHE A CE2   1 
ATOM   1108 C CZ    . PHE A 1 141 ? -2.677  -2.978  -4.986  1.00 49.72  ? 580 PHE A CZ    1 
ATOM   1109 N N     . GLY A 1 142 ? 1.874   -5.518  -7.072  1.00 57.23  ? 581 GLY A N     1 
ATOM   1110 C CA    . GLY A 1 142 ? 2.916   -4.588  -7.468  1.00 55.32  ? 581 GLY A CA    1 
ATOM   1111 C C     . GLY A 1 142 ? 4.336   -5.072  -7.254  1.00 59.70  ? 581 GLY A C     1 
ATOM   1112 O O     . GLY A 1 142 ? 5.277   -4.283  -7.414  1.00 60.16  ? 581 GLY A O     1 
ATOM   1113 N N     . GLU A 1 143 ? 4.533   -6.345  -6.908  1.00 55.76  ? 582 GLU A N     1 
ATOM   1114 C CA    . GLU A 1 143 ? 5.874   -6.824  -6.573  1.00 60.20  ? 582 GLU A CA    1 
ATOM   1115 C C     . GLU A 1 143 ? 6.722   -7.127  -7.808  1.00 61.98  ? 582 GLU A C     1 
ATOM   1116 O O     . GLU A 1 143 ? 7.953   -7.048  -7.741  1.00 64.51  ? 582 GLU A O     1 
ATOM   1117 C CB    . GLU A 1 143 ? 5.781   -8.084  -5.689  1.00 61.70  ? 582 GLU A CB    1 
ATOM   1118 C CG    . GLU A 1 143 ? 5.405   -9.392  -6.415  1.00 59.86  ? 582 GLU A CG    1 
ATOM   1119 C CD    . GLU A 1 143 ? 3.960   -9.469  -6.848  1.00 60.51  ? 582 GLU A CD    1 
ATOM   1120 O OE1   . GLU A 1 143 ? 3.193   -8.514  -6.592  1.00 66.19  ? 582 GLU A OE1   1 
ATOM   1121 O OE2   . GLU A 1 143 ? 3.572   -10.483 -7.466  1.00 64.33  ? 582 GLU A OE2   1 
ATOM   1122 N N     . ILE A 1 144 ? 6.094   -7.480  -8.929  1.00 64.22  ? 583 ILE A N     1 
ATOM   1123 C CA    . ILE A 1 144 ? 6.836   -7.909  -10.117 1.00 64.90  ? 583 ILE A CA    1 
ATOM   1124 C C     . ILE A 1 144 ? 7.766   -6.807  -10.610 1.00 66.19  ? 583 ILE A C     1 
ATOM   1125 O O     . ILE A 1 144 ? 8.987   -6.991  -10.677 1.00 69.52  ? 583 ILE A O     1 
ATOM   1126 C CB    . ILE A 1 144 ? 5.869   -8.348  -11.224 1.00 60.95  ? 583 ILE A CB    1 
ATOM   1127 C CG1   . ILE A 1 144 ? 5.134   -9.611  -10.776 1.00 61.49  ? 583 ILE A CG1   1 
ATOM   1128 C CG2   . ILE A 1 144 ? 6.643   -8.584  -12.506 1.00 69.39  ? 583 ILE A CG2   1 
ATOM   1129 C CD1   . ILE A 1 144 ? 4.109   -10.114 -11.775 1.00 68.90  ? 583 ILE A CD1   1 
ATOM   1130 N N     . CYS A 1 145 ? 7.199   -5.654  -10.978 1.00 65.24  ? 584 CYS A N     1 
ATOM   1131 C CA    . CYS A 1 145 ? 8.025   -4.541  -11.439 1.00 66.14  ? 584 CYS A CA    1 
ATOM   1132 C C     . CYS A 1 145 ? 9.157   -4.267  -10.470 1.00 70.02  ? 584 CYS A C     1 
ATOM   1133 O O     . CYS A 1 145 ? 10.275  -3.940  -10.884 1.00 73.18  ? 584 CYS A O     1 
ATOM   1134 C CB    . CYS A 1 145 ? 7.177   -3.282  -11.623 1.00 70.61  ? 584 CYS A CB    1 
ATOM   1135 S SG    . CYS A 1 145 ? 8.037   -1.923  -12.490 1.00 85.58  ? 584 CYS A SG    1 
ATOM   1136 N N     . LEU A 1 146 ? 8.896   -4.425  -9.167  1.00 66.69  ? 585 LEU A N     1 
ATOM   1137 C CA    . LEU A 1 146 ? 9.950   -4.201  -8.179  1.00 68.52  ? 585 LEU A CA    1 
ATOM   1138 C C     . LEU A 1 146 ? 11.101  -5.182  -8.361  1.00 66.99  ? 585 LEU A C     1 
ATOM   1139 O O     . LEU A 1 146 ? 12.266  -4.824  -8.167  1.00 71.03  ? 585 LEU A O     1 
ATOM   1140 C CB    . LEU A 1 146 ? 9.379   -4.299  -6.765  1.00 62.83  ? 585 LEU A CB    1 
ATOM   1141 C CG    . LEU A 1 146 ? 9.299   -2.954  -6.045  1.00 66.27  ? 585 LEU A CG    1 
ATOM   1142 C CD1   . LEU A 1 146 ? 8.486   -1.976  -6.857  1.00 65.21  ? 585 LEU A CD1   1 
ATOM   1143 C CD2   . LEU A 1 146 ? 8.690   -3.099  -4.660  1.00 63.75  ? 585 LEU A CD2   1 
ATOM   1144 N N     . LEU A 1 147 ? 10.788  -6.421  -8.733  1.00 65.35  ? 586 LEU A N     1 
ATOM   1145 C CA    . LEU A 1 147 ? 11.807  -7.455  -8.861  1.00 73.24  ? 586 LEU A CA    1 
ATOM   1146 C C     . LEU A 1 147 ? 12.499  -7.393  -10.219 1.00 76.01  ? 586 LEU A C     1 
ATOM   1147 O O     . LEU A 1 147 ? 13.730  -7.425  -10.296 1.00 77.91  ? 586 LEU A O     1 
ATOM   1148 C CB    . LEU A 1 147 ? 11.179  -8.831  -8.649  1.00 71.29  ? 586 LEU A CB    1 
ATOM   1149 C CG    . LEU A 1 147 ? 10.661  -9.099  -7.242  1.00 71.47  ? 586 LEU A CG    1 
ATOM   1150 C CD1   . LEU A 1 147 ? 9.604   -10.206 -7.257  1.00 66.34  ? 586 LEU A CD1   1 
ATOM   1151 C CD2   . LEU A 1 147 ? 11.814  -9.451  -6.335  1.00 70.39  ? 586 LEU A CD2   1 
ATOM   1152 N N     . THR A 1 148 ? 11.723  -7.316  -11.302 1.00 78.70  ? 587 THR A N     1 
ATOM   1153 C CA    . THR A 1 148 ? 12.315  -7.258  -12.630 1.00 83.24  ? 587 THR A CA    1 
ATOM   1154 C C     . THR A 1 148 ? 12.955  -5.914  -12.927 1.00 87.74  ? 587 THR A C     1 
ATOM   1155 O O     . THR A 1 148 ? 13.728  -5.823  -13.886 1.00 105.34 ? 587 THR A O     1 
ATOM   1156 C CB    . THR A 1 148 ? 11.268  -7.550  -13.712 1.00 83.38  ? 587 THR A CB    1 
ATOM   1157 O OG1   . THR A 1 148 ? 10.321  -6.472  -13.779 1.00 80.28  ? 587 THR A OG1   1 
ATOM   1158 C CG2   . THR A 1 148 ? 10.547  -8.850  -13.420 1.00 77.63  ? 587 THR A CG2   1 
ATOM   1159 N N     . ARG A 1 149 ? 12.664  -4.887  -12.123 1.00 86.19  ? 588 ARG A N     1 
ATOM   1160 C CA    . ARG A 1 149 ? 13.013  -3.503  -12.447 1.00 86.25  ? 588 ARG A CA    1 
ATOM   1161 C C     . ARG A 1 149 ? 12.469  -3.133  -13.823 1.00 83.83  ? 588 ARG A C     1 
ATOM   1162 O O     . ARG A 1 149 ? 13.057  -2.334  -14.551 1.00 89.12  ? 588 ARG A O     1 
ATOM   1163 C CB    . ARG A 1 149 ? 14.526  -3.270  -12.386 1.00 91.26  ? 588 ARG A CB    1 
ATOM   1164 C CG    . ARG A 1 149 ? 15.236  -3.662  -11.104 1.00 92.38  ? 588 ARG A CG    1 
ATOM   1165 C CD    . ARG A 1 149 ? 16.224  -2.591  -10.666 1.00 99.73  ? 588 ARG A CD    1 
ATOM   1166 N NE    . ARG A 1 149 ? 15.567  -1.315  -10.457 1.00 106.56 ? 588 ARG A NE    1 
ATOM   1167 C CZ    . ARG A 1 149 ? 14.829  -1.035  -9.385  1.00 99.76  ? 588 ARG A CZ    1 
ATOM   1168 N NH1   . ARG A 1 149 ? 14.264  0.135   -9.273  1.00 94.52  ? 588 ARG A NH1   1 
ATOM   1169 N NH2   . ARG A 1 149 ? 14.641  -1.931  -8.436  1.00 94.92  ? 588 ARG A NH2   1 
ATOM   1170 N N     . GLY A 1 150 ? 11.356  -3.747  -14.202 1.00 79.57  ? 589 GLY A N     1 
ATOM   1171 C CA    . GLY A 1 150 ? 10.812  -3.579  -15.531 1.00 81.87  ? 589 GLY A CA    1 
ATOM   1172 C C     . GLY A 1 150 ? 9.654   -2.606  -15.610 1.00 81.25  ? 589 GLY A C     1 
ATOM   1173 O O     . GLY A 1 150 ? 9.771   -1.451  -15.189 1.00 84.58  ? 589 GLY A O     1 
ATOM   1174 N N     . ARG A 1 151 ? 8.541   -3.059  -16.179 1.00 75.41  ? 590 ARG A N     1 
ATOM   1175 C CA    . ARG A 1 151 ? 7.361   -2.226  -16.359 1.00 85.44  ? 590 ARG A CA    1 
ATOM   1176 C C     . ARG A 1 151 ? 6.123   -3.014  -15.960 1.00 80.77  ? 590 ARG A C     1 
ATOM   1177 O O     . ARG A 1 151 ? 6.063   -4.237  -16.135 1.00 79.91  ? 590 ARG A O     1 
ATOM   1178 C CB    . ARG A 1 151 ? 7.222   -1.725  -17.803 1.00 86.85  ? 590 ARG A CB    1 
ATOM   1179 C CG    . ARG A 1 151 ? 8.084   -0.516  -18.109 1.00 89.23  ? 590 ARG A CG    1 
ATOM   1180 C CD    . ARG A 1 151 ? 7.908   -0.062  -19.549 1.00 91.96  ? 590 ARG A CD    1 
ATOM   1181 N NE    . ARG A 1 151 ? 8.688   1.140   -19.849 1.00 99.95  ? 590 ARG A NE    1 
ATOM   1182 C CZ    . ARG A 1 151 ? 8.179   2.365   -19.984 1.00 97.93  ? 590 ARG A CZ    1 
ATOM   1183 N NH1   . ARG A 1 151 ? 6.875   2.575   -19.845 1.00 92.28  ? 590 ARG A NH1   1 
ATOM   1184 N NH2   . ARG A 1 151 ? 8.982   3.387   -20.261 1.00 94.26  ? 590 ARG A NH2   1 
ATOM   1185 N N     . ARG A 1 152 ? 5.137   -2.293  -15.424 1.00 77.76  ? 591 ARG A N     1 
ATOM   1186 C CA    . ARG A 1 152 ? 3.967   -2.927  -14.835 1.00 73.03  ? 591 ARG A CA    1 
ATOM   1187 C C     . ARG A 1 152 ? 3.381   -3.936  -15.810 1.00 74.07  ? 591 ARG A C     1 
ATOM   1188 O O     . ARG A 1 152 ? 3.180   -3.632  -16.981 1.00 74.37  ? 591 ARG A O     1 
ATOM   1189 C CB    . ARG A 1 152 ? 2.926   -1.867  -14.461 1.00 73.10  ? 591 ARG A CB    1 
ATOM   1190 C CG    . ARG A 1 152 ? 3.412   -0.835  -13.447 1.00 72.80  ? 591 ARG A CG    1 
ATOM   1191 C CD    . ARG A 1 152 ? 3.742   -1.481  -12.095 1.00 69.55  ? 591 ARG A CD    1 
ATOM   1192 N NE    . ARG A 1 152 ? 3.749   -0.500  -11.010 1.00 69.54  ? 591 ARG A NE    1 
ATOM   1193 C CZ    . ARG A 1 152 ? 3.995   -0.781  -9.733  1.00 62.66  ? 591 ARG A CZ    1 
ATOM   1194 N NH1   . ARG A 1 152 ? 4.267   -2.021  -9.344  1.00 61.61  ? 591 ARG A NH1   1 
ATOM   1195 N NH2   . ARG A 1 152 ? 3.978   0.183   -8.838  1.00 60.83  ? 591 ARG A NH2   1 
ATOM   1196 N N     . THR A 1 153 ? 3.172   -5.162  -15.337 1.00 73.36  ? 592 THR A N     1 
ATOM   1197 C CA    . THR A 1 153 ? 2.625   -6.228  -16.166 1.00 72.92  ? 592 THR A CA    1 
ATOM   1198 C C     . THR A 1 153 ? 1.103   -6.245  -16.189 1.00 72.75  ? 592 THR A C     1 
ATOM   1199 O O     . THR A 1 153 ? 0.519   -7.189  -16.735 1.00 70.97  ? 592 THR A O     1 
ATOM   1200 C CB    . THR A 1 153 ? 3.141   -7.591  -15.688 1.00 74.12  ? 592 THR A CB    1 
ATOM   1201 O OG1   . THR A 1 153 ? 2.758   -7.796  -14.319 1.00 72.63  ? 592 THR A OG1   1 
ATOM   1202 C CG2   . THR A 1 153 ? 4.661   -7.672  -15.802 1.00 70.02  ? 592 THR A CG2   1 
ATOM   1203 N N     . ALA A 1 154 ? 0.447   -5.231  -15.624 1.00 74.79  ? 593 ALA A N     1 
ATOM   1204 C CA    . ALA A 1 154 ? -1.010  -5.194  -15.539 1.00 72.21  ? 593 ALA A CA    1 
ATOM   1205 C C     . ALA A 1 154 ? -1.427  -3.898  -14.863 1.00 71.59  ? 593 ALA A C     1 
ATOM   1206 O O     . ALA A 1 154 ? -0.616  -3.201  -14.250 1.00 70.51  ? 593 ALA A O     1 
ATOM   1207 C CB    . ALA A 1 154 ? -1.591  -6.366  -14.753 1.00 70.99  ? 593 ALA A CB    1 
ATOM   1208 N N     . SER A 1 155 ? -2.714  -3.598  -14.965 1.00 74.23  ? 594 SER A N     1 
ATOM   1209 C CA    . SER A 1 155 ? -3.338  -2.545  -14.183 1.00 71.47  ? 594 SER A CA    1 
ATOM   1210 C C     . SER A 1 155 ? -4.028  -3.153  -12.968 1.00 69.38  ? 594 SER A C     1 
ATOM   1211 O O     . SER A 1 155 ? -4.499  -4.295  -13.010 1.00 70.43  ? 594 SER A O     1 
ATOM   1212 C CB    . SER A 1 155 ? -4.350  -1.759  -15.026 1.00 70.09  ? 594 SER A CB    1 
ATOM   1213 O OG    . SER A 1 155 ? -3.691  -0.948  -15.976 1.00 70.74  ? 594 SER A OG    1 
ATOM   1214 N N     . VAL A 1 156 ? -4.103  -2.375  -11.887 1.00 65.36  ? 595 VAL A N     1 
ATOM   1215 C CA    . VAL A 1 156 ? -4.784  -2.788  -10.662 1.00 64.59  ? 595 VAL A CA    1 
ATOM   1216 C C     . VAL A 1 156 ? -5.780  -1.711  -10.236 1.00 64.53  ? 595 VAL A C     1 
ATOM   1217 O O     . VAL A 1 156 ? -5.428  -0.529  -10.170 1.00 64.10  ? 595 VAL A O     1 
ATOM   1218 C CB    . VAL A 1 156 ? -3.787  -3.066  -9.525  1.00 62.59  ? 595 VAL A CB    1 
ATOM   1219 C CG1   . VAL A 1 156 ? -4.560  -3.495  -8.289  1.00 59.61  ? 595 VAL A CG1   1 
ATOM   1220 C CG2   . VAL A 1 156 ? -2.766  -4.129  -9.955  1.00 60.94  ? 595 VAL A CG2   1 
ATOM   1221 N N     . ARG A 1 157 ? -7.011  -2.117  -9.910  1.00 60.35  ? 596 ARG A N     1 
ATOM   1222 C CA    . ARG A 1 157 ? -8.121  -1.178  -9.763  1.00 63.20  ? 596 ARG A CA    1 
ATOM   1223 C C     . ARG A 1 157 ? -8.897  -1.484  -8.493  1.00 64.16  ? 596 ARG A C     1 
ATOM   1224 O O     . ARG A 1 157 ? -9.375  -2.608  -8.306  1.00 65.17  ? 596 ARG A O     1 
ATOM   1225 C CB    . ARG A 1 157 ? -9.061  -1.237  -10.977 1.00 65.45  ? 596 ARG A CB    1 
ATOM   1226 C CG    . ARG A 1 157 ? -10.211 -0.224  -10.958 1.00 72.32  ? 596 ARG A CG    1 
ATOM   1227 C CD    . ARG A 1 157 ? -11.385 -0.674  -11.911 1.00 76.45  ? 596 ARG A CD    1 
ATOM   1228 N NE    . ARG A 1 157 ? -11.983 -1.928  -11.457 1.00 78.77  ? 596 ARG A NE    1 
ATOM   1229 C CZ    . ARG A 1 157 ? -12.421 -2.887  -12.287 1.00 82.86  ? 596 ARG A CZ    1 
ATOM   1230 N NH1   . ARG A 1 157 ? -12.322 -2.740  -13.602 1.00 75.07  ? 596 ARG A NH1   1 
ATOM   1231 N NH2   . ARG A 1 157 ? -12.935 -3.999  -11.796 1.00 80.79  ? 596 ARG A NH2   1 
ATOM   1232 N N     . ALA A 1 158 ? -9.057  -0.470  -7.648  1.00 58.99  ? 597 ALA A N     1 
ATOM   1233 C CA    . ALA A 1 158 ? -9.853  -0.617  -6.434  1.00 61.63  ? 597 ALA A CA    1 
ATOM   1234 C C     . ALA A 1 158 ? -11.300 -0.953  -6.770  1.00 60.92  ? 597 ALA A C     1 
ATOM   1235 O O     . ALA A 1 158 ? -11.928 -0.288  -7.594  1.00 63.75  ? 597 ALA A O     1 
ATOM   1236 C CB    . ALA A 1 158 ? -9.795  0.665   -5.609  1.00 52.15  ? 597 ALA A CB    1 
ATOM   1237 N N     . ASP A 1 159 ? -11.824 -1.996  -6.134  1.00 60.33  ? 598 ASP A N     1 
ATOM   1238 C CA    . ASP A 1 159 ? -13.233 -2.333  -6.253  1.00 63.52  ? 598 ASP A CA    1 
ATOM   1239 C C     . ASP A 1 159 ? -14.050 -1.742  -5.122  1.00 64.38  ? 598 ASP A C     1 
ATOM   1240 O O     . ASP A 1 159 ? -15.184 -1.310  -5.343  1.00 65.27  ? 598 ASP A O     1 
ATOM   1241 C CB    . ASP A 1 159 ? -13.419 -3.844  -6.262  1.00 62.49  ? 598 ASP A CB    1 
ATOM   1242 C CG    . ASP A 1 159 ? -12.883 -4.473  -7.507  1.00 67.95  ? 598 ASP A CG    1 
ATOM   1243 O OD1   . ASP A 1 159 ? -12.480 -3.734  -8.428  1.00 72.09  ? 598 ASP A OD1   1 
ATOM   1244 O OD2   . ASP A 1 159 ? -12.869 -5.713  -7.576  1.00 77.14  ? 598 ASP A OD2   1 
ATOM   1245 N N     . THR A 1 160 ? -13.496 -1.754  -3.914  1.00 58.69  ? 599 THR A N     1 
ATOM   1246 C CA    . THR A 1 160 ? -14.075 -1.160  -2.732  1.00 57.75  ? 599 THR A CA    1 
ATOM   1247 C C     . THR A 1 160 ? -13.165 -0.052  -2.230  1.00 59.53  ? 599 THR A C     1 
ATOM   1248 O O     . THR A 1 160 ? -12.122 0.249   -2.822  1.00 57.80  ? 599 THR A O     1 
ATOM   1249 C CB    . THR A 1 160 ? -14.249 -2.198  -1.631  1.00 58.68  ? 599 THR A CB    1 
ATOM   1250 O OG1   . THR A 1 160 ? -12.956 -2.722  -1.289  1.00 57.20  ? 599 THR A OG1   1 
ATOM   1251 C CG2   . THR A 1 160 ? -15.164 -3.319  -2.089  1.00 59.10  ? 599 THR A CG2   1 
ATOM   1252 N N     . TYR A 1 161 ? -13.557 0.548   -1.110  1.00 55.54  ? 600 TYR A N     1 
ATOM   1253 C CA    . TYR A 1 161 ? -12.593 1.328   -0.366  1.00 55.80  ? 600 TYR A CA    1 
ATOM   1254 C C     . TYR A 1 161 ? -11.470 0.393   0.028   1.00 58.37  ? 600 TYR A C     1 
ATOM   1255 O O     . TYR A 1 161 ? -11.722 -0.734  0.455   1.00 60.91  ? 600 TYR A O     1 
ATOM   1256 C CB    . TYR A 1 161 ? -13.242 1.949   0.855   1.00 56.53  ? 600 TYR A CB    1 
ATOM   1257 C CG    . TYR A 1 161 ? -13.830 3.281   0.528   1.00 57.42  ? 600 TYR A CG    1 
ATOM   1258 C CD1   . TYR A 1 161 ? -15.028 3.386   -0.153  1.00 58.42  ? 600 TYR A CD1   1 
ATOM   1259 C CD2   . TYR A 1 161 ? -13.165 4.442   0.877   1.00 59.73  ? 600 TYR A CD2   1 
ATOM   1260 C CE1   . TYR A 1 161 ? -15.560 4.639   -0.476  1.00 64.99  ? 600 TYR A CE1   1 
ATOM   1261 C CE2   . TYR A 1 161 ? -13.677 5.675   0.580   1.00 58.84  ? 600 TYR A CE2   1 
ATOM   1262 C CZ    . TYR A 1 161 ? -14.865 5.785   -0.098  1.00 64.18  ? 600 TYR A CZ    1 
ATOM   1263 O OH    . TYR A 1 161 ? -15.344 7.051   -0.380  1.00 66.34  ? 600 TYR A OH    1 
ATOM   1264 N N     . CYS A 1 162 ? -10.232 0.816   -0.183  1.00 52.35  ? 601 CYS A N     1 
ATOM   1265 C CA    . CYS A 1 162 ? -9.096  -0.041  0.115   1.00 51.08  ? 601 CYS A CA    1 
ATOM   1266 C C     . CYS A 1 162 ? -8.224  0.635   1.157   1.00 44.44  ? 601 CYS A C     1 
ATOM   1267 O O     . CYS A 1 162 ? -7.912  1.817   1.034   1.00 47.58  ? 601 CYS A O     1 
ATOM   1268 C CB    . CYS A 1 162 ? -8.290  -0.335  -1.143  1.00 49.91  ? 601 CYS A CB    1 
ATOM   1269 S SG    . CYS A 1 162 ? -9.150  -1.378  -2.326  1.00 55.51  ? 601 CYS A SG    1 
ATOM   1270 N N     . ARG A 1 163 ? -7.854  -0.097  2.176   1.00 40.84  ? 602 ARG A N     1 
ATOM   1271 C CA    . ARG A 1 163 ? -6.835  0.335   3.113   1.00 49.25  ? 602 ARG A CA    1 
ATOM   1272 C C     . ARG A 1 163 ? -5.566  -0.447  2.764   1.00 51.32  ? 602 ARG A C     1 
ATOM   1273 O O     . ARG A 1 163 ? -5.485  -1.658  2.989   1.00 43.90  ? 602 ARG A O     1 
ATOM   1274 C CB    . ARG A 1 163 ? -7.289  0.105   4.547   1.00 51.62  ? 602 ARG A CB    1 
ATOM   1275 C CG    . ARG A 1 163 ? -8.630  0.825   4.854   1.00 53.44  ? 602 ARG A CG    1 
ATOM   1276 C CD    . ARG A 1 163 ? -9.253  0.348   6.146   1.00 60.21  ? 602 ARG A CD    1 
ATOM   1277 N NE    . ARG A 1 163 ? -8.422  0.758   7.269   1.00 63.34  ? 602 ARG A NE    1 
ATOM   1278 C CZ    . ARG A 1 163 ? -8.494  1.952   7.854   1.00 66.66  ? 602 ARG A CZ    1 
ATOM   1279 N NH1   . ARG A 1 163 ? -9.371  2.860   7.426   1.00 69.48  ? 602 ARG A NH1   1 
ATOM   1280 N NH2   . ARG A 1 163 ? -7.684  2.240   8.869   1.00 62.18  ? 602 ARG A NH2   1 
ATOM   1281 N N     . LEU A 1 164 ? -4.588  0.247   2.204   1.00 45.27  ? 603 LEU A N     1 
ATOM   1282 C CA    . LEU A 1 164 ? -3.375  -0.380  1.697   1.00 46.72  ? 603 LEU A CA    1 
ATOM   1283 C C     . LEU A 1 164 ? -2.144  0.103   2.448   1.00 48.82  ? 603 LEU A C     1 
ATOM   1284 O O     . LEU A 1 164 ? -2.114  1.215   2.974   1.00 49.07  ? 603 LEU A O     1 
ATOM   1285 C CB    . LEU A 1 164 ? -3.205  -0.077  0.221   1.00 47.06  ? 603 LEU A CB    1 
ATOM   1286 C CG    . LEU A 1 164 ? -4.304  -0.629  -0.681  1.00 50.13  ? 603 LEU A CG    1 
ATOM   1287 C CD1   . LEU A 1 164 ? -3.942  -0.389  -2.108  1.00 45.86  ? 603 LEU A CD1   1 
ATOM   1288 C CD2   . LEU A 1 164 ? -4.515  -2.128  -0.433  1.00 47.21  ? 603 LEU A CD2   1 
ATOM   1289 N N     . TYR A 1 165 ? -1.103  -0.729  2.474   1.00 46.86  ? 604 TYR A N     1 
ATOM   1290 C CA    . TYR A 1 165 ? 0.184   -0.294  2.989   1.00 50.08  ? 604 TYR A CA    1 
ATOM   1291 C C     . TYR A 1 165 ? 1.186   -0.409  1.847   1.00 53.55  ? 604 TYR A C     1 
ATOM   1292 O O     . TYR A 1 165 ? 1.353   -1.488  1.273   1.00 50.63  ? 604 TYR A O     1 
ATOM   1293 C CB    . TYR A 1 165 ? 0.619   -1.120  4.200   1.00 52.58  ? 604 TYR A CB    1 
ATOM   1294 C CG    . TYR A 1 165 ? -0.072  -0.771  5.518   1.00 54.18  ? 604 TYR A CG    1 
ATOM   1295 C CD1   . TYR A 1 165 ? 0.334   0.322   6.275   1.00 53.48  ? 604 TYR A CD1   1 
ATOM   1296 C CD2   . TYR A 1 165 ? -1.101  -1.556  6.017   1.00 56.22  ? 604 TYR A CD2   1 
ATOM   1297 C CE1   . TYR A 1 165 ? -0.282  0.637   7.494   1.00 53.81  ? 604 TYR A CE1   1 
ATOM   1298 C CE2   . TYR A 1 165 ? -1.714  -1.258  7.241   1.00 55.79  ? 604 TYR A CE2   1 
ATOM   1299 C CZ    . TYR A 1 165 ? -1.303  -0.157  7.965   1.00 57.62  ? 604 TYR A CZ    1 
ATOM   1300 O OH    . TYR A 1 165 ? -1.921  0.161   9.170   1.00 66.34  ? 604 TYR A OH    1 
ATOM   1301 N N     . SER A 1 166 ? 1.832   0.697   1.505   1.00 49.92  ? 605 SER A N     1 
ATOM   1302 C CA    . SER A 1 166 ? 2.724   0.708   0.362   1.00 49.59  ? 605 SER A CA    1 
ATOM   1303 C C     . SER A 1 166 ? 4.180   0.660   0.815   1.00 53.48  ? 605 SER A C     1 
ATOM   1304 O O     . SER A 1 166 ? 4.525   1.057   1.934   1.00 49.47  ? 605 SER A O     1 
ATOM   1305 C CB    . SER A 1 166 ? 2.462   1.936   -0.513  1.00 48.11  ? 605 SER A CB    1 
ATOM   1306 O OG    . SER A 1 166 ? 2.767   3.149   0.163   1.00 46.45  ? 605 SER A OG    1 
ATOM   1307 N N     . LEU A 1 167 ? 5.028   0.137   -0.073  1.00 52.54  ? 606 LEU A N     1 
ATOM   1308 C CA    . LEU A 1 167 ? 6.465   -0.009  0.136   1.00 51.68  ? 606 LEU A CA    1 
ATOM   1309 C C     . LEU A 1 167 ? 7.178   0.437   -1.135  1.00 59.74  ? 606 LEU A C     1 
ATOM   1310 O O     . LEU A 1 167 ? 6.901   -0.106  -2.214  1.00 56.14  ? 606 LEU A O     1 
ATOM   1311 C CB    . LEU A 1 167 ? 6.823   -1.457  0.442   1.00 49.34  ? 606 LEU A CB    1 
ATOM   1312 C CG    . LEU A 1 167 ? 8.302   -1.754  0.711   1.00 56.32  ? 606 LEU A CG    1 
ATOM   1313 C CD1   . LEU A 1 167 ? 8.713   -1.171  2.052   1.00 52.78  ? 606 LEU A CD1   1 
ATOM   1314 C CD2   . LEU A 1 167 ? 8.505   -3.247  0.683   1.00 57.64  ? 606 LEU A CD2   1 
ATOM   1315 N N     . SER A 1 168 ? 8.096   1.400   -1.003  1.00 53.70  ? 607 SER A N     1 
ATOM   1316 C CA    . SER A 1 168 ? 8.830   1.967   -2.127  1.00 60.66  ? 607 SER A CA    1 
ATOM   1317 C C     . SER A 1 168 ? 9.922   1.019   -2.615  1.00 63.32  ? 607 SER A C     1 
ATOM   1318 O O     . SER A 1 168 ? 10.394  0.130   -1.897  1.00 60.82  ? 607 SER A O     1 
ATOM   1319 C CB    . SER A 1 168 ? 9.472   3.289   -1.736  1.00 57.46  ? 607 SER A CB    1 
ATOM   1320 O OG    . SER A 1 168 ? 10.435  3.055   -0.722  1.00 58.95  ? 607 SER A OG    1 
ATOM   1321 N N     . VAL A 1 169 ? 10.341  1.235   -3.861  1.00 66.75  ? 608 VAL A N     1 
ATOM   1322 C CA    . VAL A 1 169 ? 11.335  0.347   -4.456  1.00 63.59  ? 608 VAL A CA    1 
ATOM   1323 C C     . VAL A 1 169 ? 12.624  0.371   -3.650  1.00 63.83  ? 608 VAL A C     1 
ATOM   1324 O O     . VAL A 1 169 ? 13.192  -0.680  -3.324  1.00 64.66  ? 608 VAL A O     1 
ATOM   1325 C CB    . VAL A 1 169 ? 11.569  0.723   -5.929  1.00 69.59  ? 608 VAL A CB    1 
ATOM   1326 C CG1   . VAL A 1 169 ? 11.985  2.196   -6.068  1.00 68.08  ? 608 VAL A CG1   1 
ATOM   1327 C CG2   . VAL A 1 169 ? 12.594  -0.218  -6.539  1.00 75.60  ? 608 VAL A CG2   1 
ATOM   1328 N N     . ASP A 1 170 ? 13.073  1.564   -3.262  1.00 63.19  ? 609 ASP A N     1 
ATOM   1329 C CA    . ASP A 1 170 ? 14.296  1.677   -2.474  1.00 67.79  ? 609 ASP A CA    1 
ATOM   1330 C C     . ASP A 1 170 ? 14.193  0.885   -1.175  1.00 69.98  ? 609 ASP A C     1 
ATOM   1331 O O     . ASP A 1 170 ? 15.045  0.032   -0.881  1.00 65.60  ? 609 ASP A O     1 
ATOM   1332 C CB    . ASP A 1 170 ? 14.594  3.151   -2.196  1.00 66.15  ? 609 ASP A CB    1 
ATOM   1333 C CG    . ASP A 1 170 ? 14.923  3.926   -3.470  1.00 73.40  ? 609 ASP A CG    1 
ATOM   1334 O OD1   . ASP A 1 170 ? 15.064  3.289   -4.552  1.00 75.52  ? 609 ASP A OD1   1 
ATOM   1335 O OD2   . ASP A 1 170 ? 15.050  5.168   -3.400  1.00 70.27  ? 609 ASP A OD2   1 
ATOM   1336 N N     . ASN A 1 171 ? 13.142  1.137   -0.388  1.00 65.00  ? 610 ASN A N     1 
ATOM   1337 C CA    . ASN A 1 171 ? 13.010  0.416   0.874   1.00 65.42  ? 610 ASN A CA    1 
ATOM   1338 C C     . ASN A 1 171 ? 12.808  -1.071  0.641   1.00 63.64  ? 610 ASN A C     1 
ATOM   1339 O O     . ASN A 1 171 ? 13.328  -1.901  1.396   1.00 65.17  ? 610 ASN A O     1 
ATOM   1340 C CB    . ASN A 1 171 ? 11.856  0.995   1.685   1.00 67.31  ? 610 ASN A CB    1 
ATOM   1341 C CG    . ASN A 1 171 ? 12.187  2.351   2.237   1.00 69.11  ? 610 ASN A CG    1 
ATOM   1342 O OD1   . ASN A 1 171 ? 13.283  2.570   2.760   1.00 74.09  ? 610 ASN A OD1   1 
ATOM   1343 N ND2   . ASN A 1 171 ? 11.265  3.279   2.102   1.00 59.03  ? 610 ASN A ND2   1 
ATOM   1344 N N     . PHE A 1 172 ? 12.039  -1.425  -0.392  1.00 60.31  ? 611 PHE A N     1 
ATOM   1345 C CA    . PHE A 1 172 ? 11.927  -2.825  -0.791  1.00 64.35  ? 611 PHE A CA    1 
ATOM   1346 C C     . PHE A 1 172 ? 13.295  -3.440  -1.019  1.00 67.14  ? 611 PHE A C     1 
ATOM   1347 O O     . PHE A 1 172 ? 13.521  -4.606  -0.677  1.00 67.65  ? 611 PHE A O     1 
ATOM   1348 C CB    . PHE A 1 172 ? 11.084  -2.952  -2.063  1.00 61.15  ? 611 PHE A CB    1 
ATOM   1349 C CG    . PHE A 1 172 ? 10.979  -4.366  -2.613  1.00 64.45  ? 611 PHE A CG    1 
ATOM   1350 C CD1   . PHE A 1 172 ? 10.019  -5.248  -2.125  1.00 61.21  ? 611 PHE A CD1   1 
ATOM   1351 C CD2   . PHE A 1 172 ? 11.803  -4.793  -3.655  1.00 68.24  ? 611 PHE A CD2   1 
ATOM   1352 C CE1   . PHE A 1 172 ? 9.889   -6.527  -2.634  1.00 65.84  ? 611 PHE A CE1   1 
ATOM   1353 C CE2   . PHE A 1 172 ? 11.683  -6.084  -4.181  1.00 65.55  ? 611 PHE A CE2   1 
ATOM   1354 C CZ    . PHE A 1 172 ? 10.728  -6.955  -3.669  1.00 71.19  ? 611 PHE A CZ    1 
ATOM   1355 N N     . ASN A 1 173 ? 14.223  -2.675  -1.610  1.00 63.78  ? 612 ASN A N     1 
ATOM   1356 C CA    . ASN A 1 173 ? 15.551  -3.224  -1.891  1.00 69.55  ? 612 ASN A CA    1 
ATOM   1357 C C     . ASN A 1 173 ? 16.455  -3.179  -0.664  1.00 70.26  ? 612 ASN A C     1 
ATOM   1358 O O     . ASN A 1 173 ? 17.182  -4.146  -0.406  1.00 73.93  ? 612 ASN A O     1 
ATOM   1359 C CB    . ASN A 1 173 ? 16.203  -2.491  -3.070  1.00 67.88  ? 612 ASN A CB    1 
ATOM   1360 C CG    . ASN A 1 173 ? 15.674  -2.963  -4.422  1.00 67.69  ? 612 ASN A CG    1 
ATOM   1361 O OD1   . ASN A 1 173 ? 15.604  -4.162  -4.704  1.00 70.08  ? 612 ASN A OD1   1 
ATOM   1362 N ND2   . ASN A 1 173 ? 15.276  -2.013  -5.254  1.00 66.15  ? 612 ASN A ND2   1 
ATOM   1363 N N     . GLU A 1 174 ? 16.410  -2.082  0.116   1.00 68.92  ? 613 GLU A N     1 
ATOM   1364 C CA    . GLU A 1 174 ? 17.171  -2.027  1.366   1.00 70.64  ? 613 GLU A CA    1 
ATOM   1365 C C     . GLU A 1 174 ? 16.844  -3.206  2.270   1.00 71.99  ? 613 GLU A C     1 
ATOM   1366 O O     . GLU A 1 174 ? 17.724  -3.713  2.977   1.00 73.00  ? 613 GLU A O     1 
ATOM   1367 C CB    . GLU A 1 174 ? 16.900  -0.711  2.112   1.00 73.81  ? 613 GLU A CB    1 
ATOM   1368 C CG    . GLU A 1 174 ? 17.564  -0.616  3.514   1.00 74.37  ? 613 GLU A CG    1 
ATOM   1369 C CD    . GLU A 1 174 ? 16.962  0.480   4.402   1.00 84.51  ? 613 GLU A CD    1 
ATOM   1370 O OE1   . GLU A 1 174 ? 16.487  1.502   3.850   1.00 84.15  ? 613 GLU A OE1   1 
ATOM   1371 O OE2   . GLU A 1 174 ? 16.957  0.317   5.651   1.00 82.28  ? 613 GLU A OE2   1 
ATOM   1372 N N     . VAL A 1 175 ? 15.588  -3.653  2.264   1.00 69.29  ? 614 VAL A N     1 
ATOM   1373 C CA    . VAL A 1 175 ? 15.198  -4.769  3.116   1.00 72.04  ? 614 VAL A CA    1 
ATOM   1374 C C     . VAL A 1 175 ? 15.554  -6.122  2.495   1.00 71.94  ? 614 VAL A C     1 
ATOM   1375 O O     . VAL A 1 175 ? 15.707  -7.107  3.225   1.00 71.21  ? 614 VAL A O     1 
ATOM   1376 C CB    . VAL A 1 175 ? 13.701  -4.634  3.446   1.00 64.18  ? 614 VAL A CB    1 
ATOM   1377 C CG1   . VAL A 1 175 ? 13.206  -5.822  4.247   1.00 67.34  ? 614 VAL A CG1   1 
ATOM   1378 C CG2   . VAL A 1 175 ? 13.459  -3.340  4.200   1.00 64.67  ? 614 VAL A CG2   1 
ATOM   1379 N N     . LEU A 1 176 ? 15.721  -6.208  1.178   1.00 72.33  ? 615 LEU A N     1 
ATOM   1380 C CA    . LEU A 1 176 ? 16.067  -7.503  0.607   1.00 72.83  ? 615 LEU A CA    1 
ATOM   1381 C C     . LEU A 1 176 ? 17.570  -7.722  0.504   1.00 76.61  ? 615 LEU A C     1 
ATOM   1382 O O     . LEU A 1 176 ? 18.010  -8.878  0.469   1.00 82.68  ? 615 LEU A O     1 
ATOM   1383 C CB    . LEU A 1 176 ? 15.404  -7.679  -0.753  1.00 71.59  ? 615 LEU A CB    1 
ATOM   1384 C CG    . LEU A 1 176 ? 13.886  -7.771  -0.717  1.00 69.38  ? 615 LEU A CG    1 
ATOM   1385 C CD1   . LEU A 1 176 ? 13.375  -8.425  -1.981  1.00 68.16  ? 615 LEU A CD1   1 
ATOM   1386 C CD2   . LEU A 1 176 ? 13.391  -8.514  0.511   1.00 69.13  ? 615 LEU A CD2   1 
ATOM   1387 N N     . GLU A 1 177 ? 18.381  -6.663  0.506   1.00 76.85  ? 616 GLU A N     1 
ATOM   1388 C CA    . GLU A 1 177 ? 19.827  -6.831  0.663   1.00 81.48  ? 616 GLU A CA    1 
ATOM   1389 C C     . GLU A 1 177 ? 20.139  -7.528  1.975   1.00 82.03  ? 616 GLU A C     1 
ATOM   1390 O O     . GLU A 1 177 ? 20.771  -8.589  2.012   1.00 88.57  ? 616 GLU A O     1 
ATOM   1391 C CB    . GLU A 1 177 ? 20.522  -5.469  0.600   1.00 78.17  ? 616 GLU A CB    1 
ATOM   1392 N N     . GLU A 1 178 ? 19.728  -6.915  3.071   1.00 79.28  ? 617 GLU A N     1 
ATOM   1393 C CA    . GLU A 1 178 ? 19.405  -7.652  4.286   1.00 76.89  ? 617 GLU A CA    1 
ATOM   1394 C C     . GLU A 1 178 ? 18.450  -8.780  3.920   1.00 79.84  ? 617 GLU A C     1 
ATOM   1395 O O     . GLU A 1 178 ? 17.650  -8.638  2.992   1.00 82.57  ? 617 GLU A O     1 
ATOM   1396 C CB    . GLU A 1 178 ? 18.715  -6.675  5.232   1.00 80.24  ? 617 GLU A CB    1 
ATOM   1397 C CG    . GLU A 1 178 ? 18.836  -6.927  6.696   1.00 82.71  ? 617 GLU A CG    1 
ATOM   1398 C CD    . GLU A 1 178 ? 18.842  -5.617  7.508   1.00 91.85  ? 617 GLU A CD    1 
ATOM   1399 O OE1   . GLU A 1 178 ? 18.281  -4.567  7.088   1.00 93.02  ? 617 GLU A OE1   1 
ATOM   1400 O OE2   . GLU A 1 178 ? 19.370  -5.665  8.639   1.00 89.47  ? 617 GLU A OE2   1 
ATOM   1401 N N     . TYR A 1 179 ? 18.461  -9.880  4.666   1.00 77.75  ? 618 TYR A N     1 
ATOM   1402 C CA    . TYR A 1 179 ? 17.448  -10.918 4.507   1.00 79.34  ? 618 TYR A CA    1 
ATOM   1403 C C     . TYR A 1 179 ? 17.220  -11.274 3.039   1.00 76.23  ? 618 TYR A C     1 
ATOM   1404 O O     . TYR A 1 179 ? 16.091  -11.179 2.541   1.00 72.42  ? 618 TYR A O     1 
ATOM   1405 C CB    . TYR A 1 179 ? 16.134  -10.478 5.136   1.00 68.99  ? 618 TYR A CB    1 
ATOM   1406 C CG    . TYR A 1 179 ? 16.233  -9.889  6.496   1.00 70.33  ? 618 TYR A CG    1 
ATOM   1407 C CD1   . TYR A 1 179 ? 16.531  -10.671 7.600   1.00 69.16  ? 618 TYR A CD1   1 
ATOM   1408 C CD2   . TYR A 1 179 ? 16.040  -8.541  6.675   1.00 69.84  ? 618 TYR A CD2   1 
ATOM   1409 C CE1   . TYR A 1 179 ? 16.628  -10.130 8.833   1.00 66.39  ? 618 TYR A CE1   1 
ATOM   1410 C CE2   . TYR A 1 179 ? 16.123  -7.962  7.914   1.00 71.58  ? 618 TYR A CE2   1 
ATOM   1411 C CZ    . TYR A 1 179 ? 16.421  -8.763  9.003   1.00 71.76  ? 618 TYR A CZ    1 
ATOM   1412 O OH    . TYR A 1 179 ? 16.509  -8.227  10.275  1.00 72.10  ? 618 TYR A OH    1 
ATOM   1413 N N     . PRO A 1 180 ? 18.244  -11.762 2.340   1.00 81.28  ? 619 PRO A N     1 
ATOM   1414 C CA    . PRO A 1 180 ? 18.082  -11.989 0.901   1.00 77.42  ? 619 PRO A CA    1 
ATOM   1415 C C     . PRO A 1 180 ? 17.311  -13.251 0.557   1.00 76.63  ? 619 PRO A C     1 
ATOM   1416 O O     . PRO A 1 180 ? 16.839  -13.382 -0.593  1.00 78.08  ? 619 PRO A O     1 
ATOM   1417 C CB    . PRO A 1 180 ? 19.522  -12.050 0.395   1.00 84.76  ? 619 PRO A CB    1 
ATOM   1418 C CG    . PRO A 1 180 ? 20.361  -12.408 1.638   1.00 80.17  ? 619 PRO A CG    1 
ATOM   1419 C CD    . PRO A 1 180 ? 19.509  -12.340 2.843   1.00 82.50  ? 619 PRO A CD    1 
ATOM   1420 N N     . MET A 1 181 ? 17.163  -14.178 1.511   1.00 77.35  ? 620 MET A N     1 
ATOM   1421 C CA    . MET A 1 181 ? 16.320  -15.339 1.300   1.00 75.69  ? 620 MET A CA    1 
ATOM   1422 C C     . MET A 1 181 ? 14.880  -14.956 0.987   1.00 76.77  ? 620 MET A C     1 
ATOM   1423 O O     . MET A 1 181 ? 14.158  -15.734 0.346   1.00 75.40  ? 620 MET A O     1 
ATOM   1424 C CB    . MET A 1 181 ? 16.354  -16.220 2.534   1.00 81.91  ? 620 MET A CB    1 
ATOM   1425 C CG    . MET A 1 181 ? 17.729  -16.643 3.005   1.00 87.41  ? 620 MET A CG    1 
ATOM   1426 S SD    . MET A 1 181 ? 18.232  -18.208 2.277   1.00 106.06 ? 620 MET A SD    1 
ATOM   1427 C CE    . MET A 1 181 ? 18.352  -19.232 3.742   1.00 95.94  ? 620 MET A CE    1 
ATOM   1428 N N     . MET A 1 182 ? 14.431  -13.777 1.439   1.00 72.55  ? 621 MET A N     1 
ATOM   1429 C CA    . MET A 1 182 ? 13.035  -13.416 1.237   1.00 66.96  ? 621 MET A CA    1 
ATOM   1430 C C     . MET A 1 182 ? 12.752  -12.992 -0.198  1.00 68.77  ? 621 MET A C     1 
ATOM   1431 O O     . MET A 1 182 ? 11.591  -13.012 -0.615  1.00 66.66  ? 621 MET A O     1 
ATOM   1432 C CB    . MET A 1 182 ? 12.619  -12.301 2.203   1.00 66.01  ? 621 MET A CB    1 
ATOM   1433 C CG    . MET A 1 182 ? 12.595  -12.710 3.658   1.00 63.88  ? 621 MET A CG    1 
ATOM   1434 S SD    . MET A 1 182 ? 11.767  -14.306 3.943   1.00 64.81  ? 621 MET A SD    1 
ATOM   1435 C CE    . MET A 1 182 ? 10.044  -13.976 3.570   1.00 54.47  ? 621 MET A CE    1 
ATOM   1436 N N     . ARG A 1 183 ? 13.770  -12.616 -0.973  1.00 72.60  ? 622 ARG A N     1 
ATOM   1437 C CA    . ARG A 1 183 ? 13.482  -12.307 -2.367  1.00 71.08  ? 622 ARG A CA    1 
ATOM   1438 C C     . ARG A 1 183 ? 12.993  -13.539 -3.104  1.00 65.43  ? 622 ARG A C     1 
ATOM   1439 O O     . ARG A 1 183 ? 12.054  -13.459 -3.906  1.00 67.92  ? 622 ARG A O     1 
ATOM   1440 C CB    . ARG A 1 183 ? 14.690  -11.726 -3.075  1.00 68.49  ? 622 ARG A CB    1 
ATOM   1441 C CG    . ARG A 1 183 ? 14.273  -11.217 -4.432  1.00 71.44  ? 622 ARG A CG    1 
ATOM   1442 C CD    . ARG A 1 183 ? 15.424  -10.622 -5.194  1.00 78.09  ? 622 ARG A CD    1 
ATOM   1443 N NE    . ARG A 1 183 ? 16.275  -9.770  -4.372  1.00 78.39  ? 622 ARG A NE    1 
ATOM   1444 C CZ    . ARG A 1 183 ? 16.309  -8.444  -4.458  1.00 77.79  ? 622 ARG A CZ    1 
ATOM   1445 N NH1   . ARG A 1 183 ? 15.533  -7.803  -5.328  1.00 78.45  ? 622 ARG A NH1   1 
ATOM   1446 N NH2   . ARG A 1 183 ? 17.128  -7.760  -3.678  1.00 74.89  ? 622 ARG A NH2   1 
ATOM   1447 N N     . ARG A 1 184 ? 13.589  -14.697 -2.822  1.00 66.88  ? 623 ARG A N     1 
ATOM   1448 C CA    . ARG A 1 184 ? 13.128  -15.921 -3.469  1.00 67.48  ? 623 ARG A CA    1 
ATOM   1449 C C     . ARG A 1 184 ? 11.656  -16.158 -3.179  1.00 66.13  ? 623 ARG A C     1 
ATOM   1450 O O     . ARG A 1 184 ? 10.907  -16.609 -4.053  1.00 66.60  ? 623 ARG A O     1 
ATOM   1451 C CB    . ARG A 1 184 ? 13.966  -17.119 -3.024  1.00 68.56  ? 623 ARG A CB    1 
ATOM   1452 N N     . ALA A 1 185 ? 11.210  -15.827 -1.965  1.00 66.51  ? 624 ALA A N     1 
ATOM   1453 C CA    . ALA A 1 185 ? 9.790   -15.993 -1.652  1.00 69.04  ? 624 ALA A CA    1 
ATOM   1454 C C     . ALA A 1 185 ? 8.917   -15.114 -2.546  1.00 65.87  ? 624 ALA A C     1 
ATOM   1455 O O     . ALA A 1 185 ? 7.882   -15.575 -3.043  1.00 69.38  ? 624 ALA A O     1 
ATOM   1456 C CB    . ALA A 1 185 ? 9.530   -15.712 -0.171  1.00 65.20  ? 624 ALA A CB    1 
ATOM   1457 N N     . PHE A 1 186 ? 9.335   -13.869 -2.811  1.00 64.99  ? 625 PHE A N     1 
ATOM   1458 C CA    . PHE A 1 186 ? 8.571   -13.013 -3.728  1.00 66.65  ? 625 PHE A CA    1 
ATOM   1459 C C     . PHE A 1 186 ? 8.581   -13.550 -5.162  1.00 65.46  ? 625 PHE A C     1 
ATOM   1460 O O     . PHE A 1 186 ? 7.552   -13.534 -5.853  1.00 64.97  ? 625 PHE A O     1 
ATOM   1461 C CB    . PHE A 1 186 ? 9.115   -11.583 -3.705  1.00 66.11  ? 625 PHE A CB    1 
ATOM   1462 C CG    . PHE A 1 186 ? 8.726   -10.794 -2.478  1.00 65.99  ? 625 PHE A CG    1 
ATOM   1463 C CD1   . PHE A 1 186 ? 7.447   -10.277 -2.350  1.00 65.88  ? 625 PHE A CD1   1 
ATOM   1464 C CD2   . PHE A 1 186 ? 9.642   -10.564 -1.466  1.00 64.32  ? 625 PHE A CD2   1 
ATOM   1465 C CE1   . PHE A 1 186 ? 7.078   -9.542  -1.235  1.00 65.35  ? 625 PHE A CE1   1 
ATOM   1466 C CE2   . PHE A 1 186 ? 9.286   -9.829  -0.347  1.00 69.53  ? 625 PHE A CE2   1 
ATOM   1467 C CZ    . PHE A 1 186 ? 7.996   -9.318  -0.231  1.00 64.99  ? 625 PHE A CZ    1 
ATOM   1468 N N     . GLU A 1 187 ? 9.742   -13.996 -5.646  1.00 66.96  ? 626 GLU A N     1 
ATOM   1469 C CA    . GLU A 1 187 ? 9.840   -14.422 -7.047  1.00 68.88  ? 626 GLU A CA    1 
ATOM   1470 C C     . GLU A 1 187 ? 8.958   -15.626 -7.330  1.00 64.94  ? 626 GLU A C     1 
ATOM   1471 O O     . GLU A 1 187 ? 8.298   -15.686 -8.381  1.00 62.31  ? 626 GLU A O     1 
ATOM   1472 C CB    . GLU A 1 187 ? 11.286  -14.735 -7.411  1.00 64.08  ? 626 GLU A CB    1 
ATOM   1473 C CG    . GLU A 1 187 ? 12.152  -13.519 -7.459  1.00 66.57  ? 626 GLU A CG    1 
ATOM   1474 C CD    . GLU A 1 187 ? 13.615  -13.860 -7.360  1.00 75.24  ? 626 GLU A CD    1 
ATOM   1475 O OE1   . GLU A 1 187 ? 13.917  -14.973 -6.884  1.00 78.62  ? 626 GLU A OE1   1 
ATOM   1476 O OE2   . GLU A 1 187 ? 14.465  -13.016 -7.734  1.00 76.14  ? 626 GLU A OE2   1 
ATOM   1477 N N     . THR A 1 188 ? 8.924   -16.582 -6.392  1.00 65.95  ? 627 THR A N     1 
ATOM   1478 C CA    . THR A 1 188 ? 8.112   -17.794 -6.534  1.00 69.52  ? 627 THR A CA    1 
ATOM   1479 C C     . THR A 1 188 ? 6.660   -17.466 -6.855  1.00 71.35  ? 627 THR A C     1 
ATOM   1480 O O     . THR A 1 188 ? 6.094   -17.991 -7.822  1.00 70.42  ? 627 THR A O     1 
ATOM   1481 C CB    . THR A 1 188 ? 8.204   -18.648 -5.254  1.00 71.45  ? 627 THR A CB    1 
ATOM   1482 O OG1   . THR A 1 188 ? 9.486   -19.280 -5.195  1.00 73.86  ? 627 THR A OG1   1 
ATOM   1483 C CG2   . THR A 1 188 ? 7.119   -19.723 -5.208  1.00 70.04  ? 627 THR A CG2   1 
ATOM   1484 N N     . VAL A 1 189 ? 6.038   -16.581 -6.060  1.00 69.75  ? 628 VAL A N     1 
ATOM   1485 C CA    . VAL A 1 189 ? 4.656   -16.192 -6.335  1.00 64.27  ? 628 VAL A CA    1 
ATOM   1486 C C     . VAL A 1 189 ? 4.567   -15.380 -7.626  1.00 68.05  ? 628 VAL A C     1 
ATOM   1487 O O     . VAL A 1 189 ? 3.606   -15.522 -8.394  1.00 71.60  ? 628 VAL A O     1 
ATOM   1488 C CB    . VAL A 1 189 ? 4.061   -15.429 -5.135  1.00 69.52  ? 628 VAL A CB    1 
ATOM   1489 C CG1   . VAL A 1 189 ? 2.886   -14.545 -5.569  1.00 63.47  ? 628 VAL A CG1   1 
ATOM   1490 C CG2   . VAL A 1 189 ? 3.619   -16.416 -4.055  1.00 65.42  ? 628 VAL A CG2   1 
ATOM   1491 N N     . ALA A 1 190 ? 5.560   -14.520 -7.886  1.00 63.46  ? 629 ALA A N     1 
ATOM   1492 C CA    . ALA A 1 190 ? 5.572   -13.738 -9.119  1.00 63.94  ? 629 ALA A CA    1 
ATOM   1493 C C     . ALA A 1 190 ? 5.655   -14.643 -10.343 1.00 73.05  ? 629 ALA A C     1 
ATOM   1494 O O     . ALA A 1 190 ? 4.963   -14.422 -11.345 1.00 72.47  ? 629 ALA A O     1 
ATOM   1495 C CB    . ALA A 1 190 ? 6.744   -12.754 -9.101  1.00 61.67  ? 629 ALA A CB    1 
ATOM   1496 N N     . ILE A 1 191 ? 6.502   -15.669 -10.281 1.00 71.89  ? 630 ILE A N     1 
ATOM   1497 C CA    . ILE A 1 191 ? 6.567   -16.635 -11.372 1.00 75.54  ? 630 ILE A CA    1 
ATOM   1498 C C     . ILE A 1 191 ? 5.226   -17.337 -11.550 1.00 76.65  ? 630 ILE A C     1 
ATOM   1499 O O     . ILE A 1 191 ? 4.756   -17.524 -12.679 1.00 81.20  ? 630 ILE A O     1 
ATOM   1500 C CB    . ILE A 1 191 ? 7.710   -17.628 -11.117 1.00 73.67  ? 630 ILE A CB    1 
ATOM   1501 C CG1   . ILE A 1 191 ? 9.047   -16.929 -11.361 1.00 71.82  ? 630 ILE A CG1   1 
ATOM   1502 C CG2   . ILE A 1 191 ? 7.555   -18.855 -11.988 1.00 83.25  ? 630 ILE A CG2   1 
ATOM   1503 C CD1   . ILE A 1 191 ? 10.172  -17.472 -10.558 1.00 74.79  ? 630 ILE A CD1   1 
ATOM   1504 N N     . ASP A 1 192 ? 4.579   -17.719 -10.444 1.00 75.87  ? 631 ASP A N     1 
ATOM   1505 C CA    . ASP A 1 192 ? 3.265   -18.358 -10.528 1.00 80.10  ? 631 ASP A CA    1 
ATOM   1506 C C     . ASP A 1 192 ? 2.259   -17.452 -11.224 1.00 83.35  ? 631 ASP A C     1 
ATOM   1507 O O     . ASP A 1 192 ? 1.521   -17.890 -12.116 1.00 86.39  ? 631 ASP A O     1 
ATOM   1508 C CB    . ASP A 1 192 ? 2.757   -18.722 -9.132  1.00 80.39  ? 631 ASP A CB    1 
ATOM   1509 C CG    . ASP A 1 192 ? 3.489   -19.895 -8.534  1.00 83.27  ? 631 ASP A CG    1 
ATOM   1510 O OD1   . ASP A 1 192 ? 3.522   -20.963 -9.183  1.00 87.11  ? 631 ASP A OD1   1 
ATOM   1511 O OD2   . ASP A 1 192 ? 4.041   -19.743 -7.421  1.00 81.06  ? 631 ASP A OD2   1 
ATOM   1512 N N     . ARG A 1 193 ? 2.222   -16.175 -10.823 1.00 78.16  ? 632 ARG A N     1 
ATOM   1513 C CA    . ARG A 1 193 ? 1.217   -15.252 -11.340 1.00 81.64  ? 632 ARG A CA    1 
ATOM   1514 C C     . ARG A 1 193 ? 1.453   -14.943 -12.806 1.00 84.95  ? 632 ARG A C     1 
ATOM   1515 O O     . ARG A 1 193 ? 0.492   -14.752 -13.565 1.00 84.27  ? 632 ARG A O     1 
ATOM   1516 C CB    . ARG A 1 193 ? 1.214   -13.960 -10.526 1.00 79.26  ? 632 ARG A CB    1 
ATOM   1517 C CG    . ARG A 1 193 ? 0.831   -14.145 -9.073  1.00 74.91  ? 632 ARG A CG    1 
ATOM   1518 C CD    . ARG A 1 193 ? 0.851   -12.819 -8.326  1.00 76.71  ? 632 ARG A CD    1 
ATOM   1519 N NE    . ARG A 1 193 ? -0.119  -12.824 -7.239  1.00 73.91  ? 632 ARG A NE    1 
ATOM   1520 C CZ    . ARG A 1 193 ? -0.153  -11.935 -6.250  1.00 69.17  ? 632 ARG A CZ    1 
ATOM   1521 N NH1   . ARG A 1 193 ? -1.090  -12.039 -5.319  1.00 63.82  ? 632 ARG A NH1   1 
ATOM   1522 N NH2   . ARG A 1 193 ? 0.734   -10.942 -6.197  1.00 59.71  ? 632 ARG A NH2   1 
ATOM   1523 N N     . LEU A 1 194 ? 2.725   -14.869 -13.218 1.00 82.13  ? 633 LEU A N     1 
ATOM   1524 C CA    . LEU A 1 194 ? 3.037   -14.621 -14.622 1.00 88.27  ? 633 LEU A CA    1 
ATOM   1525 C C     . LEU A 1 194 ? 2.591   -15.788 -15.495 1.00 94.47  ? 633 LEU A C     1 
ATOM   1526 O O     . LEU A 1 194 ? 2.079   -15.581 -16.603 1.00 95.13  ? 633 LEU A O     1 
ATOM   1527 C CB    . LEU A 1 194 ? 4.533   -14.366 -14.795 1.00 88.54  ? 633 LEU A CB    1 
ATOM   1528 C CG    . LEU A 1 194 ? 5.088   -12.969 -14.512 1.00 80.33  ? 633 LEU A CG    1 
ATOM   1529 C CD1   . LEU A 1 194 ? 6.601   -12.981 -14.602 1.00 83.58  ? 633 LEU A CD1   1 
ATOM   1530 C CD2   . LEU A 1 194 ? 4.515   -11.958 -15.482 1.00 77.43  ? 633 LEU A CD2   1 
ATOM   1531 N N     . ASP A 1 195 ? 2.757   -17.023 -14.998 1.00 94.39  ? 634 ASP A N     1 
ATOM   1532 C CA    . ASP A 1 195 ? 2.425   -18.216 -15.775 1.00 97.53  ? 634 ASP A CA    1 
ATOM   1533 C C     . ASP A 1 195 ? 0.935   -18.327 -16.072 1.00 98.19  ? 634 ASP A C     1 
ATOM   1534 O O     . ASP A 1 195 ? 0.563   -18.961 -17.062 1.00 99.88  ? 634 ASP A O     1 
ATOM   1535 C CB    . ASP A 1 195 ? 2.901   -19.478 -15.047 1.00 95.11  ? 634 ASP A CB    1 
ATOM   1536 N N     . ARG A 1 196 ? 0.076   -17.722 -15.253 1.00 96.16  ? 635 ARG A N     1 
ATOM   1537 C CA    . ARG A 1 196 ? -1.357  -17.768 -15.519 1.00 99.15  ? 635 ARG A CA    1 
ATOM   1538 C C     . ARG A 1 196 ? -1.814  -16.678 -16.489 1.00 103.34 ? 635 ARG A C     1 
ATOM   1539 O O     . ARG A 1 196 ? -2.699  -16.928 -17.316 1.00 105.12 ? 635 ARG A O     1 
ATOM   1540 C CB    . ARG A 1 196 ? -2.139  -17.678 -14.206 1.00 96.50  ? 635 ARG A CB    1 
ATOM   1541 C CG    . ARG A 1 196 ? -1.845  -18.835 -13.282 1.00 95.67  ? 635 ARG A CG    1 
ATOM   1542 C CD    . ARG A 1 196 ? -2.776  -18.854 -12.092 1.00 98.03  ? 635 ARG A CD    1 
ATOM   1543 N NE    . ARG A 1 196 ? -2.223  -18.146 -10.939 1.00 101.24 ? 635 ARG A NE    1 
ATOM   1544 C CZ    . ARG A 1 196 ? -1.361  -18.677 -10.073 1.00 98.38  ? 635 ARG A CZ    1 
ATOM   1545 N NH1   . ARG A 1 196 ? -0.937  -19.924 -10.239 1.00 96.71  ? 635 ARG A NH1   1 
ATOM   1546 N NH2   . ARG A 1 196 ? -0.916  -17.958 -9.044  1.00 92.87  ? 635 ARG A NH2   1 
ATOM   1547 N N     . ILE A 1 197 ? -1.226  -15.479 -16.428 1.00 101.70 ? 636 ILE A N     1 
ATOM   1548 C CA    . ILE A 1 197 ? -1.540  -14.409 -17.376 1.00 101.81 ? 636 ILE A CA    1 
ATOM   1549 C C     . ILE A 1 197 ? -0.801  -14.655 -18.686 1.00 106.61 ? 636 ILE A C     1 
ATOM   1550 O O     . ILE A 1 197 ? -0.377  -13.707 -19.361 1.00 108.01 ? 636 ILE A O     1 
ATOM   1551 C CB    . ILE A 1 197 ? -1.190  -13.021 -16.811 1.00 97.35  ? 636 ILE A CB    1 
ATOM   1552 N N     . GLY A 1 198 ? -0.633  -15.928 -19.041 1.00 105.68 ? 637 GLY A N     1 
ATOM   1553 C CA    . GLY A 1 198 ? 0.005   -16.331 -20.278 1.00 106.13 ? 637 GLY A CA    1 
ATOM   1554 C C     . GLY A 1 198 ? 1.448   -15.896 -20.446 1.00 110.62 ? 637 GLY A C     1 
ATOM   1555 O O     . GLY A 1 198 ? 2.016   -16.065 -21.529 1.00 110.26 ? 637 GLY A O     1 
ATOM   1556 N N     . LYS A 1 199 ? 2.055   -15.356 -19.390 1.00 108.25 ? 638 LYS A N     1 
ATOM   1557 C CA    . LYS A 1 199 ? 3.373   -14.743 -19.465 1.00 108.35 ? 638 LYS A CA    1 
ATOM   1558 C C     . LYS A 1 199 ? 4.463   -15.673 -18.931 1.00 110.84 ? 638 LYS A C     1 
ATOM   1559 O O     . LYS A 1 199 ? 4.193   -16.668 -18.252 1.00 123.87 ? 638 LYS A O     1 
ATOM   1560 C CB    . LYS A 1 199 ? 3.386   -13.413 -18.701 1.00 104.66 ? 638 LYS A CB    1 
ATOM   1561 N N     . LYS A 1 200 ? 5.708   -15.350 -19.292 1.00 112.76 ? 639 LYS A N     1 
ATOM   1562 C CA    . LYS A 1 200 ? 6.914   -15.925 -18.700 1.00 110.24 ? 639 LYS A CA    1 
ATOM   1563 C C     . LYS A 1 200 ? 8.017   -14.877 -18.789 1.00 106.46 ? 639 LYS A C     1 
ATOM   1564 O O     . LYS A 1 200 ? 7.940   -13.938 -19.589 1.00 106.79 ? 639 LYS A O     1 
ATOM   1565 C CB    . LYS A 1 200 ? 7.362   -17.238 -19.380 1.00 109.14 ? 639 LYS A CB    1 
ATOM   1566 C CG    . LYS A 1 200 ? 6.631   -18.523 -18.933 1.00 111.07 ? 639 LYS A CG    1 
ATOM   1567 C CD    . LYS A 1 200 ? 7.136   -19.076 -17.585 1.00 108.12 ? 639 LYS A CD    1 
ATOM   1568 C CE    . LYS A 1 200 ? 6.428   -18.403 -16.391 1.00 105.53 ? 639 LYS A CE    1 
ATOM   1569 N NZ    . LYS A 1 200 ? 6.627   -19.120 -15.106 1.00 97.81  ? 639 LYS A NZ    1 
ATOM   1570 N N     . ASN A 1 201 ? 9.043   -15.032 -17.950 1.00 101.47 ? 640 ASN A N     1 
ATOM   1571 C CA    . ASN A 1 201 ? 10.137  -14.067 -17.926 1.00 98.29  ? 640 ASN A CA    1 
ATOM   1572 C C     . ASN A 1 201 ? 11.404  -14.735 -17.404 1.00 92.42  ? 640 ASN A C     1 
ATOM   1573 O O     . ASN A 1 201 ? 11.386  -15.370 -16.344 1.00 89.13  ? 640 ASN A O     1 
ATOM   1574 C CB    . ASN A 1 201 ? 9.776   -12.844 -17.067 1.00 95.23  ? 640 ASN A CB    1 
ATOM   1575 C CG    . ASN A 1 201 ? 10.742  -11.679 -17.260 1.00 91.41  ? 640 ASN A CG    1 
ATOM   1576 O OD1   . ASN A 1 201 ? 11.698  -11.764 -18.029 1.00 90.35  ? 640 ASN A OD1   1 
ATOM   1577 N ND2   . ASN A 1 201 ? 10.482  -10.578 -16.568 1.00 90.10  ? 640 ASN A ND2   1 
ATOM   1578 N N     . SER A 1 202 ? 12.503  -14.573 -18.148 1.00 88.20  ? 641 SER A N     1 
ATOM   1579 C CA    . SER A 1 202 ? 13.762  -15.202 -17.763 1.00 88.04  ? 641 SER A CA    1 
ATOM   1580 C C     . SER A 1 202 ? 14.317  -14.606 -16.472 1.00 84.95  ? 641 SER A C     1 
ATOM   1581 O O     . SER A 1 202 ? 14.948  -15.322 -15.681 1.00 81.27  ? 641 SER A O     1 
ATOM   1582 C CB    . SER A 1 202 ? 14.790  -15.064 -18.888 1.00 81.98  ? 641 SER A CB    1 
ATOM   1583 O OG    . SER A 1 202 ? 14.225  -15.357 -20.153 1.00 81.82  ? 641 SER A OG    1 
ATOM   1584 N N     . ILE A 1 203 ? 14.085  -13.304 -16.241 1.00 82.10  ? 642 ILE A N     1 
ATOM   1585 C CA    . ILE A 1 203 ? 14.744  -12.578 -15.146 1.00 83.41  ? 642 ILE A CA    1 
ATOM   1586 C C     . ILE A 1 203 ? 14.337  -13.164 -13.800 1.00 84.79  ? 642 ILE A C     1 
ATOM   1587 O O     . ILE A 1 203 ? 15.062  -13.009 -12.808 1.00 82.60  ? 642 ILE A O     1 
ATOM   1588 C CB    . ILE A 1 203 ? 14.457  -11.042 -15.202 1.00 80.54  ? 642 ILE A CB    1 
ATOM   1589 C CG1   . ILE A 1 203 ? 14.914  -10.422 -16.501 1.00 81.42  ? 642 ILE A CG1   1 
ATOM   1590 C CG2   . ILE A 1 203 ? 15.089  -10.282 -14.073 1.00 82.49  ? 642 ILE A CG2   1 
ATOM   1591 C CD1   . ILE A 1 203 ? 16.130  -11.076 -17.156 1.00 79.95  ? 642 ILE A CD1   1 
ATOM   1592 N N     . LEU A 1 204 ? 13.219  -13.884 -13.747 1.00 84.83  ? 643 LEU A N     1 
ATOM   1593 C CA    . LEU A 1 204 ? 12.856  -14.619 -12.548 1.00 81.95  ? 643 LEU A CA    1 
ATOM   1594 C C     . LEU A 1 204 ? 13.168  -16.110 -12.736 1.00 82.94  ? 643 LEU A C     1 
ATOM   1595 O O     . LEU A 1 204 ? 14.070  -16.659 -12.097 1.00 84.83  ? 643 LEU A O     1 
ATOM   1596 C CB    . LEU A 1 204 ? 11.376  -14.430 -12.214 1.00 79.47  ? 643 LEU A CB    1 
ATOM   1597 C CG    . LEU A 1 204 ? 10.667  -13.072 -12.284 1.00 83.00  ? 643 LEU A CG    1 
ATOM   1598 C CD1   . LEU A 1 204 ? 9.166   -13.293 -12.170 1.00 75.71  ? 643 LEU A CD1   1 
ATOM   1599 C CD2   . LEU A 1 204 ? 11.135  -12.117 -11.202 1.00 75.35  ? 643 LEU A CD2   1 
HETATM 1600 O O2    . CC7 B 2 .   ? -1.798  -10.170 -9.002  1.00 75.73  ? 701 CC7 A O2    1 
HETATM 1601 C C2    . CC7 B 2 .   ? -1.370  -10.491 -10.064 1.00 74.15  ? 701 CC7 A C2    1 
HETATM 1602 N N3    . CC7 B 2 .   ? -1.790  -11.761 -10.689 1.00 80.60  ? 701 CC7 A N3    1 
HETATM 1603 C C4    . CC7 B 2 .   ? -1.263  -12.133 -11.980 1.00 81.79  ? 701 CC7 A C4    1 
HETATM 1604 N N4    . CC7 B 2 .   ? -1.703  -13.391 -12.558 1.00 87.51  ? 701 CC7 A N4    1 
HETATM 1605 C C5    . CC7 B 2 .   ? -0.301  -11.255 -12.698 1.00 72.92  ? 701 CC7 A C5    1 
HETATM 1606 C C6    . CC7 B 2 .   ? 0.120   -9.974  -12.074 1.00 70.42  ? 701 CC7 A C6    1 
HETATM 1607 N N1    . CC7 B 2 .   ? -0.431  -9.608  -10.783 1.00 69.48  ? 701 CC7 A N1    1 
HETATM 1608 C "C1'" . CC7 B 2 .   ? -0.036  -8.372  -10.092 1.00 65.70  ? 701 CC7 A "C1'" 1 
HETATM 1609 O "O4'" . CC7 B 2 .   ? -0.282  -7.244  -10.904 1.00 64.23  ? 701 CC7 A "O4'" 1 
HETATM 1610 C "C4'" . CC7 B 2 .   ? 0.790   -6.320  -10.673 1.00 62.94  ? 701 CC7 A "C4'" 1 
HETATM 1611 C "C5'" . CC7 B 2 .   ? 0.820   -5.192  -11.661 1.00 63.89  ? 701 CC7 A "C5'" 1 
HETATM 1612 O "O5'" . CC7 B 2 .   ? 2.036   -4.485  -11.502 1.00 67.73  ? 701 CC7 A "O5'" 1 
HETATM 1613 P P     . CC7 B 2 .   ? 3.375   -5.286  -11.181 1.00 62.18  ? 701 CC7 A P     1 
HETATM 1614 O O2P   . CC7 B 2 .   ? 4.266   -4.389  -10.466 1.00 64.08  ? 701 CC7 A O2P   1 
HETATM 1615 O O1P   . CC7 B 2 .   ? 3.812   -5.865  -12.650 1.00 69.04  ? 701 CC7 A O1P   1 
HETATM 1616 O "O3'" . CC7 B 2 .   ? 3.159   -6.610  -10.208 1.00 60.07  ? 701 CC7 A "O3'" 1 
HETATM 1617 C "C3'" . CC7 B 2 .   ? 1.979   -7.242  -10.646 1.00 59.83  ? 701 CC7 A "C3'" 1 
HETATM 1618 C "C2'" . CC7 B 2 .   ? 1.465   -8.377  -9.756  1.00 65.80  ? 701 CC7 A "C2'" 1 
HETATM 1619 O "O2'" . CC7 B 2 .   ? 1.593   -8.065  -8.379  1.00 59.50  ? 701 CC7 A "O2'" 1 
HETATM 1620 O O     . HOH C 3 .   ? -9.415  12.582  21.664  1.00 77.45  ? 801 HOH A O     1 
HETATM 1621 O O     . HOH C 3 .   ? 4.258   -4.825  19.682  1.00 44.25  ? 802 HOH A O     1 
HETATM 1622 O O     . HOH C 3 .   ? -3.624  7.879   1.003   1.00 53.10  ? 803 HOH A O     1 
HETATM 1623 O O     . HOH C 3 .   ? 16.311  -2.229  6.219   1.00 71.37  ? 804 HOH A O     1 
HETATM 1624 O O     . HOH C 3 .   ? 6.257   -13.357 11.631  1.00 52.37  ? 805 HOH A O     1 
HETATM 1625 O O     . HOH C 3 .   ? -1.104  -13.769 0.694   1.00 67.70  ? 806 HOH A O     1 
HETATM 1626 O O     . HOH C 3 .   ? 7.851   -8.968  13.845  1.00 47.96  ? 807 HOH A O     1 
HETATM 1627 O O     . HOH C 3 .   ? -6.587  -12.190 -1.732  1.00 66.00  ? 808 HOH A O     1 
HETATM 1628 O O     . HOH C 3 .   ? -1.431  -8.836  20.781  1.00 56.47  ? 809 HOH A O     1 
HETATM 1629 O O     . HOH C 3 .   ? -3.760  -4.033  16.187  1.00 52.55  ? 810 HOH A O     1 
HETATM 1630 O O     . HOH C 3 .   ? 11.785  -6.756  15.790  1.00 61.31  ? 811 HOH A O     1 
HETATM 1631 O O     . HOH C 3 .   ? 15.134  -1.307  17.907  1.00 58.44  ? 812 HOH A O     1 
HETATM 1632 O O     . HOH C 3 .   ? 3.169   -7.754  13.912  1.00 51.95  ? 813 HOH A O     1 
HETATM 1633 O O     . HOH C 3 .   ? -5.250  20.566  5.022   1.00 64.29  ? 814 HOH A O     1 
HETATM 1634 O O     . HOH C 3 .   ? -3.781  -5.510  13.837  1.00 50.85  ? 815 HOH A O     1 
HETATM 1635 O O     . HOH C 3 .   ? -20.983 10.666  0.060   1.00 75.57  ? 816 HOH A O     1 
HETATM 1636 O O     . HOH C 3 .   ? 1.444   -14.613 1.766   1.00 61.39  ? 817 HOH A O     1 
HETATM 1637 O O     . HOH C 3 .   ? 2.249   -6.630  19.041  1.00 45.81  ? 818 HOH A O     1 
HETATM 1638 O O     . HOH C 3 .   ? 8.084   -9.297  16.623  1.00 60.92  ? 819 HOH A O     1 
HETATM 1639 O O     . HOH C 3 .   ? 10.419  -7.435  17.554  1.00 60.25  ? 820 HOH A O     1 
HETATM 1640 O O     . HOH C 3 .   ? -2.815  -9.912  22.777  1.00 53.21  ? 821 HOH A O     1 
HETATM 1641 O O     . HOH C 3 .   ? 1.021   -7.836  21.087  1.00 53.00  ? 822 HOH A O     1 
HETATM 1642 O O     . HOH C 3 .   ? 2.521   -9.912  15.284  1.00 53.47  ? 823 HOH A O     1 
HETATM 1643 O O     . HOH C 3 .   ? 5.660   -9.754  18.086  1.00 60.64  ? 824 HOH A O     1 
HETATM 1644 O O     . HOH C 3 .   ? 12.723  4.595   -13.115 1.00 73.87  ? 825 HOH A O     1 
HETATM 1645 O O     . HOH C 3 .   ? 23.399  -15.598 6.779   1.00 77.12  ? 826 HOH A O     1 
# 
loop_
_pdbx_poly_seq_scheme.asym_id 
_pdbx_poly_seq_scheme.entity_id 
_pdbx_poly_seq_scheme.seq_id 
_pdbx_poly_seq_scheme.mon_id 
_pdbx_poly_seq_scheme.ndb_seq_num 
_pdbx_poly_seq_scheme.pdb_seq_num 
_pdbx_poly_seq_scheme.auth_seq_num 
_pdbx_poly_seq_scheme.pdb_mon_id 
_pdbx_poly_seq_scheme.auth_mon_id 
_pdbx_poly_seq_scheme.pdb_strand_id 
_pdbx_poly_seq_scheme.pdb_ins_code 
_pdbx_poly_seq_scheme.hetero 
A 1 1   SER 1   440 ?   ?   ?   A . n 
A 1 2   ASN 2   441 ?   ?   ?   A . n 
A 1 3   ALA 3   442 ?   ?   ?   A . n 
A 1 4   ASP 4   443 443 ASP ASP A . n 
A 1 5   SER 5   444 444 SER SER A . n 
A 1 6   SER 6   445 445 SER SER A . n 
A 1 7   ARG 7   446 446 ARG ARG A . n 
A 1 8   ARG 8   447 447 ARG ARG A . n 
A 1 9   GLN 9   448 448 GLN GLN A . n 
A 1 10  TYR 10  449 449 TYR TYR A . n 
A 1 11  GLN 11  450 450 GLN GLN A . n 
A 1 12  GLU 12  451 451 GLU GLU A . n 
A 1 13  LYS 13  452 452 LYS LYS A . n 
A 1 14  TYR 14  453 453 TYR TYR A . n 
A 1 15  LYS 15  454 454 LYS LYS A . n 
A 1 16  GLN 16  455 455 GLN GLN A . n 
A 1 17  VAL 17  456 456 VAL VAL A . n 
A 1 18  GLU 18  457 457 GLU GLU A . n 
A 1 19  GLN 19  458 458 GLN GLN A . n 
A 1 20  TYR 20  459 459 TYR TYR A . n 
A 1 21  MET 21  460 460 MET MET A . n 
A 1 22  SER 22  461 461 SER SER A . n 
A 1 23  PHE 23  462 462 PHE PHE A . n 
A 1 24  HIS 24  463 463 HIS HIS A . n 
A 1 25  LYS 25  464 464 LYS LYS A . n 
A 1 26  LEU 26  465 465 LEU LEU A . n 
A 1 27  PRO 27  466 466 PRO PRO A . n 
A 1 28  ALA 28  467 467 ALA ALA A . n 
A 1 29  ASP 29  468 468 ASP ASP A . n 
A 1 30  PHE 30  469 469 PHE PHE A . n 
A 1 31  ARG 31  470 470 ARG ARG A . n 
A 1 32  GLN 32  471 471 GLN GLN A . n 
A 1 33  LYS 33  472 472 LYS LYS A . n 
A 1 34  ILE 34  473 473 ILE ILE A . n 
A 1 35  HIS 35  474 474 HIS HIS A . n 
A 1 36  ASP 36  475 475 ASP ASP A . n 
A 1 37  TYR 37  476 476 TYR TYR A . n 
A 1 38  TYR 38  477 477 TYR TYR A . n 
A 1 39  GLU 39  478 478 GLU GLU A . n 
A 1 40  HIS 40  479 479 HIS HIS A . n 
A 1 41  ARG 41  480 480 ARG ARG A . n 
A 1 42  TYR 42  481 481 TYR TYR A . n 
A 1 43  GLN 43  482 482 GLN GLN A . n 
A 1 44  GLY 44  483 483 GLY GLY A . n 
A 1 45  LYS 45  484 484 LYS LYS A . n 
A 1 46  MET 46  485 485 MET MET A . n 
A 1 47  PHE 47  486 486 PHE PHE A . n 
A 1 48  ASP 48  487 487 ASP ASP A . n 
A 1 49  GLU 49  488 488 GLU GLU A . n 
A 1 50  ASP 50  489 489 ASP ASP A . n 
A 1 51  SER 51  490 490 SER SER A . n 
A 1 52  ILE 52  491 491 ILE ILE A . n 
A 1 53  LEU 53  492 492 LEU LEU A . n 
A 1 54  GLY 54  493 493 GLY GLY A . n 
A 1 55  GLU 55  494 494 GLU GLU A . n 
A 1 56  LEU 56  495 495 LEU LEU A . n 
A 1 57  ASN 57  496 496 ASN ASN A . n 
A 1 58  GLY 58  497 497 GLY GLY A . n 
A 1 59  PRO 59  498 498 PRO PRO A . n 
A 1 60  LEU 60  499 499 LEU LEU A . n 
A 1 61  ARG 61  500 500 ARG ARG A . n 
A 1 62  GLU 62  501 501 GLU GLU A . n 
A 1 63  GLU 63  502 502 GLU GLU A . n 
A 1 64  ILE 64  503 503 ILE ILE A . n 
A 1 65  VAL 65  504 504 VAL VAL A . n 
A 1 66  ASN 66  505 505 ASN ASN A . n 
A 1 67  PHE 67  506 506 PHE PHE A . n 
A 1 68  ASN 68  507 507 ASN ASN A . n 
A 1 69  CSX 69  508 508 CSX CSX A . n 
A 1 70  ARG 70  509 509 ARG ARG A . n 
A 1 71  LYS 71  510 510 LYS LYS A . n 
A 1 72  LEU 72  511 511 LEU LEU A . n 
A 1 73  VAL 73  512 512 VAL VAL A . n 
A 1 74  ALA 74  513 513 ALA ALA A . n 
A 1 75  SER 75  514 514 SER SER A . n 
A 1 76  MET 76  515 515 MET MET A . n 
A 1 77  PRO 77  516 516 PRO PRO A . n 
A 1 78  LEU 78  517 517 LEU LEU A . n 
A 1 79  PHE 79  518 518 PHE PHE A . n 
A 1 80  ALA 80  519 519 ALA ALA A . n 
A 1 81  ASN 81  520 520 ASN ASN A . n 
A 1 82  ALA 82  521 521 ALA ALA A . n 
A 1 83  ASP 83  522 522 ASP ASP A . n 
A 1 84  PRO 84  523 523 PRO PRO A . n 
A 1 85  ASN 85  524 524 ASN ASN A . n 
A 1 86  PHE 86  525 525 PHE PHE A . n 
A 1 87  VAL 87  526 526 VAL VAL A . n 
A 1 88  THR 88  527 527 THR THR A . n 
A 1 89  ALA 89  528 528 ALA ALA A . n 
A 1 90  MET 90  529 529 MET MET A . n 
A 1 91  LEU 91  530 530 LEU LEU A . n 
A 1 92  THR 92  531 531 THR THR A . n 
A 1 93  LYS 93  532 532 LYS LYS A . n 
A 1 94  LEU 94  533 533 LEU LEU A . n 
A 1 95  LYS 95  534 534 LYS LYS A . n 
A 1 96  PHE 96  535 535 PHE PHE A . n 
A 1 97  GLU 97  536 536 GLU GLU A . n 
A 1 98  VAL 98  537 537 VAL VAL A . n 
A 1 99  PHE 99  538 538 PHE PHE A . n 
A 1 100 GLN 100 539 539 GLN GLN A . n 
A 1 101 PRO 101 540 540 PRO PRO A . n 
A 1 102 GLY 102 541 541 GLY GLY A . n 
A 1 103 ASP 103 542 542 ASP ASP A . n 
A 1 104 TYR 104 543 543 TYR TYR A . n 
A 1 105 ILE 105 544 544 ILE ILE A . n 
A 1 106 ILE 106 545 545 ILE ILE A . n 
A 1 107 ARG 107 546 546 ARG ARG A . n 
A 1 108 GLU 108 547 547 GLU GLU A . n 
A 1 109 GLY 109 548 548 GLY GLY A . n 
A 1 110 THR 110 549 549 THR THR A . n 
A 1 111 ILE 111 550 550 ILE ILE A . n 
A 1 112 GLY 112 551 551 GLY GLY A . n 
A 1 113 LYS 113 552 552 LYS LYS A . n 
A 1 114 LYS 114 553 553 LYS LYS A . n 
A 1 115 MET 115 554 554 MET MET A . n 
A 1 116 TYR 116 555 555 TYR TYR A . n 
A 1 117 PHE 117 556 556 PHE PHE A . n 
A 1 118 ILE 118 557 557 ILE ILE A . n 
A 1 119 GLN 119 558 558 GLN GLN A . n 
A 1 120 HIS 120 559 559 HIS HIS A . n 
A 1 121 GLY 121 560 560 GLY GLY A . n 
A 1 122 VAL 122 561 561 VAL VAL A . n 
A 1 123 VAL 123 562 562 VAL VAL A . n 
A 1 124 SER 124 563 563 SER SER A . n 
A 1 125 VAL 125 564 564 VAL VAL A . n 
A 1 126 LEU 126 565 565 LEU LEU A . n 
A 1 127 THR 127 566 566 THR THR A . n 
A 1 128 LYS 128 567 567 LYS LYS A . n 
A 1 129 GLY 129 568 568 GLY GLY A . n 
A 1 130 ASN 130 569 569 ASN ASN A . n 
A 1 131 LYS 131 570 570 LYS LYS A . n 
A 1 132 GLU 132 571 571 GLU GLU A . n 
A 1 133 MET 133 572 572 MET MET A . n 
A 1 134 LYS 134 573 573 LYS LYS A . n 
A 1 135 LEU 135 574 574 LEU LEU A . n 
A 1 136 SER 136 575 575 SER SER A . n 
A 1 137 ASP 137 576 576 ASP ASP A . n 
A 1 138 GLY 138 577 577 GLY GLY A . n 
A 1 139 SER 139 578 578 SER SER A . n 
A 1 140 TYR 140 579 579 TYR TYR A . n 
A 1 141 PHE 141 580 580 PHE PHE A . n 
A 1 142 GLY 142 581 581 GLY GLY A . n 
A 1 143 GLU 143 582 582 GLU GLU A . n 
A 1 144 ILE 144 583 583 ILE ILE A . n 
A 1 145 CYS 145 584 584 CYS CYS A . n 
A 1 146 LEU 146 585 585 LEU LEU A . n 
A 1 147 LEU 147 586 586 LEU LEU A . n 
A 1 148 THR 148 587 587 THR THR A . n 
A 1 149 ARG 149 588 588 ARG ARG A . n 
A 1 150 GLY 150 589 589 GLY GLY A . n 
A 1 151 ARG 151 590 590 ARG ARG A . n 
A 1 152 ARG 152 591 591 ARG ARG A . n 
A 1 153 THR 153 592 592 THR THR A . n 
A 1 154 ALA 154 593 593 ALA ALA A . n 
A 1 155 SER 155 594 594 SER SER A . n 
A 1 156 VAL 156 595 595 VAL VAL A . n 
A 1 157 ARG 157 596 596 ARG ARG A . n 
A 1 158 ALA 158 597 597 ALA ALA A . n 
A 1 159 ASP 159 598 598 ASP ASP A . n 
A 1 160 THR 160 599 599 THR THR A . n 
A 1 161 TYR 161 600 600 TYR TYR A . n 
A 1 162 CYS 162 601 601 CYS CYS A . n 
A 1 163 ARG 163 602 602 ARG ARG A . n 
A 1 164 LEU 164 603 603 LEU LEU A . n 
A 1 165 TYR 165 604 604 TYR TYR A . n 
A 1 166 SER 166 605 605 SER SER A . n 
A 1 167 LEU 167 606 606 LEU LEU A . n 
A 1 168 SER 168 607 607 SER SER A . n 
A 1 169 VAL 169 608 608 VAL VAL A . n 
A 1 170 ASP 170 609 609 ASP ASP A . n 
A 1 171 ASN 171 610 610 ASN ASN A . n 
A 1 172 PHE 172 611 611 PHE PHE A . n 
A 1 173 ASN 173 612 612 ASN ASN A . n 
A 1 174 GLU 174 613 613 GLU GLU A . n 
A 1 175 VAL 175 614 614 VAL VAL A . n 
A 1 176 LEU 176 615 615 LEU LEU A . n 
A 1 177 GLU 177 616 616 GLU GLU A . n 
A 1 178 GLU 178 617 617 GLU GLU A . n 
A 1 179 TYR 179 618 618 TYR TYR A . n 
A 1 180 PRO 180 619 619 PRO PRO A . n 
A 1 181 MET 181 620 620 MET MET A . n 
A 1 182 MET 182 621 621 MET MET A . n 
A 1 183 ARG 183 622 622 ARG ARG A . n 
A 1 184 ARG 184 623 623 ARG ARG A . n 
A 1 185 ALA 185 624 624 ALA ALA A . n 
A 1 186 PHE 186 625 625 PHE PHE A . n 
A 1 187 GLU 187 626 626 GLU GLU A . n 
A 1 188 THR 188 627 627 THR THR A . n 
A 1 189 VAL 189 628 628 VAL VAL A . n 
A 1 190 ALA 190 629 629 ALA ALA A . n 
A 1 191 ILE 191 630 630 ILE ILE A . n 
A 1 192 ASP 192 631 631 ASP ASP A . n 
A 1 193 ARG 193 632 632 ARG ARG A . n 
A 1 194 LEU 194 633 633 LEU LEU A . n 
A 1 195 ASP 195 634 634 ASP ASP A . n 
A 1 196 ARG 196 635 635 ARG ARG A . n 
A 1 197 ILE 197 636 636 ILE ILE A . n 
A 1 198 GLY 198 637 637 GLY GLY A . n 
A 1 199 LYS 199 638 638 LYS LYS A . n 
A 1 200 LYS 200 639 639 LYS LYS A . n 
A 1 201 ASN 201 640 640 ASN ASN A . n 
A 1 202 SER 202 641 641 SER SER A . n 
A 1 203 ILE 203 642 642 ILE ILE A . n 
A 1 204 LEU 204 643 643 LEU LEU A . n 
# 
loop_
_pdbx_nonpoly_scheme.asym_id 
_pdbx_nonpoly_scheme.entity_id 
_pdbx_nonpoly_scheme.mon_id 
_pdbx_nonpoly_scheme.ndb_seq_num 
_pdbx_nonpoly_scheme.pdb_seq_num 
_pdbx_nonpoly_scheme.auth_seq_num 
_pdbx_nonpoly_scheme.pdb_mon_id 
_pdbx_nonpoly_scheme.auth_mon_id 
_pdbx_nonpoly_scheme.pdb_strand_id 
_pdbx_nonpoly_scheme.pdb_ins_code 
B 2 CC7 1  701 1  CC7 CC7 A . 
C 3 HOH 1  801 10 HOH HOH A . 
C 3 HOH 2  802 18 HOH HOH A . 
C 3 HOH 3  803 17 HOH HOH A . 
C 3 HOH 4  804 21 HOH HOH A . 
C 3 HOH 5  805 9  HOH HOH A . 
C 3 HOH 6  806 33 HOH HOH A . 
C 3 HOH 7  807 1  HOH HOH A . 
C 3 HOH 8  808 11 HOH HOH A . 
C 3 HOH 9  809 5  HOH HOH A . 
C 3 HOH 10 810 15 HOH HOH A . 
C 3 HOH 11 811 30 HOH HOH A . 
C 3 HOH 12 812 14 HOH HOH A . 
C 3 HOH 13 813 8  HOH HOH A . 
C 3 HOH 14 814 13 HOH HOH A . 
C 3 HOH 15 815 3  HOH HOH A . 
C 3 HOH 16 816 37 HOH HOH A . 
C 3 HOH 17 817 24 HOH HOH A . 
C 3 HOH 18 818 16 HOH HOH A . 
C 3 HOH 19 819 23 HOH HOH A . 
C 3 HOH 20 820 29 HOH HOH A . 
C 3 HOH 21 821 4  HOH HOH A . 
C 3 HOH 22 822 6  HOH HOH A . 
C 3 HOH 23 823 7  HOH HOH A . 
C 3 HOH 24 824 12 HOH HOH A . 
C 3 HOH 25 825 36 HOH HOH A . 
C 3 HOH 26 826 35 HOH HOH A . 
# 
_pdbx_struct_mod_residue.id               1 
_pdbx_struct_mod_residue.label_asym_id    A 
_pdbx_struct_mod_residue.label_comp_id    CSX 
_pdbx_struct_mod_residue.label_seq_id     69 
_pdbx_struct_mod_residue.auth_asym_id     A 
_pdbx_struct_mod_residue.auth_comp_id     CSX 
_pdbx_struct_mod_residue.auth_seq_id      508 
_pdbx_struct_mod_residue.PDB_ins_code     ? 
_pdbx_struct_mod_residue.parent_comp_id   CYS 
_pdbx_struct_mod_residue.details          'modified residue' 
# 
_pdbx_struct_assembly.id                   1 
_pdbx_struct_assembly.details              author_and_software_defined_assembly 
_pdbx_struct_assembly.method_details       PISA 
_pdbx_struct_assembly.oligomeric_details   tetrameric 
_pdbx_struct_assembly.oligomeric_count     4 
# 
_pdbx_struct_assembly_gen.assembly_id       1 
_pdbx_struct_assembly_gen.oper_expression   1,2,3,4 
_pdbx_struct_assembly_gen.asym_id_list      A,B,C 
# 
loop_
_pdbx_struct_assembly_prop.biol_id 
_pdbx_struct_assembly_prop.type 
_pdbx_struct_assembly_prop.value 
_pdbx_struct_assembly_prop.details 
1 'ABSA (A^2)' 8640  ? 
1 MORE         -42   ? 
1 'SSA (A^2)'  37290 ? 
# 
loop_
_pdbx_struct_oper_list.id 
_pdbx_struct_oper_list.type 
_pdbx_struct_oper_list.name 
_pdbx_struct_oper_list.symmetry_operation 
_pdbx_struct_oper_list.matrix[1][1] 
_pdbx_struct_oper_list.matrix[1][2] 
_pdbx_struct_oper_list.matrix[1][3] 
_pdbx_struct_oper_list.vector[1] 
_pdbx_struct_oper_list.matrix[2][1] 
_pdbx_struct_oper_list.matrix[2][2] 
_pdbx_struct_oper_list.matrix[2][3] 
_pdbx_struct_oper_list.vector[2] 
_pdbx_struct_oper_list.matrix[3][1] 
_pdbx_struct_oper_list.matrix[3][2] 
_pdbx_struct_oper_list.matrix[3][3] 
_pdbx_struct_oper_list.vector[3] 
1 'identity operation'         1_555 x,y,z          1.0000000000  0.0000000000  0.0000000000  0.0000000000  0.0000000000  1.0000000000  0.0000000000  0.0000000000  0.0000000000  0.0000000000  1.0000000000  0.0000000000   
2 'crystal symmetry operation' 2_655 -x+1,-y,z      -0.1509332174 -0.6224113241 -0.7679995492 30.9189991515 -0.6224113241 -0.5437392390 0.5629847099  34.9657163737 -0.7679995492 0.5629847099  -0.3053275436 5.8453645051   
3 'crystal symmetry operation' 3_545 -y+1/2,x-1/2,z 0.4245333913  -0.9005580424 0.0936301873  24.3671030504 0.2781467183  0.2281303805  0.9330546247  6.4674558310  -0.8616297365 -0.3700699147 0.3473362282  21.6977732068  
4 'crystal symmetry operation' 4_555 y+1/2,-x+1/2,z 0.4245333913  0.2781467183  -0.8616297365 6.5518961011  -0.9005580424 0.2281303805  -0.3700699147 28.4982605428 0.0936301873  0.9330546247  0.3473362282  -15.8524087017 
# 
loop_
_pdbx_audit_revision_history.ordinal 
_pdbx_audit_revision_history.data_content_type 
_pdbx_audit_revision_history.major_revision 
_pdbx_audit_revision_history.minor_revision 
_pdbx_audit_revision_history.revision_date 
1 'Structure model' 1 0 2016-09-14 
2 'Structure model' 1 1 2016-10-19 
3 'Structure model' 1 2 2023-09-27 
# 
_pdbx_audit_revision_details.ordinal             1 
_pdbx_audit_revision_details.revision_ordinal    1 
_pdbx_audit_revision_details.data_content_type   'Structure model' 
_pdbx_audit_revision_details.provider            repository 
_pdbx_audit_revision_details.type                'Initial release' 
_pdbx_audit_revision_details.description         ? 
_pdbx_audit_revision_details.details             ? 
# 
loop_
_pdbx_audit_revision_group.ordinal 
_pdbx_audit_revision_group.revision_ordinal 
_pdbx_audit_revision_group.data_content_type 
_pdbx_audit_revision_group.group 
1 2 'Structure model' 'Database references'    
2 3 'Structure model' 'Data collection'        
3 3 'Structure model' 'Database references'    
4 3 'Structure model' 'Derived calculations'   
5 3 'Structure model' 'Refinement description' 
# 
loop_
_pdbx_audit_revision_category.ordinal 
_pdbx_audit_revision_category.revision_ordinal 
_pdbx_audit_revision_category.data_content_type 
_pdbx_audit_revision_category.category 
1 3 'Structure model' chem_comp_atom                
2 3 'Structure model' chem_comp_bond                
3 3 'Structure model' citation                      
4 3 'Structure model' database_2                    
5 3 'Structure model' diffrn_radiation_wavelength   
6 3 'Structure model' pdbx_initial_refinement_model 
7 3 'Structure model' pdbx_struct_oper_list         
# 
loop_
_pdbx_audit_revision_item.ordinal 
_pdbx_audit_revision_item.revision_ordinal 
_pdbx_audit_revision_item.data_content_type 
_pdbx_audit_revision_item.item 
1 3 'Structure model' '_citation.journal_id_CSD'                  
2 3 'Structure model' '_database_2.pdbx_DOI'                      
3 3 'Structure model' '_database_2.pdbx_database_accession'       
4 3 'Structure model' '_pdbx_struct_oper_list.symmetry_operation' 
# 
loop_
_software.citation_id 
_software.classification 
_software.compiler_name 
_software.compiler_version 
_software.contact_author 
_software.contact_author_email 
_software.date 
_software.description 
_software.dependencies 
_software.hardware 
_software.language 
_software.location 
_software.mods 
_software.name 
_software.os 
_software.os_version 
_software.type 
_software.version 
_software.pdbx_ordinal 
? refinement        ? ? ? ? ? ? ? ? ? ? ? PHENIX      ? ? ? 1.10.1_2155 1 
? 'data scaling'    ? ? ? ? ? ? ? ? ? ? ? XSCALE      ? ? ? .           2 
? 'data extraction' ? ? ? ? ? ? ? ? ? ? ? PDB_EXTRACT ? ? ? 3.20        3 
? 'data reduction'  ? ? ? ? ? ? ? ? ? ? ? XDS         ? ? ? .           4 
? phasing           ? ? ? ? ? ? ? ? ? ? ? PHASER      ? ? ? .           5 
# 
loop_
_pdbx_validate_torsion.id 
_pdbx_validate_torsion.PDB_model_num 
_pdbx_validate_torsion.auth_comp_id 
_pdbx_validate_torsion.auth_asym_id 
_pdbx_validate_torsion.auth_seq_id 
_pdbx_validate_torsion.PDB_ins_code 
_pdbx_validate_torsion.label_alt_id 
_pdbx_validate_torsion.phi 
_pdbx_validate_torsion.psi 
1 1 LYS A 567 ? ? -57.09 105.15 
2 1 ILE A 636 ? ? -79.33 33.83  
# 
loop_
_pdbx_distant_solvent_atoms.id 
_pdbx_distant_solvent_atoms.PDB_model_num 
_pdbx_distant_solvent_atoms.auth_atom_id 
_pdbx_distant_solvent_atoms.label_alt_id 
_pdbx_distant_solvent_atoms.auth_asym_id 
_pdbx_distant_solvent_atoms.auth_comp_id 
_pdbx_distant_solvent_atoms.auth_seq_id 
_pdbx_distant_solvent_atoms.PDB_ins_code 
_pdbx_distant_solvent_atoms.neighbor_macromolecule_distance 
_pdbx_distant_solvent_atoms.neighbor_ligand_distance 
1 1 O ? A HOH 825 ? 5.91 . 
2 1 O ? A HOH 826 ? 7.81 . 
# 
loop_
_pdbx_unobs_or_zero_occ_atoms.id 
_pdbx_unobs_or_zero_occ_atoms.PDB_model_num 
_pdbx_unobs_or_zero_occ_atoms.polymer_flag 
_pdbx_unobs_or_zero_occ_atoms.occupancy_flag 
_pdbx_unobs_or_zero_occ_atoms.auth_asym_id 
_pdbx_unobs_or_zero_occ_atoms.auth_comp_id 
_pdbx_unobs_or_zero_occ_atoms.auth_seq_id 
_pdbx_unobs_or_zero_occ_atoms.PDB_ins_code 
_pdbx_unobs_or_zero_occ_atoms.auth_atom_id 
_pdbx_unobs_or_zero_occ_atoms.label_alt_id 
_pdbx_unobs_or_zero_occ_atoms.label_asym_id 
_pdbx_unobs_or_zero_occ_atoms.label_comp_id 
_pdbx_unobs_or_zero_occ_atoms.label_seq_id 
_pdbx_unobs_or_zero_occ_atoms.label_atom_id 
1  1 Y 1 A ASP 443 ? CB  ? A ASP 4   CB  
2  1 Y 1 A ASP 443 ? CG  ? A ASP 4   CG  
3  1 Y 1 A ASP 443 ? OD1 ? A ASP 4   OD1 
4  1 Y 1 A ASP 443 ? OD2 ? A ASP 4   OD2 
5  1 Y 1 A ARG 447 ? CG  ? A ARG 8   CG  
6  1 Y 1 A ARG 447 ? CD  ? A ARG 8   CD  
7  1 Y 1 A ARG 447 ? NE  ? A ARG 8   NE  
8  1 Y 1 A ARG 447 ? CZ  ? A ARG 8   CZ  
9  1 Y 1 A ARG 447 ? NH1 ? A ARG 8   NH1 
10 1 Y 1 A ARG 447 ? NH2 ? A ARG 8   NH2 
11 1 Y 1 A LYS 464 ? CG  ? A LYS 25  CG  
12 1 Y 1 A LYS 464 ? CD  ? A LYS 25  CD  
13 1 Y 1 A LYS 464 ? CE  ? A LYS 25  CE  
14 1 Y 1 A LYS 464 ? NZ  ? A LYS 25  NZ  
15 1 Y 1 A LYS 552 ? CG  ? A LYS 113 CG  
16 1 Y 1 A LYS 552 ? CD  ? A LYS 113 CD  
17 1 Y 1 A LYS 552 ? CE  ? A LYS 113 CE  
18 1 Y 1 A LYS 552 ? NZ  ? A LYS 113 NZ  
19 1 Y 1 A LYS 567 ? CG  ? A LYS 128 CG  
20 1 Y 1 A LYS 567 ? CD  ? A LYS 128 CD  
21 1 Y 1 A LYS 567 ? CE  ? A LYS 128 CE  
22 1 Y 1 A LYS 567 ? NZ  ? A LYS 128 NZ  
23 1 Y 1 A ASN 569 ? CG  ? A ASN 130 CG  
24 1 Y 1 A ASN 569 ? OD1 ? A ASN 130 OD1 
25 1 Y 1 A ASN 569 ? ND2 ? A ASN 130 ND2 
26 1 Y 1 A LYS 570 ? CG  ? A LYS 131 CG  
27 1 Y 1 A LYS 570 ? CD  ? A LYS 131 CD  
28 1 Y 1 A LYS 570 ? CE  ? A LYS 131 CE  
29 1 Y 1 A LYS 570 ? NZ  ? A LYS 131 NZ  
30 1 Y 1 A GLU 571 ? CG  ? A GLU 132 CG  
31 1 Y 1 A GLU 571 ? CD  ? A GLU 132 CD  
32 1 Y 1 A GLU 571 ? OE1 ? A GLU 132 OE1 
33 1 Y 1 A GLU 571 ? OE2 ? A GLU 132 OE2 
34 1 Y 1 A LYS 573 ? CG  ? A LYS 134 CG  
35 1 Y 1 A LYS 573 ? CD  ? A LYS 134 CD  
36 1 Y 1 A LYS 573 ? CE  ? A LYS 134 CE  
37 1 Y 1 A LYS 573 ? NZ  ? A LYS 134 NZ  
38 1 Y 1 A GLU 616 ? CG  ? A GLU 177 CG  
39 1 Y 1 A GLU 616 ? CD  ? A GLU 177 CD  
40 1 Y 1 A GLU 616 ? OE1 ? A GLU 177 OE1 
41 1 Y 1 A GLU 616 ? OE2 ? A GLU 177 OE2 
42 1 Y 1 A ARG 623 ? CG  ? A ARG 184 CG  
43 1 Y 1 A ARG 623 ? CD  ? A ARG 184 CD  
44 1 Y 1 A ARG 623 ? NE  ? A ARG 184 NE  
45 1 Y 1 A ARG 623 ? CZ  ? A ARG 184 CZ  
46 1 Y 1 A ARG 623 ? NH1 ? A ARG 184 NH1 
47 1 Y 1 A ARG 623 ? NH2 ? A ARG 184 NH2 
48 1 Y 1 A ASP 634 ? CG  ? A ASP 195 CG  
49 1 Y 1 A ASP 634 ? OD1 ? A ASP 195 OD1 
50 1 Y 1 A ASP 634 ? OD2 ? A ASP 195 OD2 
51 1 Y 1 A ILE 636 ? CG1 ? A ILE 197 CG1 
52 1 Y 1 A ILE 636 ? CG2 ? A ILE 197 CG2 
53 1 Y 1 A ILE 636 ? CD1 ? A ILE 197 CD1 
54 1 Y 1 A LYS 638 ? CG  ? A LYS 199 CG  
55 1 Y 1 A LYS 638 ? CD  ? A LYS 199 CD  
56 1 Y 1 A LYS 638 ? CE  ? A LYS 199 CE  
57 1 Y 1 A LYS 638 ? NZ  ? A LYS 199 NZ  
# 
loop_
_pdbx_unobs_or_zero_occ_residues.id 
_pdbx_unobs_or_zero_occ_residues.PDB_model_num 
_pdbx_unobs_or_zero_occ_residues.polymer_flag 
_pdbx_unobs_or_zero_occ_residues.occupancy_flag 
_pdbx_unobs_or_zero_occ_residues.auth_asym_id 
_pdbx_unobs_or_zero_occ_residues.auth_comp_id 
_pdbx_unobs_or_zero_occ_residues.auth_seq_id 
_pdbx_unobs_or_zero_occ_residues.PDB_ins_code 
_pdbx_unobs_or_zero_occ_residues.label_asym_id 
_pdbx_unobs_or_zero_occ_residues.label_comp_id 
_pdbx_unobs_or_zero_occ_residues.label_seq_id 
1 1 Y 1 A SER 440 ? A SER 1 
2 1 Y 1 A ASN 441 ? A ASN 2 
3 1 Y 1 A ALA 442 ? A ALA 3 
# 
loop_
_chem_comp_atom.comp_id 
_chem_comp_atom.atom_id 
_chem_comp_atom.type_symbol 
_chem_comp_atom.pdbx_aromatic_flag 
_chem_comp_atom.pdbx_stereo_config 
_chem_comp_atom.pdbx_ordinal 
ALA N      N N N 1   
ALA CA     C N S 2   
ALA C      C N N 3   
ALA O      O N N 4   
ALA CB     C N N 5   
ALA OXT    O N N 6   
ALA H      H N N 7   
ALA H2     H N N 8   
ALA HA     H N N 9   
ALA HB1    H N N 10  
ALA HB2    H N N 11  
ALA HB3    H N N 12  
ALA HXT    H N N 13  
ARG N      N N N 14  
ARG CA     C N S 15  
ARG C      C N N 16  
ARG O      O N N 17  
ARG CB     C N N 18  
ARG CG     C N N 19  
ARG CD     C N N 20  
ARG NE     N N N 21  
ARG CZ     C N N 22  
ARG NH1    N N N 23  
ARG NH2    N N N 24  
ARG OXT    O N N 25  
ARG H      H N N 26  
ARG H2     H N N 27  
ARG HA     H N N 28  
ARG HB2    H N N 29  
ARG HB3    H N N 30  
ARG HG2    H N N 31  
ARG HG3    H N N 32  
ARG HD2    H N N 33  
ARG HD3    H N N 34  
ARG HE     H N N 35  
ARG HH11   H N N 36  
ARG HH12   H N N 37  
ARG HH21   H N N 38  
ARG HH22   H N N 39  
ARG HXT    H N N 40  
ASN N      N N N 41  
ASN CA     C N S 42  
ASN C      C N N 43  
ASN O      O N N 44  
ASN CB     C N N 45  
ASN CG     C N N 46  
ASN OD1    O N N 47  
ASN ND2    N N N 48  
ASN OXT    O N N 49  
ASN H      H N N 50  
ASN H2     H N N 51  
ASN HA     H N N 52  
ASN HB2    H N N 53  
ASN HB3    H N N 54  
ASN HD21   H N N 55  
ASN HD22   H N N 56  
ASN HXT    H N N 57  
ASP N      N N N 58  
ASP CA     C N S 59  
ASP C      C N N 60  
ASP O      O N N 61  
ASP CB     C N N 62  
ASP CG     C N N 63  
ASP OD1    O N N 64  
ASP OD2    O N N 65  
ASP OXT    O N N 66  
ASP H      H N N 67  
ASP H2     H N N 68  
ASP HA     H N N 69  
ASP HB2    H N N 70  
ASP HB3    H N N 71  
ASP HD2    H N N 72  
ASP HXT    H N N 73  
CC7 O2     O N N 74  
CC7 C2     C N N 75  
CC7 N3     N N N 76  
CC7 C4     C N N 77  
CC7 N4     N N N 78  
CC7 C5     C N N 79  
CC7 C6     C N N 80  
CC7 N1     N N N 81  
CC7 "C1'"  C N R 82  
CC7 "O4'"  O N N 83  
CC7 "C4'"  C N R 84  
CC7 "C5'"  C N N 85  
CC7 "O5'"  O N N 86  
CC7 P      P N S 87  
CC7 O2P    O N N 88  
CC7 O1P    O N N 89  
CC7 "O3'"  O N N 90  
CC7 "C3'"  C N S 91  
CC7 "C2'"  C N R 92  
CC7 "O2'"  O N N 93  
CC7 HN4    H N N 94  
CC7 HN4A   H N N 95  
CC7 H5     H N N 96  
CC7 H6     H N N 97  
CC7 "H1'"  H N N 98  
CC7 "H4'"  H N N 99  
CC7 "H5'"  H N N 100 
CC7 "H5'A" H N N 101 
CC7 HO2P   H N N 102 
CC7 "H3'"  H N N 103 
CC7 "H2'"  H N N 104 
CC7 "HO2'" H N N 105 
CSX N      N N N 106 
CSX CA     C N R 107 
CSX CB     C N N 108 
CSX SG     S N S 109 
CSX C      C N N 110 
CSX O      O N N 111 
CSX OXT    O N N 112 
CSX OD     O N N 113 
CSX H      H N N 114 
CSX H2     H N N 115 
CSX HA     H N N 116 
CSX HB2    H N N 117 
CSX HB3    H N N 118 
CSX HG     H N N 119 
CSX HXT    H N N 120 
CYS N      N N N 121 
CYS CA     C N R 122 
CYS C      C N N 123 
CYS O      O N N 124 
CYS CB     C N N 125 
CYS SG     S N N 126 
CYS OXT    O N N 127 
CYS H      H N N 128 
CYS H2     H N N 129 
CYS HA     H N N 130 
CYS HB2    H N N 131 
CYS HB3    H N N 132 
CYS HG     H N N 133 
CYS HXT    H N N 134 
GLN N      N N N 135 
GLN CA     C N S 136 
GLN C      C N N 137 
GLN O      O N N 138 
GLN CB     C N N 139 
GLN CG     C N N 140 
GLN CD     C N N 141 
GLN OE1    O N N 142 
GLN NE2    N N N 143 
GLN OXT    O N N 144 
GLN H      H N N 145 
GLN H2     H N N 146 
GLN HA     H N N 147 
GLN HB2    H N N 148 
GLN HB3    H N N 149 
GLN HG2    H N N 150 
GLN HG3    H N N 151 
GLN HE21   H N N 152 
GLN HE22   H N N 153 
GLN HXT    H N N 154 
GLU N      N N N 155 
GLU CA     C N S 156 
GLU C      C N N 157 
GLU O      O N N 158 
GLU CB     C N N 159 
GLU CG     C N N 160 
GLU CD     C N N 161 
GLU OE1    O N N 162 
GLU OE2    O N N 163 
GLU OXT    O N N 164 
GLU H      H N N 165 
GLU H2     H N N 166 
GLU HA     H N N 167 
GLU HB2    H N N 168 
GLU HB3    H N N 169 
GLU HG2    H N N 170 
GLU HG3    H N N 171 
GLU HE2    H N N 172 
GLU HXT    H N N 173 
GLY N      N N N 174 
GLY CA     C N N 175 
GLY C      C N N 176 
GLY O      O N N 177 
GLY OXT    O N N 178 
GLY H      H N N 179 
GLY H2     H N N 180 
GLY HA2    H N N 181 
GLY HA3    H N N 182 
GLY HXT    H N N 183 
HIS N      N N N 184 
HIS CA     C N S 185 
HIS C      C N N 186 
HIS O      O N N 187 
HIS CB     C N N 188 
HIS CG     C Y N 189 
HIS ND1    N Y N 190 
HIS CD2    C Y N 191 
HIS CE1    C Y N 192 
HIS NE2    N Y N 193 
HIS OXT    O N N 194 
HIS H      H N N 195 
HIS H2     H N N 196 
HIS HA     H N N 197 
HIS HB2    H N N 198 
HIS HB3    H N N 199 
HIS HD1    H N N 200 
HIS HD2    H N N 201 
HIS HE1    H N N 202 
HIS HE2    H N N 203 
HIS HXT    H N N 204 
HOH O      O N N 205 
HOH H1     H N N 206 
HOH H2     H N N 207 
ILE N      N N N 208 
ILE CA     C N S 209 
ILE C      C N N 210 
ILE O      O N N 211 
ILE CB     C N S 212 
ILE CG1    C N N 213 
ILE CG2    C N N 214 
ILE CD1    C N N 215 
ILE OXT    O N N 216 
ILE H      H N N 217 
ILE H2     H N N 218 
ILE HA     H N N 219 
ILE HB     H N N 220 
ILE HG12   H N N 221 
ILE HG13   H N N 222 
ILE HG21   H N N 223 
ILE HG22   H N N 224 
ILE HG23   H N N 225 
ILE HD11   H N N 226 
ILE HD12   H N N 227 
ILE HD13   H N N 228 
ILE HXT    H N N 229 
LEU N      N N N 230 
LEU CA     C N S 231 
LEU C      C N N 232 
LEU O      O N N 233 
LEU CB     C N N 234 
LEU CG     C N N 235 
LEU CD1    C N N 236 
LEU CD2    C N N 237 
LEU OXT    O N N 238 
LEU H      H N N 239 
LEU H2     H N N 240 
LEU HA     H N N 241 
LEU HB2    H N N 242 
LEU HB3    H N N 243 
LEU HG     H N N 244 
LEU HD11   H N N 245 
LEU HD12   H N N 246 
LEU HD13   H N N 247 
LEU HD21   H N N 248 
LEU HD22   H N N 249 
LEU HD23   H N N 250 
LEU HXT    H N N 251 
LYS N      N N N 252 
LYS CA     C N S 253 
LYS C      C N N 254 
LYS O      O N N 255 
LYS CB     C N N 256 
LYS CG     C N N 257 
LYS CD     C N N 258 
LYS CE     C N N 259 
LYS NZ     N N N 260 
LYS OXT    O N N 261 
LYS H      H N N 262 
LYS H2     H N N 263 
LYS HA     H N N 264 
LYS HB2    H N N 265 
LYS HB3    H N N 266 
LYS HG2    H N N 267 
LYS HG3    H N N 268 
LYS HD2    H N N 269 
LYS HD3    H N N 270 
LYS HE2    H N N 271 
LYS HE3    H N N 272 
LYS HZ1    H N N 273 
LYS HZ2    H N N 274 
LYS HZ3    H N N 275 
LYS HXT    H N N 276 
MET N      N N N 277 
MET CA     C N S 278 
MET C      C N N 279 
MET O      O N N 280 
MET CB     C N N 281 
MET CG     C N N 282 
MET SD     S N N 283 
MET CE     C N N 284 
MET OXT    O N N 285 
MET H      H N N 286 
MET H2     H N N 287 
MET HA     H N N 288 
MET HB2    H N N 289 
MET HB3    H N N 290 
MET HG2    H N N 291 
MET HG3    H N N 292 
MET HE1    H N N 293 
MET HE2    H N N 294 
MET HE3    H N N 295 
MET HXT    H N N 296 
PHE N      N N N 297 
PHE CA     C N S 298 
PHE C      C N N 299 
PHE O      O N N 300 
PHE CB     C N N 301 
PHE CG     C Y N 302 
PHE CD1    C Y N 303 
PHE CD2    C Y N 304 
PHE CE1    C Y N 305 
PHE CE2    C Y N 306 
PHE CZ     C Y N 307 
PHE OXT    O N N 308 
PHE H      H N N 309 
PHE H2     H N N 310 
PHE HA     H N N 311 
PHE HB2    H N N 312 
PHE HB3    H N N 313 
PHE HD1    H N N 314 
PHE HD2    H N N 315 
PHE HE1    H N N 316 
PHE HE2    H N N 317 
PHE HZ     H N N 318 
PHE HXT    H N N 319 
PRO N      N N N 320 
PRO CA     C N S 321 
PRO C      C N N 322 
PRO O      O N N 323 
PRO CB     C N N 324 
PRO CG     C N N 325 
PRO CD     C N N 326 
PRO OXT    O N N 327 
PRO H      H N N 328 
PRO HA     H N N 329 
PRO HB2    H N N 330 
PRO HB3    H N N 331 
PRO HG2    H N N 332 
PRO HG3    H N N 333 
PRO HD2    H N N 334 
PRO HD3    H N N 335 
PRO HXT    H N N 336 
SER N      N N N 337 
SER CA     C N S 338 
SER C      C N N 339 
SER O      O N N 340 
SER CB     C N N 341 
SER OG     O N N 342 
SER OXT    O N N 343 
SER H      H N N 344 
SER H2     H N N 345 
SER HA     H N N 346 
SER HB2    H N N 347 
SER HB3    H N N 348 
SER HG     H N N 349 
SER HXT    H N N 350 
THR N      N N N 351 
THR CA     C N S 352 
THR C      C N N 353 
THR O      O N N 354 
THR CB     C N R 355 
THR OG1    O N N 356 
THR CG2    C N N 357 
THR OXT    O N N 358 
THR H      H N N 359 
THR H2     H N N 360 
THR HA     H N N 361 
THR HB     H N N 362 
THR HG1    H N N 363 
THR HG21   H N N 364 
THR HG22   H N N 365 
THR HG23   H N N 366 
THR HXT    H N N 367 
TYR N      N N N 368 
TYR CA     C N S 369 
TYR C      C N N 370 
TYR O      O N N 371 
TYR CB     C N N 372 
TYR CG     C Y N 373 
TYR CD1    C Y N 374 
TYR CD2    C Y N 375 
TYR CE1    C Y N 376 
TYR CE2    C Y N 377 
TYR CZ     C Y N 378 
TYR OH     O N N 379 
TYR OXT    O N N 380 
TYR H      H N N 381 
TYR H2     H N N 382 
TYR HA     H N N 383 
TYR HB2    H N N 384 
TYR HB3    H N N 385 
TYR HD1    H N N 386 
TYR HD2    H N N 387 
TYR HE1    H N N 388 
TYR HE2    H N N 389 
TYR HH     H N N 390 
TYR HXT    H N N 391 
VAL N      N N N 392 
VAL CA     C N S 393 
VAL C      C N N 394 
VAL O      O N N 395 
VAL CB     C N N 396 
VAL CG1    C N N 397 
VAL CG2    C N N 398 
VAL OXT    O N N 399 
VAL H      H N N 400 
VAL H2     H N N 401 
VAL HA     H N N 402 
VAL HB     H N N 403 
VAL HG11   H N N 404 
VAL HG12   H N N 405 
VAL HG13   H N N 406 
VAL HG21   H N N 407 
VAL HG22   H N N 408 
VAL HG23   H N N 409 
VAL HXT    H N N 410 
# 
loop_
_chem_comp_bond.comp_id 
_chem_comp_bond.atom_id_1 
_chem_comp_bond.atom_id_2 
_chem_comp_bond.value_order 
_chem_comp_bond.pdbx_aromatic_flag 
_chem_comp_bond.pdbx_stereo_config 
_chem_comp_bond.pdbx_ordinal 
ALA N     CA     sing N N 1   
ALA N     H      sing N N 2   
ALA N     H2     sing N N 3   
ALA CA    C      sing N N 4   
ALA CA    CB     sing N N 5   
ALA CA    HA     sing N N 6   
ALA C     O      doub N N 7   
ALA C     OXT    sing N N 8   
ALA CB    HB1    sing N N 9   
ALA CB    HB2    sing N N 10  
ALA CB    HB3    sing N N 11  
ALA OXT   HXT    sing N N 12  
ARG N     CA     sing N N 13  
ARG N     H      sing N N 14  
ARG N     H2     sing N N 15  
ARG CA    C      sing N N 16  
ARG CA    CB     sing N N 17  
ARG CA    HA     sing N N 18  
ARG C     O      doub N N 19  
ARG C     OXT    sing N N 20  
ARG CB    CG     sing N N 21  
ARG CB    HB2    sing N N 22  
ARG CB    HB3    sing N N 23  
ARG CG    CD     sing N N 24  
ARG CG    HG2    sing N N 25  
ARG CG    HG3    sing N N 26  
ARG CD    NE     sing N N 27  
ARG CD    HD2    sing N N 28  
ARG CD    HD3    sing N N 29  
ARG NE    CZ     sing N N 30  
ARG NE    HE     sing N N 31  
ARG CZ    NH1    sing N N 32  
ARG CZ    NH2    doub N N 33  
ARG NH1   HH11   sing N N 34  
ARG NH1   HH12   sing N N 35  
ARG NH2   HH21   sing N N 36  
ARG NH2   HH22   sing N N 37  
ARG OXT   HXT    sing N N 38  
ASN N     CA     sing N N 39  
ASN N     H      sing N N 40  
ASN N     H2     sing N N 41  
ASN CA    C      sing N N 42  
ASN CA    CB     sing N N 43  
ASN CA    HA     sing N N 44  
ASN C     O      doub N N 45  
ASN C     OXT    sing N N 46  
ASN CB    CG     sing N N 47  
ASN CB    HB2    sing N N 48  
ASN CB    HB3    sing N N 49  
ASN CG    OD1    doub N N 50  
ASN CG    ND2    sing N N 51  
ASN ND2   HD21   sing N N 52  
ASN ND2   HD22   sing N N 53  
ASN OXT   HXT    sing N N 54  
ASP N     CA     sing N N 55  
ASP N     H      sing N N 56  
ASP N     H2     sing N N 57  
ASP CA    C      sing N N 58  
ASP CA    CB     sing N N 59  
ASP CA    HA     sing N N 60  
ASP C     O      doub N N 61  
ASP C     OXT    sing N N 62  
ASP CB    CG     sing N N 63  
ASP CB    HB2    sing N N 64  
ASP CB    HB3    sing N N 65  
ASP CG    OD1    doub N N 66  
ASP CG    OD2    sing N N 67  
ASP OD2   HD2    sing N N 68  
ASP OXT   HXT    sing N N 69  
CC7 O2    C2     doub N N 70  
CC7 C2    N3     sing N N 71  
CC7 C2    N1     sing N N 72  
CC7 N3    C4     doub N N 73  
CC7 C4    N4     sing N N 74  
CC7 C4    C5     sing N N 75  
CC7 C5    C6     doub N N 76  
CC7 C6    N1     sing N N 77  
CC7 N1    "C1'"  sing N N 78  
CC7 "C1'" "O4'"  sing N N 79  
CC7 "C1'" "C2'"  sing N N 80  
CC7 "O4'" "C4'"  sing N N 81  
CC7 "C4'" "C5'"  sing N N 82  
CC7 "C4'" "C3'"  sing N N 83  
CC7 "C5'" "O5'"  sing N N 84  
CC7 "O5'" P      sing N N 85  
CC7 P     O2P    sing N N 86  
CC7 P     O1P    doub N N 87  
CC7 P     "O3'"  sing N N 88  
CC7 "O3'" "C3'"  sing N N 89  
CC7 "C3'" "C2'"  sing N N 90  
CC7 "C2'" "O2'"  sing N N 91  
CC7 N4    HN4    sing N N 92  
CC7 N4    HN4A   sing N N 93  
CC7 C5    H5     sing N N 94  
CC7 C6    H6     sing N N 95  
CC7 "C1'" "H1'"  sing N N 96  
CC7 "C4'" "H4'"  sing N N 97  
CC7 "C5'" "H5'"  sing N N 98  
CC7 "C5'" "H5'A" sing N N 99  
CC7 O2P   HO2P   sing N N 100 
CC7 "C3'" "H3'"  sing N N 101 
CC7 "C2'" "H2'"  sing N N 102 
CC7 "O2'" "HO2'" sing N N 103 
CSX N     CA     sing N N 104 
CSX N     H      sing N N 105 
CSX N     H2     sing N N 106 
CSX CA    CB     sing N N 107 
CSX CA    C      sing N N 108 
CSX CA    HA     sing N N 109 
CSX CB    SG     sing N N 110 
CSX CB    HB2    sing N N 111 
CSX CB    HB3    sing N N 112 
CSX SG    OD     doub N N 113 
CSX SG    HG     sing N N 114 
CSX C     O      doub N N 115 
CSX C     OXT    sing N N 116 
CSX OXT   HXT    sing N N 117 
CYS N     CA     sing N N 118 
CYS N     H      sing N N 119 
CYS N     H2     sing N N 120 
CYS CA    C      sing N N 121 
CYS CA    CB     sing N N 122 
CYS CA    HA     sing N N 123 
CYS C     O      doub N N 124 
CYS C     OXT    sing N N 125 
CYS CB    SG     sing N N 126 
CYS CB    HB2    sing N N 127 
CYS CB    HB3    sing N N 128 
CYS SG    HG     sing N N 129 
CYS OXT   HXT    sing N N 130 
GLN N     CA     sing N N 131 
GLN N     H      sing N N 132 
GLN N     H2     sing N N 133 
GLN CA    C      sing N N 134 
GLN CA    CB     sing N N 135 
GLN CA    HA     sing N N 136 
GLN C     O      doub N N 137 
GLN C     OXT    sing N N 138 
GLN CB    CG     sing N N 139 
GLN CB    HB2    sing N N 140 
GLN CB    HB3    sing N N 141 
GLN CG    CD     sing N N 142 
GLN CG    HG2    sing N N 143 
GLN CG    HG3    sing N N 144 
GLN CD    OE1    doub N N 145 
GLN CD    NE2    sing N N 146 
GLN NE2   HE21   sing N N 147 
GLN NE2   HE22   sing N N 148 
GLN OXT   HXT    sing N N 149 
GLU N     CA     sing N N 150 
GLU N     H      sing N N 151 
GLU N     H2     sing N N 152 
GLU CA    C      sing N N 153 
GLU CA    CB     sing N N 154 
GLU CA    HA     sing N N 155 
GLU C     O      doub N N 156 
GLU C     OXT    sing N N 157 
GLU CB    CG     sing N N 158 
GLU CB    HB2    sing N N 159 
GLU CB    HB3    sing N N 160 
GLU CG    CD     sing N N 161 
GLU CG    HG2    sing N N 162 
GLU CG    HG3    sing N N 163 
GLU CD    OE1    doub N N 164 
GLU CD    OE2    sing N N 165 
GLU OE2   HE2    sing N N 166 
GLU OXT   HXT    sing N N 167 
GLY N     CA     sing N N 168 
GLY N     H      sing N N 169 
GLY N     H2     sing N N 170 
GLY CA    C      sing N N 171 
GLY CA    HA2    sing N N 172 
GLY CA    HA3    sing N N 173 
GLY C     O      doub N N 174 
GLY C     OXT    sing N N 175 
GLY OXT   HXT    sing N N 176 
HIS N     CA     sing N N 177 
HIS N     H      sing N N 178 
HIS N     H2     sing N N 179 
HIS CA    C      sing N N 180 
HIS CA    CB     sing N N 181 
HIS CA    HA     sing N N 182 
HIS C     O      doub N N 183 
HIS C     OXT    sing N N 184 
HIS CB    CG     sing N N 185 
HIS CB    HB2    sing N N 186 
HIS CB    HB3    sing N N 187 
HIS CG    ND1    sing Y N 188 
HIS CG    CD2    doub Y N 189 
HIS ND1   CE1    doub Y N 190 
HIS ND1   HD1    sing N N 191 
HIS CD2   NE2    sing Y N 192 
HIS CD2   HD2    sing N N 193 
HIS CE1   NE2    sing Y N 194 
HIS CE1   HE1    sing N N 195 
HIS NE2   HE2    sing N N 196 
HIS OXT   HXT    sing N N 197 
HOH O     H1     sing N N 198 
HOH O     H2     sing N N 199 
ILE N     CA     sing N N 200 
ILE N     H      sing N N 201 
ILE N     H2     sing N N 202 
ILE CA    C      sing N N 203 
ILE CA    CB     sing N N 204 
ILE CA    HA     sing N N 205 
ILE C     O      doub N N 206 
ILE C     OXT    sing N N 207 
ILE CB    CG1    sing N N 208 
ILE CB    CG2    sing N N 209 
ILE CB    HB     sing N N 210 
ILE CG1   CD1    sing N N 211 
ILE CG1   HG12   sing N N 212 
ILE CG1   HG13   sing N N 213 
ILE CG2   HG21   sing N N 214 
ILE CG2   HG22   sing N N 215 
ILE CG2   HG23   sing N N 216 
ILE CD1   HD11   sing N N 217 
ILE CD1   HD12   sing N N 218 
ILE CD1   HD13   sing N N 219 
ILE OXT   HXT    sing N N 220 
LEU N     CA     sing N N 221 
LEU N     H      sing N N 222 
LEU N     H2     sing N N 223 
LEU CA    C      sing N N 224 
LEU CA    CB     sing N N 225 
LEU CA    HA     sing N N 226 
LEU C     O      doub N N 227 
LEU C     OXT    sing N N 228 
LEU CB    CG     sing N N 229 
LEU CB    HB2    sing N N 230 
LEU CB    HB3    sing N N 231 
LEU CG    CD1    sing N N 232 
LEU CG    CD2    sing N N 233 
LEU CG    HG     sing N N 234 
LEU CD1   HD11   sing N N 235 
LEU CD1   HD12   sing N N 236 
LEU CD1   HD13   sing N N 237 
LEU CD2   HD21   sing N N 238 
LEU CD2   HD22   sing N N 239 
LEU CD2   HD23   sing N N 240 
LEU OXT   HXT    sing N N 241 
LYS N     CA     sing N N 242 
LYS N     H      sing N N 243 
LYS N     H2     sing N N 244 
LYS CA    C      sing N N 245 
LYS CA    CB     sing N N 246 
LYS CA    HA     sing N N 247 
LYS C     O      doub N N 248 
LYS C     OXT    sing N N 249 
LYS CB    CG     sing N N 250 
LYS CB    HB2    sing N N 251 
LYS CB    HB3    sing N N 252 
LYS CG    CD     sing N N 253 
LYS CG    HG2    sing N N 254 
LYS CG    HG3    sing N N 255 
LYS CD    CE     sing N N 256 
LYS CD    HD2    sing N N 257 
LYS CD    HD3    sing N N 258 
LYS CE    NZ     sing N N 259 
LYS CE    HE2    sing N N 260 
LYS CE    HE3    sing N N 261 
LYS NZ    HZ1    sing N N 262 
LYS NZ    HZ2    sing N N 263 
LYS NZ    HZ3    sing N N 264 
LYS OXT   HXT    sing N N 265 
MET N     CA     sing N N 266 
MET N     H      sing N N 267 
MET N     H2     sing N N 268 
MET CA    C      sing N N 269 
MET CA    CB     sing N N 270 
MET CA    HA     sing N N 271 
MET C     O      doub N N 272 
MET C     OXT    sing N N 273 
MET CB    CG     sing N N 274 
MET CB    HB2    sing N N 275 
MET CB    HB3    sing N N 276 
MET CG    SD     sing N N 277 
MET CG    HG2    sing N N 278 
MET CG    HG3    sing N N 279 
MET SD    CE     sing N N 280 
MET CE    HE1    sing N N 281 
MET CE    HE2    sing N N 282 
MET CE    HE3    sing N N 283 
MET OXT   HXT    sing N N 284 
PHE N     CA     sing N N 285 
PHE N     H      sing N N 286 
PHE N     H2     sing N N 287 
PHE CA    C      sing N N 288 
PHE CA    CB     sing N N 289 
PHE CA    HA     sing N N 290 
PHE C     O      doub N N 291 
PHE C     OXT    sing N N 292 
PHE CB    CG     sing N N 293 
PHE CB    HB2    sing N N 294 
PHE CB    HB3    sing N N 295 
PHE CG    CD1    doub Y N 296 
PHE CG    CD2    sing Y N 297 
PHE CD1   CE1    sing Y N 298 
PHE CD1   HD1    sing N N 299 
PHE CD2   CE2    doub Y N 300 
PHE CD2   HD2    sing N N 301 
PHE CE1   CZ     doub Y N 302 
PHE CE1   HE1    sing N N 303 
PHE CE2   CZ     sing Y N 304 
PHE CE2   HE2    sing N N 305 
PHE CZ    HZ     sing N N 306 
PHE OXT   HXT    sing N N 307 
PRO N     CA     sing N N 308 
PRO N     CD     sing N N 309 
PRO N     H      sing N N 310 
PRO CA    C      sing N N 311 
PRO CA    CB     sing N N 312 
PRO CA    HA     sing N N 313 
PRO C     O      doub N N 314 
PRO C     OXT    sing N N 315 
PRO CB    CG     sing N N 316 
PRO CB    HB2    sing N N 317 
PRO CB    HB3    sing N N 318 
PRO CG    CD     sing N N 319 
PRO CG    HG2    sing N N 320 
PRO CG    HG3    sing N N 321 
PRO CD    HD2    sing N N 322 
PRO CD    HD3    sing N N 323 
PRO OXT   HXT    sing N N 324 
SER N     CA     sing N N 325 
SER N     H      sing N N 326 
SER N     H2     sing N N 327 
SER CA    C      sing N N 328 
SER CA    CB     sing N N 329 
SER CA    HA     sing N N 330 
SER C     O      doub N N 331 
SER C     OXT    sing N N 332 
SER CB    OG     sing N N 333 
SER CB    HB2    sing N N 334 
SER CB    HB3    sing N N 335 
SER OG    HG     sing N N 336 
SER OXT   HXT    sing N N 337 
THR N     CA     sing N N 338 
THR N     H      sing N N 339 
THR N     H2     sing N N 340 
THR CA    C      sing N N 341 
THR CA    CB     sing N N 342 
THR CA    HA     sing N N 343 
THR C     O      doub N N 344 
THR C     OXT    sing N N 345 
THR CB    OG1    sing N N 346 
THR CB    CG2    sing N N 347 
THR CB    HB     sing N N 348 
THR OG1   HG1    sing N N 349 
THR CG2   HG21   sing N N 350 
THR CG2   HG22   sing N N 351 
THR CG2   HG23   sing N N 352 
THR OXT   HXT    sing N N 353 
TYR N     CA     sing N N 354 
TYR N     H      sing N N 355 
TYR N     H2     sing N N 356 
TYR CA    C      sing N N 357 
TYR CA    CB     sing N N 358 
TYR CA    HA     sing N N 359 
TYR C     O      doub N N 360 
TYR C     OXT    sing N N 361 
TYR CB    CG     sing N N 362 
TYR CB    HB2    sing N N 363 
TYR CB    HB3    sing N N 364 
TYR CG    CD1    doub Y N 365 
TYR CG    CD2    sing Y N 366 
TYR CD1   CE1    sing Y N 367 
TYR CD1   HD1    sing N N 368 
TYR CD2   CE2    doub Y N 369 
TYR CD2   HD2    sing N N 370 
TYR CE1   CZ     doub Y N 371 
TYR CE1   HE1    sing N N 372 
TYR CE2   CZ     sing Y N 373 
TYR CE2   HE2    sing N N 374 
TYR CZ    OH     sing N N 375 
TYR OH    HH     sing N N 376 
TYR OXT   HXT    sing N N 377 
VAL N     CA     sing N N 378 
VAL N     H      sing N N 379 
VAL N     H2     sing N N 380 
VAL CA    C      sing N N 381 
VAL CA    CB     sing N N 382 
VAL CA    HA     sing N N 383 
VAL C     O      doub N N 384 
VAL C     OXT    sing N N 385 
VAL CB    CG1    sing N N 386 
VAL CB    CG2    sing N N 387 
VAL CB    HB     sing N N 388 
VAL CG1   HG11   sing N N 389 
VAL CG1   HG12   sing N N 390 
VAL CG1   HG13   sing N N 391 
VAL CG2   HG21   sing N N 392 
VAL CG2   HG22   sing N N 393 
VAL CG2   HG23   sing N N 394 
VAL OXT   HXT    sing N N 395 
# 
loop_
_pdbx_entity_nonpoly.entity_id 
_pdbx_entity_nonpoly.name 
_pdbx_entity_nonpoly.comp_id 
2 '4-amino-1-[(2S,4aR,6R,7R,7aS)-2,7-dihydroxy-2-oxidotetrahydro-4H-furo[3,2-d][1,3,2]dioxaphosphinin-6-yl]pyrimidin-2(1H)-one' 
CC7 
3 water                                                                                                                         
HOH 
# 
_pdbx_initial_refinement_model.id               1 
_pdbx_initial_refinement_model.entity_id_list   ? 
_pdbx_initial_refinement_model.type             'experimental model' 
_pdbx_initial_refinement_model.source_name      PDB 
_pdbx_initial_refinement_model.accession_code   1Q5O 
_pdbx_initial_refinement_model.details          'pdbid 1Q5O' 
# 
